data_5UTY
#
_entry.id   5UTY
#
_cell.length_a   131.447
_cell.length_b   131.447
_cell.length_c   312.348
_cell.angle_alpha   90.00
_cell.angle_beta   90.00
_cell.angle_gamma   120.00
#
_symmetry.space_group_name_H-M   'P 63'
#
loop_
_entity.id
_entity.type
_entity.pdbx_description
1 polymer 'HIV-1 BG505 strain Env gp41'
2 polymer '35O22 Fab heavy chain'
3 polymer '35O22 Fab light chain'
4 polymer 'HIV-1 BG505 strain Env gp120'
5 polymer 'PGT122 Fab heavy chain'
6 polymer 'PGT122 Fab light chain'
7 branched alpha-D-mannopyranose-(1-3)-alpha-D-mannopyranose-(1-6)-[alpha-D-mannopyranose-(1-3)]beta-D-mannopyranose-(1-4)-2-acetamido-2-deoxy-beta-D-glucopyranose-(1-4)-2-acetamido-2-deoxy-beta-D-glucopyranose
8 branched alpha-D-mannopyranose-(1-3)-beta-D-mannopyranose-(1-4)-2-acetamido-2-deoxy-beta-D-glucopyranose-(1-4)-2-acetamido-2-deoxy-beta-D-glucopyranose
9 branched alpha-D-mannopyranose-(1-3)-[alpha-D-mannopyranose-(1-6)]beta-D-mannopyranose-(1-4)-2-acetamido-2-deoxy-beta-D-glucopyranose-(1-4)-2-acetamido-2-deoxy-beta-D-glucopyranose
10 branched 2-acetamido-2-deoxy-beta-D-glucopyranose-(1-4)-2-acetamido-2-deoxy-beta-D-glucopyranose
11 branched alpha-D-mannopyranose-(1-2)-alpha-D-mannopyranose-(1-3)-[alpha-D-mannopyranose-(1-6)]beta-D-mannopyranose-(1-4)-2-acetamido-2-deoxy-beta-D-glucopyranose-(1-4)-2-acetamido-2-deoxy-beta-D-glucopyranose
12 branched alpha-D-mannopyranose-(1-2)-alpha-D-mannopyranose-(1-2)-alpha-D-mannopyranose-(1-3)-[alpha-D-mannopyranose-(1-2)-alpha-D-mannopyranose-(1-3)-[alpha-D-mannopyranose-(1-6)]alpha-D-mannopyranose-(1-6)]beta-D-mannopyranose-(1-4)-2-acetamido-2-deoxy-beta-D-glucopyranose-(1-4)-2-acetamido-2-deoxy-beta-D-glucopyranose
13 non-polymer 2-acetamido-2-deoxy-beta-D-glucopyranose
#
loop_
_entity_poly.entity_id
_entity_poly.type
_entity_poly.pdbx_seq_one_letter_code
_entity_poly.pdbx_strand_id
1 'polypeptide(L)'
;AVGIGAVFLGFLGAAGSTMGAASMTLTVQARNLLSGIVQQQSNLLRAPEAQQHLLKLTVWGIKQLQARVLAVERYLRDQQ
LLGIWGCSGKLICCTNVPWNSSWSNRNLSEIWDNMTWLQWDKEISNYTQIIYGLLEESQNQQEKNEQDLLALD
;
B
2 'polypeptide(L)'
;QGQLVQSGAELKKPGASVKISCKTSGYRFNFYHINWIRQTAGRGPEWMGWISPYSGDKNLAPAFQDRVIMTTDTEVPVTS
FTSTGAAYMEIRNLKFDDTGTYFCAKGLLRDGSSTWLPYLWGQGTLLTVSSASTKGPSVFPLAPSSKSTSGGTAALGCLV
KDYFPEPVTVSWNSGALTSGVHTFPAVLQSSGLYSLSSVVTVPSSSLGTQTYICNVNHKPSNTKVDKRVEPKSCDKGLEV
LFQ
;
D
3 'polypeptide(L)'
;QSVLTQSASVSGSLGQSVTISCTGPNSVCCSHKSISWYQWPPGRAPTLIIYEDNERAPGISPRFSGYKSYWSAYLTISDL
RPEDETTYYCCSYTHNSGCVFGTGTKVSVLGQSKANPSVTLFPPSSEELQANKATLVCLISDFYPGAVTVAWKADSSPVK
AGVETTTPSKQSNNKYAASSYLSLTPEQWKSHRSYSCQVTHEGSTVEKTVAPTECS
;
E
4 'polypeptide(L)'
;MPMGSLQPLATLYLLGMLVASVLAAENLWVTVYYGVPVWKDAETTLFCASDAKAYETEKHNVWATHACVPTDPNPQEIHL
ENVTEEFNMWKNNMVEQMHTDIISLWDQSLKPCVKLTPLCVTLQCTNVTNNITDDMRGEMKNCSFNMTTELRDKKQKVYS
LFYRLDVVQINENQGNRSNNSNKEYRLINCNTSACTQACPKVSFEPIPIHYCAPAGFAILKCKDKKFNGTGPCPSVSTVQ
CTHGIKPVVSTQLLLNGSLAEEEVMIRSENITNNAKNILVQFNTPVQINCTRPMNMTRKSIRIGPGQAFYALGDIIGDIR
QAHCNVSKATWNETLGKVVKQLRKHFGNNTIIRFANSSGGDLEVTTHSFNCGGEFFYCNTSGLFNSTWISNTSVQGSNST
GSNDSITLPCRIKQIINMWQRIGQCMYAPPIQGVIRCVSNITGLILTRDGGSTNSTTETFRPGGGDMRDNWRSELYKYKV
VKIEPLGVAPTRCKRRVVGRRRRRR
;
G
5 'polypeptide(L)'
;QVHLQESGPGLVKPSETLSLTCNVSGTLVRDNYWSWIRQPLGKQPEWIGYVHDSGDTNYNPSLKSRVHLSLDKSKNLVSL
RLTGVTAADSAIYYCATTKHGRRIYGVVAFKEWFTYFYMDVWGKGTSVTVSSASTKGPSVFPLAPSSKSTSGGTAALGCL
VKDYFPEPVTVSWNSGALTSGVHTFPAVLQSSGLYSLSSVVTVPSSSLGTQTYICNVNHKPSNTKVDKRVEPKSC
;
H
6 'polypeptide(L)'
;TFVSVAPGQTARITCGEESLGSRSVIWYQQRPGQAPSLIIYNNNDRPSGIPDRFSGSPGSTFGTTATLTITSVEAGDEAD
YYCHIWDSRRPTNWVFGEGTTLIVLSQPKAAPSVTLFPPSSEELQANKATLVCLISDFYPGAVTVAWKADSSPVKAGVET
TTPSKQSNNKYAASSYLSLTPEQWKSHKSYSCQVTHEGSTVEKTVAPT
;
L
#
# COMPACT_ATOMS: atom_id res chain seq x y z
N ALA A 6 -46.80 -4.96 11.99
CA ALA A 6 -45.96 -4.48 13.08
C ALA A 6 -44.75 -3.70 12.54
N VAL A 7 -44.36 -2.66 13.27
CA VAL A 7 -43.26 -1.78 12.88
C VAL A 7 -42.11 -1.99 13.86
N PHE A 8 -41.00 -2.54 13.35
CA PHE A 8 -39.81 -2.79 14.16
C PHE A 8 -38.59 -2.33 13.36
N LEU A 9 -38.25 -1.05 13.51
CA LEU A 9 -37.08 -0.52 12.82
C LEU A 9 -35.80 -1.05 13.44
N GLY A 10 -35.78 -1.22 14.76
CA GLY A 10 -34.64 -1.79 15.44
C GLY A 10 -34.19 -0.95 16.62
N PHE A 11 -33.26 -1.52 17.38
CA PHE A 11 -32.66 -0.84 18.52
C PHE A 11 -31.99 0.45 18.06
N LEU A 12 -32.42 1.57 18.63
CA LEU A 12 -31.98 2.93 18.32
C LEU A 12 -32.41 3.38 16.92
N GLY A 13 -33.13 2.55 16.18
CA GLY A 13 -33.54 2.87 14.81
C GLY A 13 -34.30 4.17 14.68
N ALA A 14 -34.95 4.63 15.75
CA ALA A 14 -35.72 5.87 15.76
C ALA A 14 -34.99 7.03 16.43
N ALA A 15 -33.65 6.98 16.47
CA ALA A 15 -32.88 8.08 17.03
C ALA A 15 -32.82 9.29 16.10
N GLY A 16 -32.97 9.09 14.80
CA GLY A 16 -33.03 10.18 13.85
C GLY A 16 -34.41 10.52 13.34
N SER A 17 -35.43 9.78 13.75
CA SER A 17 -36.80 10.09 13.36
C SER A 17 -37.40 11.16 14.28
N THR A 18 -38.52 11.71 13.85
CA THR A 18 -39.21 12.71 14.65
C THR A 18 -39.62 12.11 15.99
N MET A 19 -39.64 12.97 17.03
CA MET A 19 -39.85 12.48 18.39
C MET A 19 -41.19 11.77 18.54
N GLY A 20 -42.22 12.27 17.86
CA GLY A 20 -43.48 11.54 17.83
C GLY A 20 -43.32 10.16 17.22
N ALA A 21 -42.58 10.07 16.11
CA ALA A 21 -42.32 8.76 15.50
C ALA A 21 -41.43 7.90 16.37
N ALA A 22 -40.53 8.50 17.13
CA ALA A 22 -39.67 7.73 18.03
C ALA A 22 -40.39 7.29 19.29
N SER A 23 -41.55 7.89 19.61
CA SER A 23 -42.38 7.36 20.68
C SER A 23 -42.93 5.98 20.32
N MET A 24 -43.06 5.68 19.02
CA MET A 24 -43.63 4.41 18.60
C MET A 24 -42.71 3.24 18.95
N THR A 25 -41.40 3.44 18.93
CA THR A 25 -40.44 2.41 19.30
C THR A 25 -39.78 2.83 20.61
N LEU A 26 -40.35 2.36 21.73
CA LEU A 26 -39.78 2.58 23.05
C LEU A 26 -39.46 1.29 23.79
N THR A 27 -40.04 0.16 23.40
CA THR A 27 -39.75 -1.10 24.09
C THR A 27 -38.45 -1.74 23.61
N VAL A 28 -38.02 -1.44 22.39
CA VAL A 28 -36.82 -2.09 21.84
C VAL A 28 -35.57 -1.55 22.53
N GLN A 29 -35.50 -0.23 22.76
CA GLN A 29 -34.33 0.34 23.42
C GLN A 29 -34.22 -0.14 24.87
N ALA A 30 -35.34 -0.20 25.58
CA ALA A 30 -35.31 -0.70 26.96
C ALA A 30 -34.91 -2.17 27.00
N ARG A 31 -35.38 -2.97 26.03
CA ARG A 31 -35.05 -4.39 26.00
C ARG A 31 -33.55 -4.62 25.96
N ASN A 32 -32.87 -3.99 24.98
CA ASN A 32 -31.45 -4.21 24.78
C ASN A 32 -30.56 -3.41 25.73
N LEU A 33 -31.13 -2.57 26.58
CA LEU A 33 -30.30 -1.85 27.54
C LEU A 33 -29.63 -2.82 28.51
N LEU A 34 -30.38 -3.82 28.98
CA LEU A 34 -29.80 -4.78 29.92
C LEU A 34 -29.09 -5.93 29.20
N SER A 35 -29.75 -6.51 28.19
CA SER A 35 -29.16 -7.60 27.39
C SER A 35 -28.63 -8.71 28.29
N GLY A 36 -29.47 -9.13 29.23
CA GLY A 36 -29.10 -10.19 30.16
C GLY A 36 -28.91 -11.55 29.51
N THR A 58 -5.76 -13.98 33.11
CA THR A 58 -7.13 -13.54 33.36
C THR A 58 -7.30 -12.09 32.95
N VAL A 59 -6.41 -11.63 32.07
CA VAL A 59 -6.40 -10.24 31.62
C VAL A 59 -7.75 -9.84 31.05
N TRP A 60 -8.38 -10.72 30.25
CA TRP A 60 -9.69 -10.42 29.72
C TRP A 60 -10.76 -10.43 30.81
N GLY A 61 -10.57 -11.23 31.86
CA GLY A 61 -11.62 -11.44 32.84
C GLY A 61 -12.00 -10.17 33.59
N ILE A 62 -10.99 -9.42 34.06
CA ILE A 62 -11.25 -8.19 34.80
C ILE A 62 -11.97 -7.18 33.91
N LYS A 63 -11.56 -7.10 32.63
CA LYS A 63 -12.22 -6.23 31.66
C LYS A 63 -13.70 -6.57 31.57
N GLN A 64 -14.00 -7.82 31.17
CA GLN A 64 -15.38 -8.26 30.99
C GLN A 64 -16.20 -8.04 32.25
N LEU A 65 -15.67 -8.43 33.41
CA LEU A 65 -16.43 -8.36 34.65
C LEU A 65 -16.73 -6.90 35.01
N GLN A 66 -15.71 -6.03 34.94
CA GLN A 66 -15.90 -4.61 35.21
C GLN A 66 -17.03 -4.04 34.35
N ALA A 67 -16.96 -4.29 33.04
CA ALA A 67 -18.04 -3.85 32.16
C ALA A 67 -19.39 -4.38 32.61
N ARG A 68 -19.45 -5.67 32.97
CA ARG A 68 -20.71 -6.29 33.36
C ARG A 68 -21.27 -5.72 34.67
N VAL A 69 -20.43 -5.14 35.52
CA VAL A 69 -20.96 -4.47 36.71
C VAL A 69 -21.49 -3.09 36.34
N LEU A 70 -20.70 -2.32 35.55
CA LEU A 70 -21.17 -0.98 35.18
C LEU A 70 -22.48 -1.04 34.40
N ALA A 71 -22.75 -2.16 33.72
CA ALA A 71 -24.04 -2.35 33.07
C ALA A 71 -25.18 -2.26 34.08
N VAL A 72 -25.15 -3.11 35.11
CA VAL A 72 -26.25 -3.14 36.07
C VAL A 72 -26.30 -1.86 36.88
N GLU A 73 -25.16 -1.17 37.05
CA GLU A 73 -25.19 0.09 37.79
C GLU A 73 -25.87 1.19 36.98
N ARG A 74 -25.46 1.34 35.71
CA ARG A 74 -26.13 2.30 34.83
C ARG A 74 -27.62 1.98 34.68
N TYR A 75 -27.98 0.70 34.73
CA TYR A 75 -29.38 0.30 34.65
C TYR A 75 -30.14 0.67 35.92
N LEU A 76 -29.57 0.40 37.09
CA LEU A 76 -30.28 0.62 38.35
C LEU A 76 -30.29 2.07 38.79
N ARG A 77 -29.41 2.92 38.26
CA ARG A 77 -29.55 4.34 38.55
C ARG A 77 -30.81 4.90 37.90
N ASP A 78 -30.94 4.70 36.59
CA ASP A 78 -32.13 5.17 35.87
C ASP A 78 -33.39 4.50 36.40
N GLN A 79 -33.31 3.21 36.75
CA GLN A 79 -34.48 2.55 37.33
C GLN A 79 -34.81 3.12 38.70
N GLN A 80 -33.78 3.47 39.48
CA GLN A 80 -34.02 4.11 40.77
C GLN A 80 -34.75 5.43 40.60
N LEU A 81 -34.29 6.27 39.67
CA LEU A 81 -34.98 7.52 39.39
C LEU A 81 -36.42 7.26 38.97
N LEU A 82 -36.62 6.39 37.98
CA LEU A 82 -37.97 6.05 37.54
C LEU A 82 -38.81 5.46 38.66
N GLY A 83 -38.20 5.03 39.75
CA GLY A 83 -38.92 4.56 40.91
C GLY A 83 -39.33 5.68 41.86
N ILE A 84 -38.38 6.56 42.20
CA ILE A 84 -38.65 7.61 43.19
C ILE A 84 -39.35 8.82 42.60
N TRP A 85 -39.68 8.79 41.31
CA TRP A 85 -40.63 9.74 40.74
C TRP A 85 -42.05 9.19 40.75
N GLY A 86 -42.30 8.14 41.53
CA GLY A 86 -43.60 7.50 41.62
C GLY A 86 -44.00 6.70 40.41
N CYS A 87 -43.31 6.86 39.26
CA CYS A 87 -43.72 6.18 38.05
C CYS A 87 -43.67 4.67 38.22
N SER A 88 -42.46 4.14 38.16
CA SER A 88 -42.19 2.75 38.45
C SER A 88 -42.63 1.88 37.32
N GLY A 89 -43.23 2.48 36.32
CA GLY A 89 -43.97 1.74 35.36
C GLY A 89 -43.27 2.14 34.14
N LYS A 90 -42.88 1.15 33.38
CA LYS A 90 -42.00 1.42 32.28
C LYS A 90 -42.69 2.09 31.12
N LEU A 91 -41.94 3.03 30.55
CA LEU A 91 -42.33 3.91 29.51
C LEU A 91 -43.02 5.15 29.95
N ILE A 92 -43.57 5.78 28.99
CA ILE A 92 -44.20 7.09 29.16
C ILE A 92 -44.94 7.15 30.48
N CYS A 93 -44.70 8.21 31.25
CA CYS A 93 -45.28 8.41 32.58
C CYS A 93 -45.59 9.89 32.77
N CYS A 94 -46.80 10.21 33.20
CA CYS A 94 -47.21 11.60 33.39
C CYS A 94 -46.96 12.05 34.83
N THR A 95 -46.87 13.37 35.00
CA THR A 95 -46.78 13.97 36.32
C THR A 95 -47.43 15.35 36.25
N ASN A 96 -47.69 15.92 37.44
CA ASN A 96 -48.38 17.19 37.57
C ASN A 96 -47.41 18.38 37.67
N VAL A 97 -46.25 18.30 37.02
CA VAL A 97 -45.29 19.40 37.05
C VAL A 97 -45.61 20.36 35.91
N PRO A 98 -45.69 21.67 36.15
CA PRO A 98 -45.98 22.61 35.08
C PRO A 98 -44.75 22.87 34.21
N TRP A 99 -44.98 22.98 32.91
CA TRP A 99 -43.91 23.23 31.96
C TRP A 99 -43.53 24.70 32.03
N ASN A 100 -42.46 25.01 32.76
CA ASN A 100 -41.92 26.36 32.78
C ASN A 100 -41.47 26.70 31.36
N SER A 101 -42.18 27.65 30.73
CA SER A 101 -42.04 27.84 29.29
C SER A 101 -40.61 28.20 28.91
N SER A 102 -39.84 28.76 29.84
CA SER A 102 -38.46 29.13 29.54
C SER A 102 -37.60 27.93 29.18
N TRP A 103 -38.11 26.71 29.33
CA TRP A 103 -37.38 25.50 28.96
C TRP A 103 -37.57 25.24 27.46
N SER A 104 -37.01 26.16 26.68
CA SER A 104 -37.08 26.13 25.22
C SER A 104 -38.53 26.17 24.71
N ASN A 105 -39.18 27.31 24.94
CA ASN A 105 -40.55 27.50 24.53
C ASN A 105 -40.75 27.31 23.02
N ARG A 106 -41.43 26.23 22.66
CA ARG A 106 -41.91 25.99 21.32
C ARG A 106 -43.32 25.43 21.42
N ASN A 107 -44.03 25.39 20.30
CA ASN A 107 -45.36 24.79 20.37
C ASN A 107 -45.25 23.27 20.38
N LEU A 108 -46.38 22.61 20.65
CA LEU A 108 -46.38 21.15 20.66
C LEU A 108 -46.23 20.60 19.26
N SER A 109 -47.05 21.07 18.31
CA SER A 109 -46.85 20.71 16.92
C SER A 109 -45.47 21.10 16.44
N GLU A 110 -44.84 22.07 17.10
CA GLU A 110 -43.48 22.53 16.83
C GLU A 110 -42.41 21.58 17.35
N ILE A 111 -42.81 20.50 18.03
CA ILE A 111 -41.85 19.61 18.67
C ILE A 111 -42.09 18.16 18.22
N TRP A 112 -43.32 17.69 18.41
CA TRP A 112 -43.63 16.27 18.22
C TRP A 112 -43.94 15.93 16.78
N ASP A 113 -43.98 16.91 15.89
CA ASP A 113 -43.99 16.67 14.46
C ASP A 113 -42.68 17.05 13.80
N ASN A 114 -41.76 17.70 14.52
CA ASN A 114 -40.54 18.23 13.93
C ASN A 114 -39.27 17.61 14.48
N MET A 115 -39.03 17.71 15.78
CA MET A 115 -37.70 17.51 16.32
C MET A 115 -37.40 16.03 16.57
N THR A 116 -36.11 15.74 16.78
CA THR A 116 -35.64 14.41 17.12
C THR A 116 -35.05 14.44 18.53
N TRP A 117 -34.96 13.27 19.15
CA TRP A 117 -34.67 13.20 20.58
C TRP A 117 -33.27 13.70 20.94
N LEU A 118 -32.28 13.51 20.06
CA LEU A 118 -30.95 14.07 20.29
C LEU A 118 -30.99 15.59 20.30
N GLN A 119 -31.44 16.20 19.20
CA GLN A 119 -31.82 17.62 19.19
C GLN A 119 -32.51 18.05 20.49
N TRP A 120 -33.60 17.37 20.85
CA TRP A 120 -34.41 17.77 21.99
C TRP A 120 -33.61 17.78 23.29
N ASP A 121 -33.06 16.63 23.67
CA ASP A 121 -32.30 16.54 24.91
C ASP A 121 -31.11 17.49 24.91
N LYS A 122 -30.55 17.80 23.74
CA LYS A 122 -29.52 18.83 23.68
C LYS A 122 -30.06 20.17 24.14
N GLU A 123 -31.18 20.61 23.55
CA GLU A 123 -31.72 21.92 23.93
C GLU A 123 -32.16 21.94 25.39
N ILE A 124 -32.76 20.85 25.87
CA ILE A 124 -33.26 20.78 27.25
C ILE A 124 -32.16 20.42 28.25
N SER A 125 -30.98 20.03 27.77
CA SER A 125 -29.91 19.57 28.66
C SER A 125 -29.59 20.58 29.75
N ASN A 126 -29.64 21.88 29.42
CA ASN A 126 -29.31 22.91 30.40
C ASN A 126 -30.20 22.79 31.64
N TYR A 127 -31.51 22.82 31.46
CA TYR A 127 -32.45 22.85 32.58
C TYR A 127 -32.83 21.46 33.07
N THR A 128 -32.24 20.39 32.52
CA THR A 128 -32.64 19.04 32.88
C THR A 128 -32.56 18.80 34.39
N GLN A 129 -31.40 19.08 34.97
CA GLN A 129 -31.15 18.73 36.37
C GLN A 129 -32.19 19.34 37.31
N ILE A 130 -32.55 20.60 37.07
CA ILE A 130 -33.56 21.27 37.89
C ILE A 130 -34.87 20.47 37.85
N ILE A 131 -35.27 20.04 36.66
CA ILE A 131 -36.53 19.30 36.52
C ILE A 131 -36.45 17.97 37.25
N TYR A 132 -35.30 17.28 37.15
CA TYR A 132 -35.14 16.05 37.92
C TYR A 132 -35.31 16.32 39.41
N GLY A 133 -34.78 17.46 39.89
CA GLY A 133 -34.95 17.80 41.29
C GLY A 133 -36.39 18.06 41.69
N LEU A 134 -37.13 18.79 40.84
CA LEU A 134 -38.52 19.10 41.15
C LEU A 134 -39.37 17.83 41.16
N LEU A 135 -39.28 17.05 40.08
CA LEU A 135 -39.98 15.77 40.00
C LEU A 135 -39.67 14.88 41.19
N GLU A 136 -38.53 14.97 41.85
CA GLU A 136 -38.42 14.29 43.18
C GLU A 136 -39.53 14.58 44.26
N GLU A 137 -39.45 15.81 44.75
CA GLU A 137 -40.15 16.28 45.96
C GLU A 137 -41.68 16.22 45.87
N SER A 138 -42.21 16.57 44.71
CA SER A 138 -43.64 16.53 44.55
C SER A 138 -44.12 15.10 44.72
N GLN A 139 -43.39 14.10 44.30
CA GLN A 139 -43.99 12.79 44.49
C GLN A 139 -44.27 12.55 45.97
N ASN A 140 -43.30 12.87 46.81
CA ASN A 140 -43.39 12.39 48.16
C ASN A 140 -44.59 12.91 48.89
N GLN A 141 -44.88 14.18 48.70
CA GLN A 141 -45.97 14.77 49.41
C GLN A 141 -47.20 14.08 48.93
N GLN A 142 -47.22 13.72 47.65
CA GLN A 142 -48.44 13.12 47.13
C GLN A 142 -48.68 11.87 47.90
N GLU A 143 -47.64 11.08 48.04
CA GLU A 143 -47.82 9.78 48.66
C GLU A 143 -48.32 10.01 50.05
N LYS A 144 -47.68 10.96 50.72
CA LYS A 144 -47.88 11.06 52.14
C LYS A 144 -49.31 11.35 52.37
N ASN A 145 -49.85 12.37 51.71
CA ASN A 145 -51.18 12.76 52.14
C ASN A 145 -52.25 12.02 51.42
N GLU A 146 -51.82 11.35 50.37
CA GLU A 146 -52.68 10.47 49.65
C GLU A 146 -53.10 9.36 50.62
N GLN A 147 -52.14 8.84 51.37
CA GLN A 147 -52.48 7.67 52.19
C GLN A 147 -53.51 8.09 53.18
N ASP A 148 -53.32 9.28 53.70
CA ASP A 148 -53.77 9.74 54.99
C ASP A 148 -54.53 11.03 54.89
N GLN B 1 -33.86 28.69 11.14
CA GLN B 1 -33.12 29.87 11.58
C GLN B 1 -32.04 30.25 10.58
N GLY B 2 -31.92 29.45 9.52
CA GLY B 2 -31.03 29.76 8.43
C GLY B 2 -31.79 30.37 7.26
N GLN B 3 -31.06 31.02 6.37
CA GLN B 3 -31.66 31.70 5.23
C GLN B 3 -31.38 30.92 3.95
N LEU B 4 -32.38 30.83 3.08
CA LEU B 4 -32.29 30.08 1.84
C LEU B 4 -31.88 31.02 0.70
N VAL B 5 -30.94 30.56 -0.12
CA VAL B 5 -30.37 31.39 -1.19
C VAL B 5 -31.13 31.13 -2.48
N GLN B 6 -31.54 32.19 -3.17
CA GLN B 6 -32.21 32.02 -4.45
C GLN B 6 -31.41 32.67 -5.57
N SER B 7 -31.36 32.00 -6.70
CA SER B 7 -30.44 32.31 -7.78
C SER B 7 -31.09 33.23 -8.79
N GLY B 8 -30.46 34.36 -9.07
CA GLY B 8 -31.01 35.30 -10.03
C GLY B 8 -30.95 34.78 -11.46
N ALA B 9 -31.93 35.24 -12.24
CA ALA B 9 -32.15 34.70 -13.60
C ALA B 9 -32.14 35.69 -14.74
N GLU B 10 -31.66 35.21 -15.87
CA GLU B 10 -31.49 35.94 -17.11
C GLU B 10 -32.85 36.28 -17.72
N LEU B 11 -32.94 37.43 -18.39
CA LEU B 11 -34.07 37.64 -19.29
C LEU B 11 -34.03 36.57 -20.36
N LYS B 12 -35.18 36.09 -20.77
CA LYS B 12 -35.17 35.02 -21.74
C LYS B 12 -36.26 35.20 -22.77
N LYS B 13 -35.93 34.78 -24.00
CA LYS B 13 -36.86 34.78 -25.10
C LYS B 13 -37.77 33.56 -25.01
N PRO B 14 -38.83 33.48 -25.86
CA PRO B 14 -39.72 32.32 -25.84
C PRO B 14 -39.00 31.00 -26.08
N GLY B 15 -37.75 31.07 -26.55
CA GLY B 15 -36.92 29.89 -26.44
C GLY B 15 -35.46 30.14 -26.10
N ALA B 16 -34.99 29.53 -25.00
CA ALA B 16 -33.63 29.71 -24.51
C ALA B 16 -33.48 28.84 -23.27
N SER B 17 -32.23 28.68 -22.81
CA SER B 17 -31.96 27.85 -21.65
C SER B 17 -32.57 28.46 -20.39
N VAL B 18 -33.31 27.65 -19.63
CA VAL B 18 -34.08 28.12 -18.49
C VAL B 18 -33.79 27.23 -17.30
N LYS B 19 -33.33 27.83 -16.20
CA LYS B 19 -33.15 27.11 -14.95
C LYS B 19 -32.98 28.13 -13.83
N ILE B 20 -33.46 27.77 -12.65
CA ILE B 20 -33.12 28.56 -11.51
C ILE B 20 -32.85 27.66 -10.36
N SER B 21 -31.78 27.99 -9.67
CA SER B 21 -31.26 27.20 -8.57
C SER B 21 -31.62 27.84 -7.23
N CYS B 22 -31.40 27.09 -6.15
CA CYS B 22 -31.72 27.53 -4.80
C CYS B 22 -30.81 26.78 -3.83
N LYS B 23 -30.13 27.52 -2.96
CA LYS B 23 -29.20 26.97 -1.99
C LYS B 23 -29.78 27.08 -0.58
N THR B 24 -29.14 26.42 0.38
CA THR B 24 -29.66 26.30 1.74
C THR B 24 -28.54 26.49 2.75
N SER B 25 -28.96 26.72 4.00
CA SER B 25 -28.04 26.87 5.13
C SER B 25 -28.82 26.73 6.43
N GLY B 26 -28.15 26.16 7.43
CA GLY B 26 -28.64 26.21 8.79
C GLY B 26 -29.80 25.30 9.13
N TYR B 27 -30.09 24.30 8.30
CA TYR B 27 -31.18 23.38 8.61
C TYR B 27 -30.84 22.00 8.09
N ARG B 28 -31.60 21.01 8.57
CA ARG B 28 -31.49 19.64 8.08
C ARG B 28 -32.25 19.55 6.76
N PHE B 29 -31.50 19.41 5.67
CA PHE B 29 -32.01 19.63 4.32
C PHE B 29 -33.00 18.57 3.87
N ASN B 30 -32.96 17.38 4.46
CA ASN B 30 -33.78 16.27 3.99
C ASN B 30 -35.08 16.10 4.76
N PHE B 31 -35.28 16.82 5.86
CA PHE B 31 -36.56 16.75 6.54
C PHE B 31 -37.62 17.58 5.81
N TYR B 32 -37.38 18.88 5.73
CA TYR B 32 -38.38 19.81 5.22
C TYR B 32 -38.55 19.63 3.72
N HIS B 33 -39.78 19.83 3.26
CA HIS B 33 -40.07 19.75 1.83
C HIS B 33 -39.55 20.99 1.12
N ILE B 34 -39.84 21.07 -0.18
CA ILE B 34 -39.39 22.18 -1.03
C ILE B 34 -40.55 22.57 -1.93
N ASN B 35 -41.11 23.76 -1.72
CA ASN B 35 -42.25 24.27 -2.47
C ASN B 35 -41.81 25.42 -3.36
N TRP B 36 -42.42 25.49 -4.55
CA TRP B 36 -42.08 26.49 -5.55
C TRP B 36 -43.31 27.34 -5.86
N ILE B 37 -43.14 28.66 -5.88
CA ILE B 37 -44.27 29.50 -6.18
C ILE B 37 -43.89 30.72 -6.99
N ARG B 38 -44.77 31.16 -7.88
CA ARG B 38 -44.47 32.22 -8.87
C ARG B 38 -45.53 33.32 -8.97
N GLN B 39 -45.14 34.57 -8.77
CA GLN B 39 -46.12 35.65 -8.70
C GLN B 39 -45.97 36.54 -9.93
N THR B 40 -46.92 36.44 -10.84
CA THR B 40 -46.98 37.30 -12.02
C THR B 40 -48.07 38.35 -11.83
N ALA B 41 -47.95 39.45 -12.57
CA ALA B 41 -48.86 40.57 -12.44
C ALA B 41 -50.22 40.33 -13.09
N GLY B 42 -50.42 39.19 -13.74
CA GLY B 42 -51.66 38.96 -14.45
C GLY B 42 -52.57 37.93 -13.82
N ARG B 43 -52.00 36.96 -13.10
CA ARG B 43 -52.76 35.87 -12.53
C ARG B 43 -52.57 35.69 -11.03
N GLY B 44 -51.70 36.46 -10.40
CA GLY B 44 -51.55 36.43 -8.97
C GLY B 44 -50.53 35.43 -8.48
N PRO B 45 -50.55 35.11 -7.19
CA PRO B 45 -49.64 34.09 -6.64
C PRO B 45 -50.18 32.70 -6.94
N GLU B 46 -49.36 31.88 -7.60
CA GLU B 46 -49.76 30.54 -8.01
C GLU B 46 -48.72 29.54 -7.51
N TRP B 47 -49.20 28.46 -6.89
CA TRP B 47 -48.32 27.39 -6.44
C TRP B 47 -48.06 26.42 -7.58
N MET B 48 -46.80 26.02 -7.74
CA MET B 48 -46.38 25.19 -8.86
C MET B 48 -46.24 23.72 -8.47
N GLY B 49 -45.41 23.43 -7.49
CA GLY B 49 -45.21 22.06 -7.06
C GLY B 49 -44.29 22.01 -5.86
N TRP B 50 -44.14 20.80 -5.32
CA TRP B 50 -43.25 20.59 -4.18
C TRP B 50 -42.59 19.22 -4.31
N ILE B 51 -41.45 19.09 -3.63
CA ILE B 51 -40.62 17.89 -3.72
C ILE B 51 -39.86 17.74 -2.41
N SER B 52 -39.70 16.48 -1.97
CA SER B 52 -38.99 16.22 -0.72
C SER B 52 -37.59 15.71 -1.01
N PRO B 53 -36.56 16.28 -0.38
CA PRO B 53 -35.19 15.83 -0.69
C PRO B 53 -34.85 14.44 -0.17
N TYR B 54 -35.59 13.94 0.84
CA TYR B 54 -35.29 12.63 1.39
C TYR B 54 -35.89 11.51 0.53
N SER B 55 -37.16 11.64 0.17
CA SER B 55 -37.83 10.64 -0.66
C SER B 55 -37.70 10.97 -2.14
N GLY B 56 -38.01 12.21 -2.51
CA GLY B 56 -38.02 12.61 -3.90
C GLY B 56 -39.39 12.75 -4.51
N ASP B 57 -40.44 12.87 -3.70
CA ASP B 57 -41.81 12.90 -4.18
C ASP B 57 -42.18 14.32 -4.60
N LYS B 58 -42.42 14.52 -5.88
CA LYS B 58 -42.89 15.80 -6.40
C LYS B 58 -44.38 15.71 -6.70
N ASN B 59 -45.15 16.67 -6.19
CA ASN B 59 -46.52 16.87 -6.60
C ASN B 59 -46.62 18.26 -7.23
N LEU B 60 -47.00 18.30 -8.49
CA LEU B 60 -47.09 19.54 -9.26
C LEU B 60 -48.54 19.94 -9.44
N ALA B 61 -48.75 21.21 -9.75
CA ALA B 61 -50.07 21.65 -10.17
C ALA B 61 -50.32 21.20 -11.61
N PRO B 62 -51.58 20.92 -11.95
CA PRO B 62 -51.90 20.58 -13.35
C PRO B 62 -51.54 21.69 -14.33
N ALA B 63 -51.40 22.92 -13.86
CA ALA B 63 -50.99 24.01 -14.74
C ALA B 63 -49.52 23.93 -15.13
N PHE B 64 -48.72 23.14 -14.41
CA PHE B 64 -47.32 22.90 -14.74
C PHE B 64 -47.06 21.41 -14.91
N GLN B 65 -48.10 20.64 -15.25
CA GLN B 65 -48.02 19.19 -15.25
C GLN B 65 -47.09 18.64 -16.33
N ASP B 66 -46.82 19.41 -17.39
CA ASP B 66 -46.05 18.87 -18.51
C ASP B 66 -44.98 19.82 -19.05
N ARG B 67 -44.68 20.92 -18.36
CA ARG B 67 -43.67 21.86 -18.85
C ARG B 67 -42.62 22.26 -17.83
N VAL B 68 -42.79 21.94 -16.56
CA VAL B 68 -41.83 22.29 -15.52
C VAL B 68 -41.26 21.00 -14.94
N ILE B 69 -39.94 21.00 -14.70
CA ILE B 69 -39.24 19.86 -14.10
C ILE B 69 -38.47 20.38 -12.90
N MET B 70 -38.58 19.68 -11.77
CA MET B 70 -37.91 20.07 -10.54
C MET B 70 -36.85 19.04 -10.17
N THR B 71 -35.78 19.53 -9.51
CA THR B 71 -34.64 18.69 -9.18
C THR B 71 -34.08 19.07 -7.82
N THR B 72 -33.56 18.07 -7.11
CA THR B 72 -32.88 18.26 -5.83
C THR B 72 -31.50 17.61 -5.90
N ASP B 73 -30.58 18.15 -5.09
CA ASP B 73 -29.21 17.68 -5.04
C ASP B 73 -28.95 16.94 -3.73
N THR B 74 -27.68 16.57 -3.52
CA THR B 74 -27.27 15.78 -2.37
C THR B 74 -26.76 16.67 -1.25
N GLU B 75 -27.00 16.22 -0.02
CA GLU B 75 -26.71 17.01 1.17
C GLU B 75 -25.24 16.93 1.55
N VAL B 76 -24.67 18.07 1.91
CA VAL B 76 -23.28 18.16 2.34
C VAL B 76 -23.25 18.63 3.79
N PRO B 77 -22.98 17.74 4.74
CA PRO B 77 -23.18 18.08 6.15
C PRO B 77 -22.20 19.14 6.65
N VAL B 78 -22.53 19.73 7.80
CA VAL B 78 -21.65 20.64 8.52
C VAL B 78 -21.50 20.13 9.95
N THR B 79 -22.64 19.94 10.63
CA THR B 79 -22.66 19.37 11.97
C THR B 79 -23.65 18.21 12.02
N SER B 80 -23.96 17.72 13.22
CA SER B 80 -24.84 16.56 13.36
C SER B 80 -26.28 16.89 12.97
N PHE B 81 -26.67 18.16 12.96
CA PHE B 81 -28.04 18.55 12.62
C PHE B 81 -28.10 19.44 11.39
N THR B 82 -27.24 20.44 11.30
CA THR B 82 -27.27 21.38 10.19
C THR B 82 -26.62 20.78 8.95
N SER B 83 -26.93 21.36 7.79
CA SER B 83 -26.46 20.82 6.53
C SER B 83 -26.61 21.87 5.44
N THR B 84 -26.23 21.50 4.21
CA THR B 84 -26.16 22.45 3.09
C THR B 84 -26.42 21.69 1.80
N GLY B 85 -27.58 21.90 1.18
CA GLY B 85 -27.91 21.29 -0.09
C GLY B 85 -28.29 22.31 -1.16
N ALA B 86 -29.08 21.89 -2.15
CA ALA B 86 -29.50 22.78 -3.24
C ALA B 86 -30.60 22.09 -4.04
N ALA B 87 -31.28 22.88 -4.87
CA ALA B 87 -32.37 22.37 -5.70
C ALA B 87 -32.61 23.32 -6.87
N TYR B 88 -32.83 22.75 -8.06
CA TYR B 88 -33.05 23.49 -9.29
C TYR B 88 -34.48 23.30 -9.80
N MET B 89 -34.86 24.18 -10.73
CA MET B 89 -36.12 24.04 -11.45
C MET B 89 -35.94 24.57 -12.87
N GLU B 90 -36.46 23.81 -13.84
CA GLU B 90 -36.41 24.17 -15.25
C GLU B 90 -37.84 24.23 -15.78
N ILE B 91 -38.34 25.43 -16.04
CA ILE B 91 -39.68 25.64 -16.57
C ILE B 91 -39.57 25.84 -18.08
N ARG B 92 -40.08 24.87 -18.85
CA ARG B 92 -40.04 24.96 -20.29
C ARG B 92 -41.33 25.59 -20.81
N ASN B 93 -41.40 25.78 -22.13
CA ASN B 93 -42.53 26.42 -22.79
C ASN B 93 -42.76 27.83 -22.26
N LEU B 94 -41.75 28.68 -22.50
CA LEU B 94 -41.70 30.04 -21.94
C LEU B 94 -42.72 30.94 -22.63
N LYS B 95 -43.86 31.17 -21.99
CA LYS B 95 -44.83 32.15 -22.47
C LYS B 95 -44.56 33.51 -21.83
N PHE B 96 -45.23 34.53 -22.35
CA PHE B 96 -45.05 35.88 -21.83
C PHE B 96 -45.74 36.08 -20.49
N ASP B 97 -46.80 35.33 -20.22
CA ASP B 97 -47.48 35.43 -18.93
C ASP B 97 -46.63 34.88 -17.78
N ASP B 98 -45.47 34.32 -18.07
CA ASP B 98 -44.53 33.86 -17.05
C ASP B 98 -43.63 34.96 -16.53
N THR B 99 -43.65 36.14 -17.15
CA THR B 99 -42.82 37.25 -16.72
C THR B 99 -43.18 37.67 -15.31
N GLY B 100 -42.20 37.67 -14.44
CA GLY B 100 -42.40 38.10 -13.07
C GLY B 100 -41.69 37.24 -12.05
N THR B 101 -41.36 37.85 -10.93
CA THR B 101 -40.52 37.24 -9.95
C THR B 101 -41.23 36.01 -9.39
N TYR B 102 -40.44 35.10 -8.85
CA TYR B 102 -40.85 33.73 -8.49
C TYR B 102 -39.93 33.32 -7.37
N PHE B 103 -40.31 32.27 -6.64
CA PHE B 103 -39.54 31.92 -5.46
C PHE B 103 -39.42 30.43 -5.08
N CYS B 104 -38.49 30.23 -4.12
CA CYS B 104 -38.34 28.97 -3.39
C CYS B 104 -38.77 29.15 -1.94
N ALA B 105 -39.37 28.11 -1.37
CA ALA B 105 -39.72 28.15 0.06
C ALA B 105 -39.94 26.73 0.57
N LYS B 106 -39.23 26.38 1.64
CA LYS B 106 -39.21 25.01 2.17
C LYS B 106 -40.39 24.77 3.10
N GLY B 107 -40.61 23.50 3.47
CA GLY B 107 -41.70 23.14 4.34
C GLY B 107 -41.51 23.65 5.76
N LEU B 108 -42.54 23.42 6.59
CA LEU B 108 -42.47 23.94 7.95
C LEU B 108 -41.82 22.95 8.93
N LEU B 109 -42.33 21.72 9.01
CA LEU B 109 -41.79 20.72 9.93
C LEU B 109 -41.82 19.35 9.24
N ARG B 110 -41.37 18.32 9.96
CA ARG B 110 -41.07 17.04 9.33
C ARG B 110 -42.27 16.09 9.26
N ASP B 111 -43.26 16.22 10.13
CA ASP B 111 -44.36 15.26 10.16
C ASP B 111 -45.68 15.99 10.40
N GLY B 112 -46.78 15.27 10.20
CA GLY B 112 -48.09 15.82 10.50
C GLY B 112 -49.00 15.88 9.28
N SER B 113 -50.11 16.60 9.42
CA SER B 113 -50.97 16.93 8.28
C SER B 113 -50.54 18.21 7.58
N SER B 114 -49.54 18.88 8.11
CA SER B 114 -49.00 20.11 7.55
C SER B 114 -47.50 19.99 7.38
N THR B 115 -47.05 18.88 6.80
CA THR B 115 -45.61 18.62 6.69
C THR B 115 -44.90 19.69 5.88
N TRP B 116 -45.49 20.09 4.76
CA TRP B 116 -44.74 20.82 3.74
C TRP B 116 -45.10 22.30 3.64
N LEU B 117 -46.07 22.78 4.40
CA LEU B 117 -46.54 24.16 4.25
C LEU B 117 -45.36 25.12 4.35
N PRO B 118 -45.17 26.01 3.38
CA PRO B 118 -43.90 26.75 3.29
C PRO B 118 -43.70 27.78 4.39
N TYR B 119 -42.79 27.48 5.32
CA TYR B 119 -42.50 28.37 6.43
C TYR B 119 -41.33 29.31 6.16
N LEU B 120 -40.24 28.79 5.60
CA LEU B 120 -39.01 29.55 5.39
C LEU B 120 -38.86 29.88 3.92
N TRP B 121 -38.78 31.18 3.61
CA TRP B 121 -38.78 31.68 2.25
C TRP B 121 -37.39 32.17 1.84
N GLY B 122 -37.28 32.54 0.56
CA GLY B 122 -36.03 32.94 -0.03
C GLY B 122 -35.98 34.42 -0.38
N GLN B 123 -35.02 34.77 -1.24
CA GLN B 123 -34.73 36.15 -1.60
C GLN B 123 -35.52 36.63 -2.81
N GLY B 124 -35.64 35.82 -3.85
CA GLY B 124 -36.36 36.28 -5.01
C GLY B 124 -35.57 36.45 -6.29
N THR B 125 -35.88 35.62 -7.26
CA THR B 125 -35.24 35.67 -8.55
C THR B 125 -36.30 36.15 -9.50
N LEU B 126 -35.93 37.05 -10.40
CA LEU B 126 -36.87 37.80 -11.23
C LEU B 126 -36.73 37.38 -12.69
N LEU B 127 -37.84 37.12 -13.36
CA LEU B 127 -37.76 36.83 -14.78
C LEU B 127 -38.23 38.00 -15.57
N THR B 128 -37.77 38.02 -16.81
CA THR B 128 -38.34 38.86 -17.86
C THR B 128 -38.37 38.02 -19.14
N VAL B 129 -39.55 37.48 -19.45
CA VAL B 129 -39.77 36.81 -20.73
C VAL B 129 -39.92 37.89 -21.79
N SER B 130 -38.95 37.98 -22.69
CA SER B 130 -38.95 39.05 -23.67
C SER B 130 -38.04 38.69 -24.83
N SER B 131 -38.52 38.94 -26.04
CA SER B 131 -37.65 38.90 -27.20
C SER B 131 -36.71 40.09 -27.25
N ALA B 132 -37.02 41.14 -26.50
CA ALA B 132 -36.24 42.38 -26.55
C ALA B 132 -34.82 42.15 -26.05
N SER B 133 -33.86 42.84 -26.67
CA SER B 133 -32.45 42.61 -26.40
C SER B 133 -32.03 43.30 -25.10
N THR B 134 -30.95 42.77 -24.52
CA THR B 134 -30.44 43.28 -23.25
C THR B 134 -29.92 44.71 -23.40
N LYS B 135 -30.03 45.48 -22.33
CA LYS B 135 -29.55 46.86 -22.30
C LYS B 135 -28.91 47.16 -20.96
N GLY B 136 -27.76 47.82 -20.99
CA GLY B 136 -27.02 48.14 -19.80
C GLY B 136 -27.53 49.38 -19.08
N PRO B 137 -27.18 49.52 -17.81
CA PRO B 137 -27.70 50.63 -17.02
C PRO B 137 -26.86 51.90 -17.12
N SER B 138 -27.53 53.04 -17.32
CA SER B 138 -26.87 54.35 -17.33
C SER B 138 -26.89 54.89 -15.91
N VAL B 139 -25.78 54.74 -15.21
CA VAL B 139 -25.68 55.13 -13.81
C VAL B 139 -25.22 56.57 -13.73
N PHE B 140 -26.14 57.47 -13.37
CA PHE B 140 -25.85 58.88 -13.10
C PHE B 140 -25.75 59.12 -11.60
N PRO B 141 -24.93 60.07 -11.15
CA PRO B 141 -24.93 60.43 -9.73
C PRO B 141 -25.94 61.52 -9.43
N LEU B 142 -26.69 61.32 -8.34
CA LEU B 142 -27.70 62.27 -7.89
C LEU B 142 -27.12 63.18 -6.81
N ALA B 143 -27.45 64.47 -6.90
CA ALA B 143 -26.89 65.47 -6.02
C ALA B 143 -27.62 65.48 -4.67
N PRO B 144 -26.89 65.67 -3.57
CA PRO B 144 -27.53 65.71 -2.25
C PRO B 144 -28.48 66.89 -2.12
N SER B 145 -29.42 66.76 -1.19
CA SER B 145 -30.43 67.78 -0.96
C SER B 145 -30.73 67.88 0.53
N SER B 146 -31.34 69.02 0.89
CA SER B 146 -31.64 69.34 2.28
C SER B 146 -32.96 68.72 2.68
N LYS B 147 -32.92 67.86 3.71
CA LYS B 147 -34.13 67.29 4.28
C LYS B 147 -34.60 68.04 5.52
N SER B 148 -33.67 68.68 6.25
CA SER B 148 -34.01 69.49 7.42
C SER B 148 -32.86 70.42 7.71
N THR B 149 -33.11 71.74 7.64
CA THR B 149 -32.06 72.71 7.95
C THR B 149 -31.78 72.76 9.45
N SER B 150 -32.83 72.70 10.27
CA SER B 150 -32.66 72.77 11.72
C SER B 150 -32.09 71.47 12.29
N GLY B 151 -32.36 70.33 11.67
CA GLY B 151 -31.88 69.06 12.18
C GLY B 151 -30.55 68.64 11.58
N GLY B 152 -30.18 69.25 10.45
CA GLY B 152 -28.92 68.94 9.81
C GLY B 152 -28.89 67.58 9.13
N THR B 153 -29.86 67.34 8.26
CA THR B 153 -29.98 66.08 7.56
C THR B 153 -30.11 66.33 6.06
N ALA B 154 -29.44 65.49 5.27
CA ALA B 154 -29.42 65.63 3.82
C ALA B 154 -29.71 64.29 3.15
N ALA B 155 -29.54 64.20 1.84
CA ALA B 155 -29.73 62.94 1.14
C ALA B 155 -28.95 62.94 -0.16
N LEU B 156 -28.35 61.79 -0.50
CA LEU B 156 -27.55 61.66 -1.73
C LEU B 156 -27.65 60.23 -2.23
N GLY B 157 -27.57 60.06 -3.55
CA GLY B 157 -27.69 58.73 -4.11
C GLY B 157 -27.28 58.65 -5.57
N CYS B 158 -27.76 57.59 -6.21
CA CYS B 158 -27.49 57.30 -7.62
C CYS B 158 -28.81 57.11 -8.36
N LEU B 159 -28.78 57.35 -9.67
CA LEU B 159 -29.94 57.20 -10.55
C LEU B 159 -29.58 56.22 -11.65
N VAL B 160 -30.29 55.09 -11.71
CA VAL B 160 -30.08 54.08 -12.74
C VAL B 160 -31.12 54.29 -13.82
N LYS B 161 -30.69 54.81 -14.97
CA LYS B 161 -31.60 55.17 -16.05
C LYS B 161 -31.42 54.24 -17.24
N ASP B 162 -32.55 53.88 -17.85
CA ASP B 162 -32.61 53.22 -19.16
C ASP B 162 -31.88 51.88 -19.17
N TYR B 163 -32.45 50.92 -18.43
CA TYR B 163 -31.98 49.55 -18.48
C TYR B 163 -33.14 48.60 -18.77
N PHE B 164 -32.80 47.47 -19.40
CA PHE B 164 -33.71 46.36 -19.66
C PHE B 164 -32.85 45.10 -19.65
N PRO B 165 -33.26 44.06 -18.92
CA PRO B 165 -34.52 43.94 -18.20
C PRO B 165 -34.38 44.28 -16.73
N GLU B 166 -35.44 44.07 -15.97
CA GLU B 166 -35.33 44.05 -14.53
C GLU B 166 -34.47 42.86 -14.11
N PRO B 167 -33.71 42.97 -13.00
CA PRO B 167 -33.47 44.15 -12.16
C PRO B 167 -32.05 44.69 -12.27
N VAL B 168 -31.77 45.75 -11.53
CA VAL B 168 -30.42 46.30 -11.37
C VAL B 168 -30.14 46.44 -9.88
N THR B 169 -28.99 45.94 -9.44
CA THR B 169 -28.61 46.05 -8.04
C THR B 169 -27.80 47.31 -7.81
N VAL B 170 -27.95 47.89 -6.61
CA VAL B 170 -27.24 49.11 -6.23
C VAL B 170 -26.78 48.96 -4.79
N SER B 171 -25.47 48.96 -4.58
CA SER B 171 -24.89 48.89 -3.24
C SER B 171 -24.11 50.17 -2.95
N TRP B 172 -23.45 50.20 -1.78
CA TRP B 172 -22.77 51.40 -1.32
C TRP B 172 -21.45 51.01 -0.65
N ASN B 173 -20.36 51.61 -1.14
CA ASN B 173 -19.02 51.42 -0.57
C ASN B 173 -18.65 49.95 -0.49
N SER B 174 -19.06 49.18 -1.50
CA SER B 174 -18.89 47.73 -1.52
C SER B 174 -19.56 47.07 -0.32
N GLY B 175 -20.57 47.73 0.23
CA GLY B 175 -21.35 47.19 1.32
C GLY B 175 -21.12 47.80 2.69
N ALA B 176 -20.56 49.01 2.78
CA ALA B 176 -20.27 49.66 4.06
C ALA B 176 -21.38 50.58 4.55
N LEU B 177 -22.02 51.35 3.67
CA LEU B 177 -23.09 52.28 4.05
C LEU B 177 -24.42 51.65 3.67
N THR B 178 -25.08 51.02 4.63
CA THR B 178 -26.42 50.48 4.43
C THR B 178 -27.50 51.24 5.18
N SER B 179 -27.12 52.14 6.10
CA SER B 179 -28.09 52.86 6.90
C SER B 179 -28.62 54.07 6.14
N GLY B 180 -29.95 54.20 6.09
CA GLY B 180 -30.59 55.32 5.43
C GLY B 180 -30.84 55.16 3.95
N VAL B 181 -30.64 53.96 3.40
CA VAL B 181 -30.76 53.75 1.96
C VAL B 181 -32.23 53.56 1.59
N HIS B 182 -32.63 54.14 0.46
CA HIS B 182 -34.00 54.06 -0.04
C HIS B 182 -33.93 53.96 -1.56
N THR B 183 -34.18 52.77 -2.10
CA THR B 183 -34.18 52.55 -3.54
C THR B 183 -35.64 52.52 -4.03
N PHE B 184 -35.90 53.25 -5.15
CA PHE B 184 -37.23 53.41 -5.72
C PHE B 184 -37.44 52.48 -6.90
N PRO B 185 -38.69 52.10 -7.17
CA PRO B 185 -38.95 51.15 -8.27
C PRO B 185 -38.65 51.77 -9.63
N ALA B 186 -38.36 50.89 -10.59
CA ALA B 186 -38.14 51.29 -11.96
C ALA B 186 -39.47 51.32 -12.72
N VAL B 187 -39.69 52.39 -13.47
CA VAL B 187 -40.85 52.48 -14.35
C VAL B 187 -40.42 52.04 -15.75
N LEU B 188 -41.32 51.38 -16.46
CA LEU B 188 -41.07 51.04 -17.84
C LEU B 188 -41.59 52.16 -18.74
N GLN B 189 -40.72 52.70 -19.58
CA GLN B 189 -41.08 53.75 -20.50
C GLN B 189 -41.94 53.18 -21.63
N SER B 190 -42.41 54.05 -22.51
CA SER B 190 -43.17 53.69 -23.70
C SER B 190 -42.30 53.02 -24.77
N SER B 191 -41.03 52.72 -24.49
CA SER B 191 -40.12 52.13 -25.47
C SER B 191 -39.76 50.69 -25.18
N GLY B 192 -39.57 50.34 -23.91
CA GLY B 192 -39.15 49.01 -23.54
C GLY B 192 -38.00 49.02 -22.56
N LEU B 193 -37.68 50.19 -22.02
CA LEU B 193 -36.53 50.40 -21.15
C LEU B 193 -36.99 50.99 -19.82
N TYR B 194 -36.41 50.51 -18.73
CA TYR B 194 -36.80 50.93 -17.39
C TYR B 194 -36.00 52.14 -16.93
N SER B 195 -36.31 52.62 -15.73
CA SER B 195 -35.52 53.64 -15.03
C SER B 195 -35.92 53.76 -13.57
N LEU B 196 -34.94 53.64 -12.66
CA LEU B 196 -35.18 53.78 -11.23
C LEU B 196 -34.16 54.76 -10.64
N SER B 197 -34.39 55.11 -9.36
CA SER B 197 -33.52 56.00 -8.61
C SER B 197 -33.25 55.39 -7.24
N SER B 198 -32.32 56.00 -6.51
CA SER B 198 -31.86 55.46 -5.23
C SER B 198 -31.19 56.57 -4.44
N VAL B 199 -31.49 56.63 -3.15
CA VAL B 199 -30.98 57.71 -2.30
C VAL B 199 -30.78 57.24 -0.87
N VAL B 200 -29.55 57.34 -0.36
CA VAL B 200 -29.25 57.10 1.04
C VAL B 200 -29.25 58.43 1.77
N THR B 201 -29.74 58.43 3.02
CA THR B 201 -29.73 59.60 3.86
C THR B 201 -28.58 59.51 4.85
N VAL B 202 -27.65 60.46 4.78
CA VAL B 202 -26.51 60.51 5.69
C VAL B 202 -26.39 61.94 6.22
N PRO B 203 -25.78 62.14 7.40
CA PRO B 203 -25.69 63.50 7.94
C PRO B 203 -24.90 64.43 7.04
N SER B 204 -25.06 65.73 7.29
CA SER B 204 -24.39 66.76 6.50
C SER B 204 -22.96 67.04 6.97
N SER B 205 -22.57 66.55 8.15
CA SER B 205 -21.26 66.84 8.69
C SER B 205 -20.17 65.91 8.16
N SER B 206 -20.53 64.88 7.40
CA SER B 206 -19.57 63.89 6.90
C SER B 206 -19.16 64.28 5.49
N LEU B 207 -17.98 64.88 5.35
CA LEU B 207 -17.45 65.25 4.04
C LEU B 207 -16.18 64.48 3.70
N GLY B 208 -15.15 64.54 4.53
CA GLY B 208 -13.89 63.89 4.25
C GLY B 208 -13.60 62.73 5.17
N THR B 209 -14.66 62.19 5.79
CA THR B 209 -14.51 61.10 6.74
C THR B 209 -15.11 59.78 6.26
N GLN B 210 -15.91 59.80 5.20
CA GLN B 210 -16.51 58.59 4.66
C GLN B 210 -16.61 58.70 3.15
N THR B 211 -16.19 57.63 2.46
CA THR B 211 -16.27 57.57 1.01
C THR B 211 -17.58 56.89 0.60
N TYR B 212 -18.27 57.48 -0.37
CA TYR B 212 -19.56 56.99 -0.85
C TYR B 212 -19.38 56.43 -2.25
N ILE B 213 -19.44 55.11 -2.39
CA ILE B 213 -19.25 54.44 -3.68
C ILE B 213 -20.50 53.60 -3.95
N CYS B 214 -21.38 54.11 -4.81
CA CYS B 214 -22.56 53.35 -5.22
C CYS B 214 -22.13 52.32 -6.28
N ASN B 215 -22.33 51.04 -5.98
CA ASN B 215 -21.91 49.94 -6.86
C ASN B 215 -23.16 49.38 -7.52
N VAL B 216 -23.45 49.88 -8.72
CA VAL B 216 -24.55 49.36 -9.52
C VAL B 216 -24.07 48.15 -10.31
N ASN B 217 -24.62 46.98 -10.00
CA ASN B 217 -24.29 45.74 -10.67
C ASN B 217 -25.49 45.30 -11.49
N HIS B 218 -25.29 45.12 -12.79
CA HIS B 218 -26.29 44.55 -13.69
C HIS B 218 -25.72 43.26 -14.28
N LYS B 219 -26.35 42.14 -13.94
CA LYS B 219 -25.86 40.81 -14.27
C LYS B 219 -26.19 40.38 -15.70
N PRO B 220 -27.43 40.55 -16.19
CA PRO B 220 -27.72 40.14 -17.58
C PRO B 220 -26.82 40.81 -18.62
N SER B 221 -26.21 41.95 -18.32
CA SER B 221 -25.27 42.60 -19.23
C SER B 221 -23.83 42.55 -18.74
N ASN B 222 -23.59 42.00 -17.54
CA ASN B 222 -22.24 41.80 -17.02
C ASN B 222 -21.50 43.14 -16.87
N THR B 223 -22.10 44.07 -16.14
CA THR B 223 -21.50 45.38 -15.93
C THR B 223 -21.59 45.77 -14.47
N LYS B 224 -20.48 46.31 -13.94
CA LYS B 224 -20.40 46.78 -12.56
C LYS B 224 -19.85 48.21 -12.57
N VAL B 225 -20.72 49.17 -12.33
CA VAL B 225 -20.36 50.58 -12.30
C VAL B 225 -20.16 51.01 -10.86
N ASP B 226 -19.00 51.57 -10.56
CA ASP B 226 -18.67 52.05 -9.21
C ASP B 226 -18.60 53.58 -9.27
N LYS B 227 -19.74 54.22 -9.01
CA LYS B 227 -19.83 55.67 -9.04
C LYS B 227 -19.48 56.26 -7.68
N ARG B 228 -18.73 57.36 -7.70
CA ARG B 228 -18.41 58.10 -6.48
C ARG B 228 -19.33 59.31 -6.38
N VAL B 229 -20.17 59.34 -5.35
CA VAL B 229 -21.13 60.42 -5.16
C VAL B 229 -20.45 61.54 -4.37
N GLU B 230 -20.57 62.76 -4.87
CA GLU B 230 -19.91 63.90 -4.26
C GLU B 230 -20.67 64.36 -3.02
N PRO B 231 -19.99 64.60 -1.90
CA PRO B 231 -20.67 65.10 -0.70
C PRO B 231 -20.91 66.60 -0.68
N LYS B 232 -20.61 67.31 -1.77
CA LYS B 232 -20.89 68.74 -1.87
C LYS B 232 -22.21 68.94 -2.61
N SER B 233 -23.12 69.67 -2.00
CA SER B 233 -24.49 69.80 -2.48
C SER B 233 -24.71 71.11 -3.22
N CYS B 234 -25.90 71.24 -3.81
CA CYS B 234 -26.27 72.44 -4.56
C CYS B 234 -27.58 73.05 -4.09
N ASP B 235 -28.11 72.62 -2.95
CA ASP B 235 -29.36 73.17 -2.42
C ASP B 235 -29.07 74.40 -1.59
N LYS B 236 -29.94 75.41 -1.71
CA LYS B 236 -29.79 76.64 -0.97
C LYS B 236 -30.36 76.58 0.44
N GLY B 237 -30.94 75.44 0.83
CA GLY B 237 -31.44 75.27 2.18
C GLY B 237 -30.52 74.40 3.01
N LEU B 238 -29.56 73.74 2.35
CA LEU B 238 -28.54 72.97 3.03
C LEU B 238 -27.21 73.70 3.11
N GLU B 239 -26.95 74.64 2.18
CA GLU B 239 -25.73 75.43 2.24
C GLU B 239 -25.64 76.24 3.53
N VAL B 240 -26.76 76.46 4.21
CA VAL B 240 -26.74 77.16 5.50
C VAL B 240 -26.02 76.34 6.56
N LEU B 241 -25.88 75.03 6.35
CA LEU B 241 -25.30 74.15 7.35
C LEU B 241 -23.81 73.90 7.16
N PHE B 242 -23.27 74.19 5.98
CA PHE B 242 -21.85 73.97 5.72
C PHE B 242 -21.05 75.25 5.97
N SER C 2 -58.90 33.11 -9.80
CA SER C 2 -58.70 32.11 -8.76
C SER C 2 -60.04 31.58 -8.26
N VAL C 3 -59.99 30.51 -7.45
CA VAL C 3 -61.20 29.87 -6.96
C VAL C 3 -61.50 30.18 -5.50
N LEU C 4 -60.53 30.69 -4.74
CA LEU C 4 -60.73 31.06 -3.34
C LEU C 4 -60.87 32.57 -3.25
N THR C 5 -61.90 33.03 -2.53
CA THR C 5 -62.29 34.44 -2.52
C THR C 5 -62.12 35.02 -1.13
N GLN C 6 -61.35 36.09 -1.02
CA GLN C 6 -61.23 36.86 0.20
C GLN C 6 -62.20 38.04 0.14
N SER C 7 -62.10 38.97 1.08
CA SER C 7 -62.83 40.22 0.98
C SER C 7 -62.03 41.21 0.16
N ALA C 8 -62.72 42.16 -0.47
CA ALA C 8 -62.06 43.17 -1.29
C ALA C 8 -60.99 43.88 -0.48
N SER C 9 -61.40 44.54 0.61
CA SER C 9 -60.48 45.08 1.59
C SER C 9 -61.25 45.26 2.89
N VAL C 10 -60.58 45.82 3.90
CA VAL C 10 -61.20 46.04 5.21
C VAL C 10 -60.36 47.07 5.94
N SER C 11 -60.97 47.75 6.90
CA SER C 11 -60.30 48.79 7.67
C SER C 11 -60.47 48.54 9.16
N GLY C 12 -59.65 49.23 9.95
CA GLY C 12 -59.68 49.12 11.39
C GLY C 12 -58.76 50.14 12.04
N SER C 13 -59.19 50.72 13.15
CA SER C 13 -58.44 51.82 13.78
C SER C 13 -57.26 51.26 14.57
N LEU C 14 -56.55 52.15 15.27
CA LEU C 14 -55.43 51.76 16.11
C LEU C 14 -55.92 51.40 17.50
N GLY C 15 -55.21 50.46 18.14
CA GLY C 15 -55.69 49.90 19.38
C GLY C 15 -57.00 49.18 19.24
N GLN C 16 -57.34 48.72 18.04
CA GLN C 16 -58.61 48.05 17.77
C GLN C 16 -58.32 46.80 16.92
N SER C 17 -59.37 46.03 16.66
CA SER C 17 -59.26 44.77 15.93
C SER C 17 -59.84 44.91 14.53
N VAL C 18 -59.62 43.88 13.73
CA VAL C 18 -60.06 43.85 12.33
C VAL C 18 -60.18 42.40 11.90
N THR C 19 -61.18 42.11 11.09
CA THR C 19 -61.43 40.77 10.60
C THR C 19 -61.26 40.71 9.09
N ILE C 20 -60.84 39.54 8.60
CA ILE C 20 -60.73 39.27 7.17
C ILE C 20 -61.34 37.91 6.88
N SER C 21 -62.27 37.87 5.93
CA SER C 21 -62.95 36.65 5.55
C SER C 21 -62.19 35.93 4.43
N CYS C 22 -62.36 34.60 4.38
CA CYS C 22 -61.69 33.76 3.40
C CYS C 22 -62.67 32.62 3.08
N THR C 23 -63.47 32.81 2.04
CA THR C 23 -64.59 31.93 1.70
C THR C 23 -64.46 31.45 0.25
N GLY C 24 -65.13 30.33 -0.03
CA GLY C 24 -65.12 29.75 -1.35
C GLY C 24 -66.10 28.59 -1.49
N PRO C 25 -66.06 27.92 -2.64
CA PRO C 25 -66.94 26.77 -2.86
C PRO C 25 -66.47 25.54 -2.09
N ASN C 26 -67.32 24.51 -2.09
CA ASN C 26 -67.06 23.30 -1.33
C ASN C 26 -65.88 22.50 -1.84
N SER C 27 -65.38 22.78 -3.04
CA SER C 27 -64.22 22.06 -3.55
C SER C 27 -62.91 22.57 -2.99
N VAL C 28 -62.91 23.72 -2.30
CA VAL C 28 -61.70 24.26 -1.72
C VAL C 28 -61.84 24.56 -0.24
N CYS C 29 -63.04 24.74 0.27
CA CYS C 29 -63.25 25.17 1.65
C CYS C 29 -64.68 24.89 2.07
N CYS C 30 -64.86 24.49 3.33
CA CYS C 30 -63.76 24.24 4.25
C CYS C 30 -63.94 22.86 4.88
N SER C 31 -64.83 22.08 4.30
CA SER C 31 -65.01 20.70 4.72
C SER C 31 -63.82 19.87 4.25
N HIS C 32 -63.09 19.30 5.22
CA HIS C 32 -61.92 18.46 4.95
C HIS C 32 -60.78 19.26 4.34
N LYS C 33 -60.55 20.48 4.85
CA LYS C 33 -59.47 21.33 4.39
C LYS C 33 -58.90 22.10 5.56
N SER C 34 -57.69 22.64 5.36
CA SER C 34 -57.03 23.48 6.35
C SER C 34 -56.73 24.86 5.76
N ILE C 35 -56.50 25.83 6.65
CA ILE C 35 -56.35 27.23 6.27
C ILE C 35 -55.05 27.77 6.90
N SER C 36 -54.32 28.57 6.13
CA SER C 36 -53.13 29.26 6.61
C SER C 36 -53.18 30.71 6.19
N TRP C 37 -52.41 31.53 6.90
CA TRP C 37 -52.47 32.99 6.80
C TRP C 37 -51.06 33.57 6.81
N TYR C 38 -50.79 34.42 5.81
CA TYR C 38 -49.48 35.01 5.57
C TYR C 38 -49.61 36.53 5.48
N GLN C 39 -48.72 37.24 6.16
CA GLN C 39 -48.52 38.68 5.99
C GLN C 39 -47.48 38.87 4.89
N TRP C 40 -47.94 39.28 3.71
CA TRP C 40 -47.11 39.33 2.51
C TRP C 40 -47.02 40.76 2.00
N PRO C 41 -46.07 41.55 2.49
CA PRO C 41 -45.84 42.88 1.93
C PRO C 41 -45.44 42.78 0.47
N PRO C 42 -46.08 43.55 -0.41
CA PRO C 42 -45.76 43.46 -1.84
C PRO C 42 -44.30 43.80 -2.10
N GLY C 43 -43.64 42.93 -2.85
CA GLY C 43 -42.23 43.09 -3.14
C GLY C 43 -41.29 42.58 -2.07
N ARG C 44 -41.80 42.23 -0.89
CA ARG C 44 -40.99 41.70 0.19
C ARG C 44 -41.33 40.23 0.42
N ALA C 45 -40.43 39.54 1.11
CA ALA C 45 -40.68 38.15 1.46
C ALA C 45 -41.75 38.06 2.53
N PRO C 46 -42.69 37.12 2.41
CA PRO C 46 -43.80 37.06 3.37
C PRO C 46 -43.37 36.56 4.74
N THR C 47 -44.35 36.43 5.64
CA THR C 47 -44.13 35.90 6.98
C THR C 47 -45.32 35.04 7.34
N LEU C 48 -45.09 33.75 7.59
CA LEU C 48 -46.18 32.88 8.01
C LEU C 48 -46.75 33.36 9.35
N ILE C 49 -48.07 33.55 9.37
CA ILE C 49 -48.79 33.98 10.57
C ILE C 49 -49.51 32.82 11.23
N ILE C 50 -50.44 32.17 10.51
CA ILE C 50 -51.32 31.18 11.15
C ILE C 50 -51.32 29.89 10.32
N TYR C 51 -50.97 28.78 10.96
CA TYR C 51 -51.03 27.47 10.32
C TYR C 51 -52.01 26.58 11.08
N GLU C 52 -52.51 25.54 10.38
CA GLU C 52 -53.47 24.59 10.94
C GLU C 52 -54.69 25.30 11.53
N ASP C 53 -55.08 26.40 10.86
CA ASP C 53 -56.28 27.21 11.02
C ASP C 53 -56.31 28.10 12.25
N ASN C 54 -55.51 27.81 13.27
CA ASN C 54 -55.47 28.70 14.44
C ASN C 54 -54.11 28.79 15.11
N GLU C 55 -53.22 27.83 14.84
CA GLU C 55 -51.96 27.75 15.54
C GLU C 55 -51.01 28.82 15.01
N ARG C 56 -50.55 29.69 15.89
CA ARG C 56 -49.60 30.73 15.51
C ARG C 56 -48.25 30.11 15.17
N ALA C 57 -47.70 30.51 14.02
CA ALA C 57 -46.38 30.07 13.65
C ALA C 57 -45.36 30.46 14.72
N PRO C 58 -44.22 29.79 14.77
CA PRO C 58 -43.17 30.18 15.73
C PRO C 58 -42.83 31.66 15.62
N GLY C 59 -42.76 32.32 16.76
CA GLY C 59 -42.41 33.72 16.79
C GLY C 59 -43.52 34.68 16.43
N ILE C 60 -44.73 34.19 16.21
CA ILE C 60 -45.87 35.05 15.87
C ILE C 60 -46.59 35.43 17.15
N SER C 61 -46.66 36.74 17.42
CA SER C 61 -47.22 37.33 18.64
C SER C 61 -48.63 36.83 18.90
N PRO C 62 -49.03 36.69 20.17
CA PRO C 62 -50.40 36.27 20.48
C PRO C 62 -51.47 37.26 20.07
N ARG C 63 -51.11 38.41 19.52
CA ARG C 63 -52.10 39.36 19.03
C ARG C 63 -52.95 38.76 17.93
N PHE C 64 -52.31 38.07 16.98
CA PHE C 64 -53.03 37.49 15.85
C PHE C 64 -53.82 36.26 16.29
N SER C 65 -54.96 36.06 15.63
CA SER C 65 -55.74 34.84 15.82
C SER C 65 -56.57 34.61 14.55
N GLY C 66 -57.19 33.44 14.50
CA GLY C 66 -58.04 33.08 13.38
C GLY C 66 -59.09 32.07 13.82
N TYR C 67 -59.98 31.73 12.89
CA TYR C 67 -61.00 30.72 13.17
C TYR C 67 -61.60 30.27 11.84
N LYS C 68 -62.01 29.02 11.78
CA LYS C 68 -62.60 28.45 10.57
C LYS C 68 -64.00 27.94 10.85
N SER C 69 -64.97 28.41 10.07
CA SER C 69 -66.30 27.82 10.04
C SER C 69 -66.33 26.71 8.98
N TYR C 70 -67.50 26.11 8.77
CA TYR C 70 -67.60 25.09 7.75
C TYR C 70 -67.66 25.65 6.34
N TRP C 71 -67.75 26.98 6.20
CA TRP C 71 -67.80 27.61 4.89
C TRP C 71 -66.82 28.76 4.70
N SER C 72 -66.28 29.34 5.77
CA SER C 72 -65.30 30.42 5.63
C SER C 72 -64.45 30.51 6.88
N ALA C 73 -63.21 30.94 6.69
CA ALA C 73 -62.28 31.24 7.77
C ALA C 73 -62.10 32.75 7.88
N TYR C 74 -61.53 33.17 9.01
CA TYR C 74 -61.41 34.59 9.35
C TYR C 74 -60.12 34.81 10.11
N LEU C 75 -59.43 35.89 9.78
CA LEU C 75 -58.24 36.35 10.49
C LEU C 75 -58.58 37.59 11.30
N THR C 76 -57.96 37.71 12.47
CA THR C 76 -58.19 38.83 13.37
C THR C 76 -56.85 39.31 13.91
N ILE C 77 -56.56 40.59 13.69
CA ILE C 77 -55.35 41.24 14.18
C ILE C 77 -55.80 42.23 15.25
N SER C 78 -55.58 41.88 16.51
CA SER C 78 -55.95 42.76 17.62
C SER C 78 -54.79 43.68 17.97
N ASP C 79 -55.13 44.82 18.58
CA ASP C 79 -54.19 45.90 18.86
C ASP C 79 -53.44 46.28 17.58
N LEU C 80 -54.21 46.79 16.62
CA LEU C 80 -53.71 47.02 15.27
C LEU C 80 -52.48 47.92 15.27
N ARG C 81 -51.47 47.52 14.52
CA ARG C 81 -50.19 48.20 14.40
C ARG C 81 -50.06 48.87 13.04
N PRO C 82 -49.16 49.86 12.92
CA PRO C 82 -49.02 50.57 11.64
C PRO C 82 -48.47 49.70 10.52
N GLU C 83 -47.40 48.96 10.80
CA GLU C 83 -46.77 48.14 9.78
C GLU C 83 -47.67 47.02 9.28
N ASP C 84 -48.75 46.72 10.02
CA ASP C 84 -49.69 45.71 9.57
C ASP C 84 -50.41 46.12 8.30
N GLU C 85 -50.30 47.39 7.90
CA GLU C 85 -51.01 47.87 6.73
C GLU C 85 -50.34 47.32 5.47
N THR C 86 -50.81 46.19 4.99
CA THR C 86 -50.23 45.50 3.84
C THR C 86 -51.21 44.45 3.36
N THR C 87 -50.76 43.60 2.44
CA THR C 87 -51.59 42.55 1.87
C THR C 87 -51.44 41.26 2.67
N TYR C 88 -52.53 40.51 2.78
CA TYR C 88 -52.58 39.27 3.55
C TYR C 88 -53.25 38.18 2.70
N TYR C 89 -52.67 36.99 2.72
CA TYR C 89 -53.16 35.90 1.88
C TYR C 89 -53.42 34.66 2.72
N CYS C 90 -54.58 34.03 2.51
CA CYS C 90 -54.89 32.71 3.07
C CYS C 90 -54.63 31.62 2.04
N CYS C 91 -54.62 30.37 2.49
CA CYS C 91 -54.58 29.25 1.55
C CYS C 91 -55.21 28.02 2.21
N SER C 92 -55.84 27.20 1.38
CA SER C 92 -56.49 25.97 1.82
C SER C 92 -55.65 24.79 1.38
N TYR C 93 -55.11 24.05 2.33
CA TYR C 93 -54.22 22.94 2.04
C TYR C 93 -54.70 21.69 2.79
N THR C 94 -54.15 20.55 2.36
CA THR C 94 -54.30 19.29 3.06
C THR C 94 -52.94 18.60 3.10
N HIS C 95 -52.90 17.41 3.72
CA HIS C 95 -51.63 16.71 3.84
C HIS C 95 -51.14 16.19 2.49
N ASN C 96 -52.06 15.76 1.62
CA ASN C 96 -51.69 15.15 0.35
C ASN C 96 -51.61 16.16 -0.79
N SER C 97 -52.71 16.86 -1.06
CA SER C 97 -52.81 17.69 -2.26
C SER C 97 -52.01 18.98 -2.12
N GLY C 98 -52.05 19.82 -3.16
CA GLY C 98 -51.40 21.11 -3.12
C GLY C 98 -52.28 22.19 -2.50
N CYS C 99 -51.65 23.32 -2.17
CA CYS C 99 -52.32 24.45 -1.55
C CYS C 99 -52.61 25.53 -2.58
N VAL C 100 -53.80 26.11 -2.48
CA VAL C 100 -54.27 27.13 -3.40
C VAL C 100 -54.45 28.42 -2.62
N PHE C 101 -53.86 29.50 -3.14
CA PHE C 101 -53.98 30.79 -2.49
C PHE C 101 -55.37 31.38 -2.73
N GLY C 102 -55.65 32.47 -2.03
CA GLY C 102 -56.92 33.16 -2.17
C GLY C 102 -56.91 34.20 -3.27
N THR C 103 -57.50 35.36 -3.00
CA THR C 103 -57.49 36.48 -3.94
C THR C 103 -56.70 37.67 -3.45
N GLY C 104 -56.62 37.90 -2.14
CA GLY C 104 -55.82 38.98 -1.59
C GLY C 104 -56.68 39.98 -0.85
N THR C 105 -56.23 40.35 0.34
CA THR C 105 -56.88 41.36 1.17
C THR C 105 -55.86 42.42 1.53
N LYS C 106 -56.17 43.68 1.23
CA LYS C 106 -55.33 44.81 1.58
C LYS C 106 -55.89 45.46 2.84
N VAL C 107 -55.10 45.47 3.90
CA VAL C 107 -55.55 45.95 5.21
C VAL C 107 -55.36 47.46 5.27
N SER C 108 -56.47 48.19 5.44
CA SER C 108 -56.46 49.65 5.47
C SER C 108 -56.60 50.11 6.92
N VAL C 109 -55.48 50.12 7.65
CA VAL C 109 -55.50 50.56 9.04
C VAL C 109 -55.82 52.04 9.09
N LEU C 110 -56.99 52.39 9.61
CA LEU C 110 -57.40 53.79 9.70
C LEU C 110 -56.79 54.45 10.93
N GLY C 111 -56.86 55.78 10.95
CA GLY C 111 -56.30 56.55 12.04
C GLY C 111 -54.79 56.61 12.03
N GLN C 112 -54.22 57.25 11.02
CA GLN C 112 -52.77 57.31 10.85
C GLN C 112 -52.38 58.68 10.33
N SER C 113 -51.38 59.29 10.96
CA SER C 113 -50.97 60.64 10.62
C SER C 113 -50.28 60.68 9.25
N LYS C 114 -50.61 61.69 8.46
CA LYS C 114 -50.05 61.84 7.13
C LYS C 114 -48.65 62.45 7.20
N ALA C 115 -48.03 62.61 6.03
CA ALA C 115 -46.74 63.27 5.91
C ALA C 115 -46.68 63.95 4.55
N ASN C 116 -46.18 65.18 4.52
CA ASN C 116 -46.17 65.94 3.29
C ASN C 116 -45.10 65.41 2.33
N PRO C 117 -45.39 65.35 1.03
CA PRO C 117 -44.41 64.80 0.09
C PRO C 117 -43.18 65.69 -0.05
N SER C 118 -42.02 65.05 -0.10
CA SER C 118 -40.73 65.72 -0.26
C SER C 118 -40.25 65.46 -1.68
N VAL C 119 -40.59 66.35 -2.59
CA VAL C 119 -40.32 66.19 -4.01
C VAL C 119 -39.00 66.84 -4.37
N THR C 120 -38.31 66.28 -5.38
CA THR C 120 -37.08 66.90 -5.88
C THR C 120 -36.94 66.60 -7.36
N LEU C 121 -36.72 67.65 -8.16
CA LEU C 121 -36.61 67.54 -9.60
C LEU C 121 -35.17 67.83 -10.05
N PHE C 122 -34.68 67.03 -11.00
CA PHE C 122 -33.32 67.10 -11.49
C PHE C 122 -33.32 67.41 -12.98
N PRO C 123 -32.49 68.35 -13.43
CA PRO C 123 -32.40 68.66 -14.86
C PRO C 123 -31.38 67.75 -15.55
N PRO C 124 -31.27 67.83 -16.88
CA PRO C 124 -30.28 66.99 -17.56
C PRO C 124 -28.85 67.36 -17.18
N SER C 125 -28.01 66.34 -17.04
CA SER C 125 -26.63 66.53 -16.64
C SER C 125 -25.80 67.09 -17.79
N SER C 126 -24.56 67.47 -17.48
CA SER C 126 -23.66 68.00 -18.49
C SER C 126 -23.18 66.91 -19.45
N GLU C 127 -23.11 65.66 -18.97
CA GLU C 127 -22.76 64.54 -19.83
C GLU C 127 -23.94 64.04 -20.64
N GLU C 128 -25.16 64.34 -20.20
CA GLU C 128 -26.37 64.04 -20.98
C GLU C 128 -26.67 65.11 -22.02
N LEU C 129 -26.26 66.35 -21.78
CA LEU C 129 -26.35 67.40 -22.79
C LEU C 129 -25.20 67.34 -23.79
N GLN C 130 -24.17 66.53 -23.53
CA GLN C 130 -23.17 66.19 -24.51
C GLN C 130 -23.39 64.80 -25.10
N ALA C 131 -24.62 64.31 -25.03
CA ALA C 131 -24.97 62.96 -25.47
C ALA C 131 -25.63 62.90 -26.85
N ASN C 132 -26.69 63.69 -27.13
CA ASN C 132 -27.29 64.71 -26.26
C ASN C 132 -28.74 64.37 -25.90
N LYS C 133 -29.01 64.23 -24.60
CA LYS C 133 -30.35 63.92 -24.11
C LYS C 133 -30.71 64.87 -22.98
N ALA C 134 -32.01 64.89 -22.66
CA ALA C 134 -32.52 65.70 -21.57
C ALA C 134 -33.68 64.97 -20.93
N THR C 135 -33.55 64.65 -19.64
CA THR C 135 -34.57 63.91 -18.91
C THR C 135 -34.75 64.55 -17.55
N LEU C 136 -35.97 65.00 -17.26
CA LEU C 136 -36.27 65.60 -15.97
C LEU C 136 -36.64 64.50 -14.97
N VAL C 137 -35.91 64.43 -13.87
CA VAL C 137 -36.08 63.35 -12.90
C VAL C 137 -36.79 63.90 -11.67
N CYS C 138 -38.07 63.55 -11.50
CA CYS C 138 -38.92 64.12 -10.47
C CYS C 138 -39.24 63.04 -9.42
N LEU C 139 -38.49 63.03 -8.32
CA LEU C 139 -38.64 62.01 -7.29
C LEU C 139 -39.59 62.47 -6.19
N ILE C 140 -40.45 61.55 -5.75
CA ILE C 140 -41.41 61.77 -4.67
C ILE C 140 -41.12 60.79 -3.55
N SER C 141 -41.25 61.25 -2.31
CA SER C 141 -41.02 60.37 -1.17
C SER C 141 -41.72 60.94 0.06
N ASP C 142 -41.90 60.07 1.05
CA ASP C 142 -42.34 60.45 2.40
C ASP C 142 -43.78 60.96 2.43
N PHE C 143 -44.65 60.42 1.59
CA PHE C 143 -46.06 60.78 1.65
C PHE C 143 -46.90 59.58 2.10
N TYR C 144 -48.06 59.90 2.68
CA TYR C 144 -49.00 58.92 3.19
C TYR C 144 -50.38 59.57 3.13
N PRO C 145 -51.39 58.89 2.59
CA PRO C 145 -51.34 57.56 1.98
C PRO C 145 -50.71 57.53 0.58
N GLY C 146 -50.53 56.33 0.04
CA GLY C 146 -49.84 56.12 -1.21
C GLY C 146 -50.69 56.28 -2.46
N ALA C 147 -51.00 57.53 -2.82
CA ALA C 147 -51.69 57.82 -4.08
C ALA C 147 -51.38 59.25 -4.49
N VAL C 148 -50.60 59.41 -5.56
CA VAL C 148 -50.22 60.73 -6.06
C VAL C 148 -50.34 60.73 -7.58
N THR C 149 -50.65 61.90 -8.14
CA THR C 149 -50.79 62.04 -9.59
C THR C 149 -49.84 63.11 -10.09
N VAL C 150 -48.98 62.76 -11.04
CA VAL C 150 -47.95 63.67 -11.54
C VAL C 150 -48.38 64.22 -12.89
N ALA C 151 -48.44 65.55 -13.00
CA ALA C 151 -48.77 66.23 -14.24
C ALA C 151 -47.67 67.22 -14.57
N TRP C 152 -47.21 67.23 -15.82
CA TRP C 152 -46.14 68.08 -16.27
C TRP C 152 -46.68 69.22 -17.13
N LYS C 153 -45.99 70.35 -17.09
CA LYS C 153 -46.39 71.53 -17.85
C LYS C 153 -45.17 72.16 -18.51
N ALA C 154 -45.25 72.38 -19.81
CA ALA C 154 -44.15 72.93 -20.60
C ALA C 154 -44.34 74.44 -20.69
N ASP C 155 -43.56 75.18 -19.90
CA ASP C 155 -43.71 76.63 -19.75
C ASP C 155 -45.16 76.99 -19.44
N SER C 156 -45.70 76.37 -18.38
CA SER C 156 -47.06 76.61 -17.91
C SER C 156 -48.10 76.21 -18.95
N SER C 157 -47.77 75.23 -19.80
CA SER C 157 -48.71 74.67 -20.76
C SER C 157 -48.67 73.16 -20.60
N PRO C 158 -49.80 72.49 -20.35
CA PRO C 158 -49.77 71.05 -20.10
C PRO C 158 -49.25 70.27 -21.29
N VAL C 159 -48.24 69.44 -21.03
CA VAL C 159 -47.65 68.59 -22.05
C VAL C 159 -48.30 67.22 -22.00
N LYS C 160 -48.42 66.59 -23.16
CA LYS C 160 -49.01 65.26 -23.28
C LYS C 160 -48.09 64.35 -24.08
N ALA C 161 -46.78 64.50 -23.89
CA ALA C 161 -45.79 63.73 -24.61
C ALA C 161 -44.62 63.42 -23.67
N GLY C 162 -44.39 62.14 -23.41
CA GLY C 162 -43.24 61.73 -22.63
C GLY C 162 -43.41 61.89 -21.13
N VAL C 163 -44.45 61.28 -20.56
CA VAL C 163 -44.72 61.33 -19.12
C VAL C 163 -44.40 59.97 -18.54
N GLU C 164 -43.52 59.96 -17.54
CA GLU C 164 -43.13 58.76 -16.83
C GLU C 164 -43.64 58.84 -15.39
N THR C 165 -44.28 57.77 -14.92
CA THR C 165 -44.85 57.76 -13.59
C THR C 165 -44.74 56.36 -13.00
N THR C 166 -44.05 56.24 -11.87
CA THR C 166 -44.06 54.99 -11.11
C THR C 166 -45.31 54.92 -10.23
N THR C 167 -45.64 53.70 -9.83
CA THR C 167 -46.65 53.54 -8.80
C THR C 167 -46.05 53.81 -7.42
N PRO C 168 -46.86 54.29 -6.48
CA PRO C 168 -46.33 54.55 -5.14
C PRO C 168 -46.07 53.24 -4.38
N SER C 169 -44.91 53.18 -3.74
CA SER C 169 -44.47 51.99 -3.04
C SER C 169 -44.10 52.33 -1.59
N LYS C 170 -44.25 51.33 -0.72
CA LYS C 170 -44.01 51.48 0.71
C LYS C 170 -42.53 51.32 1.02
N GLN C 171 -41.97 52.27 1.78
CA GLN C 171 -40.56 52.26 2.13
C GLN C 171 -40.33 51.40 3.37
N SER C 172 -39.12 51.47 3.92
CA SER C 172 -38.79 50.78 5.17
C SER C 172 -39.25 51.54 6.40
N ASN C 173 -39.60 52.82 6.26
CA ASN C 173 -40.05 53.65 7.37
C ASN C 173 -41.57 53.78 7.41
N ASN C 174 -42.29 52.89 6.74
CA ASN C 174 -43.76 52.83 6.78
C ASN C 174 -44.41 54.06 6.15
N LYS C 175 -43.77 54.64 5.13
CA LYS C 175 -44.34 55.68 4.31
C LYS C 175 -44.40 55.20 2.86
N TYR C 176 -44.74 56.10 1.95
CA TYR C 176 -44.83 55.77 0.54
C TYR C 176 -44.00 56.76 -0.28
N ALA C 177 -43.76 56.38 -1.53
CA ALA C 177 -42.86 57.15 -2.39
C ALA C 177 -43.10 56.75 -3.84
N ALA C 178 -42.73 57.65 -4.75
CA ALA C 178 -42.90 57.41 -6.19
C ALA C 178 -41.76 58.10 -6.93
N SER C 179 -41.75 57.94 -8.25
CA SER C 179 -40.71 58.55 -9.08
C SER C 179 -41.23 58.74 -10.49
N SER C 180 -41.41 59.99 -10.88
CA SER C 180 -41.81 60.37 -12.23
C SER C 180 -40.61 60.90 -13.01
N TYR C 181 -40.75 60.90 -14.33
CA TYR C 181 -39.74 61.49 -15.20
C TYR C 181 -40.42 62.17 -16.38
N LEU C 182 -39.65 62.97 -17.10
CA LEU C 182 -40.08 63.57 -18.36
C LEU C 182 -38.98 63.33 -19.38
N SER C 183 -39.32 62.62 -20.45
CA SER C 183 -38.39 62.29 -21.54
C SER C 183 -38.84 63.05 -22.78
N LEU C 184 -38.38 64.30 -22.87
CA LEU C 184 -38.59 65.13 -24.05
C LEU C 184 -37.23 65.63 -24.53
N THR C 185 -37.19 66.06 -25.79
CA THR C 185 -35.93 66.51 -26.37
C THR C 185 -35.42 67.74 -25.61
N PRO C 186 -34.11 68.00 -25.64
CA PRO C 186 -33.60 69.26 -25.07
C PRO C 186 -34.21 70.48 -25.73
N GLU C 187 -34.59 70.38 -27.01
CA GLU C 187 -35.21 71.51 -27.68
C GLU C 187 -36.69 71.65 -27.35
N GLN C 188 -37.35 70.57 -26.92
CA GLN C 188 -38.74 70.68 -26.49
C GLN C 188 -38.86 71.60 -25.28
N TRP C 189 -37.89 71.53 -24.36
CA TRP C 189 -37.86 72.50 -23.29
C TRP C 189 -37.18 73.79 -23.71
N LYS C 190 -36.25 73.72 -24.67
CA LYS C 190 -35.44 74.89 -25.01
C LYS C 190 -36.29 76.12 -25.28
N SER C 191 -37.37 75.97 -26.04
CA SER C 191 -38.28 77.08 -26.28
C SER C 191 -39.05 77.49 -25.03
N HIS C 192 -38.99 76.70 -23.96
CA HIS C 192 -39.82 76.88 -22.78
C HIS C 192 -38.90 77.13 -21.58
N ARG C 193 -38.87 78.38 -21.12
CA ARG C 193 -37.80 78.87 -20.24
C ARG C 193 -37.91 78.37 -18.80
N SER C 194 -38.85 77.49 -18.48
CA SER C 194 -38.90 76.85 -17.16
C SER C 194 -39.86 75.67 -17.18
N TYR C 195 -39.42 74.51 -16.69
CA TYR C 195 -40.24 73.31 -16.71
C TYR C 195 -40.49 72.83 -15.29
N SER C 196 -41.69 72.28 -15.05
CA SER C 196 -42.15 71.95 -13.72
C SER C 196 -42.52 70.48 -13.60
N CYS C 197 -42.85 70.08 -12.38
CA CYS C 197 -43.37 68.75 -12.07
C CYS C 197 -44.44 68.92 -11.01
N GLN C 198 -45.65 68.48 -11.33
CA GLN C 198 -46.80 68.61 -10.44
C GLN C 198 -47.12 67.26 -9.80
N VAL C 199 -47.37 67.28 -8.50
CA VAL C 199 -47.66 66.09 -7.71
C VAL C 199 -48.89 66.39 -6.86
N THR C 200 -50.06 65.95 -7.33
CA THR C 200 -51.29 66.10 -6.57
C THR C 200 -51.42 64.97 -5.57
N HIS C 201 -51.61 65.34 -4.29
CA HIS C 201 -51.77 64.39 -3.21
C HIS C 201 -52.90 64.87 -2.31
N GLU C 202 -54.02 64.13 -2.31
CA GLU C 202 -55.16 64.42 -1.45
C GLU C 202 -55.61 65.87 -1.57
N GLY C 203 -55.62 66.38 -2.79
CA GLY C 203 -55.96 67.77 -3.03
C GLY C 203 -54.77 68.71 -2.96
N SER C 204 -53.93 68.54 -1.95
CA SER C 204 -52.74 69.37 -1.80
C SER C 204 -51.74 69.00 -2.89
N THR C 205 -51.49 69.93 -3.82
CA THR C 205 -50.59 69.70 -4.92
C THR C 205 -49.26 70.40 -4.65
N VAL C 206 -48.16 69.66 -4.77
CA VAL C 206 -46.82 70.20 -4.61
C VAL C 206 -46.11 70.11 -5.96
N GLU C 207 -45.39 71.18 -6.31
CA GLU C 207 -44.83 71.30 -7.65
C GLU C 207 -43.42 71.89 -7.55
N LYS C 208 -42.54 71.47 -8.46
CA LYS C 208 -41.17 71.95 -8.46
C LYS C 208 -40.75 72.32 -9.88
N THR C 209 -40.17 73.50 -10.04
CA THR C 209 -39.82 74.04 -11.35
C THR C 209 -38.33 74.32 -11.42
N VAL C 210 -37.70 73.86 -12.50
CA VAL C 210 -36.33 74.23 -12.85
C VAL C 210 -36.39 75.29 -13.94
N ALA C 211 -35.60 76.36 -13.75
CA ALA C 211 -35.42 77.39 -14.76
C ALA C 211 -34.13 77.09 -15.51
N PRO C 212 -34.18 76.41 -16.66
CA PRO C 212 -32.94 76.04 -17.36
C PRO C 212 -32.29 77.19 -18.10
N THR C 213 -32.82 78.41 -17.98
CA THR C 213 -32.06 79.59 -18.37
C THR C 213 -30.91 79.86 -17.39
N GLU C 214 -31.09 79.48 -16.13
CA GLU C 214 -30.05 79.65 -15.12
C GLU C 214 -29.29 78.36 -14.88
N ALA D 25 -57.90 26.91 27.53
CA ALA D 25 -56.48 26.88 27.19
C ALA D 25 -55.81 25.71 27.87
N GLU D 26 -54.60 25.37 27.42
CA GLU D 26 -53.88 24.23 27.99
C GLU D 26 -52.46 24.63 28.37
N ASN D 27 -52.02 24.14 29.52
CA ASN D 27 -50.66 24.28 30.00
C ASN D 27 -49.97 22.92 29.90
N LEU D 28 -48.76 22.90 29.37
CA LEU D 28 -48.05 21.64 29.16
C LEU D 28 -47.53 21.08 30.48
N TRP D 29 -47.42 19.76 30.55
CA TRP D 29 -46.92 19.09 31.72
C TRP D 29 -45.81 18.14 31.33
N VAL D 30 -44.74 18.11 32.11
CA VAL D 30 -43.65 17.18 31.81
C VAL D 30 -44.15 15.76 32.01
N THR D 31 -43.71 14.88 31.13
CA THR D 31 -43.96 13.46 31.21
C THR D 31 -42.63 12.75 31.06
N VAL D 32 -42.45 11.67 31.82
CA VAL D 32 -41.18 10.95 31.90
C VAL D 32 -41.21 9.81 30.91
N TYR D 33 -40.09 9.60 30.23
CA TYR D 33 -39.98 8.60 29.18
C TYR D 33 -38.76 7.73 29.43
N TYR D 34 -38.95 6.43 29.36
CA TYR D 34 -37.88 5.44 29.46
C TYR D 34 -37.61 4.84 28.09
N GLY D 35 -36.35 4.51 27.84
CA GLY D 35 -35.96 3.97 26.56
C GLY D 35 -36.10 4.98 25.43
N VAL D 36 -35.53 6.16 25.60
CA VAL D 36 -35.53 7.16 24.53
C VAL D 36 -34.24 7.02 23.73
N PRO D 37 -34.30 7.06 22.40
CA PRO D 37 -33.08 6.93 21.60
C PRO D 37 -32.16 8.14 21.71
N VAL D 38 -31.53 8.31 22.87
CA VAL D 38 -30.58 9.39 23.10
C VAL D 38 -29.33 8.80 23.74
N TRP D 39 -28.17 9.11 23.15
CA TRP D 39 -26.87 8.71 23.67
C TRP D 39 -26.05 9.96 23.96
N LYS D 40 -24.86 9.75 24.51
CA LYS D 40 -23.86 10.80 24.63
C LYS D 40 -22.49 10.19 24.35
N ASP D 41 -21.56 11.04 23.91
CA ASP D 41 -20.22 10.56 23.61
C ASP D 41 -19.46 10.24 24.90
N ALA D 42 -18.79 9.09 24.91
CA ALA D 42 -18.06 8.64 26.08
C ALA D 42 -17.08 7.55 25.67
N GLU D 43 -16.37 7.03 26.67
CA GLU D 43 -15.50 5.85 26.55
C GLU D 43 -15.88 4.89 27.66
N THR D 44 -15.38 3.66 27.59
CA THR D 44 -15.72 2.67 28.60
C THR D 44 -14.76 1.48 28.49
N THR D 45 -15.08 0.42 29.24
CA THR D 45 -14.27 -0.80 29.28
C THR D 45 -14.88 -1.81 28.32
N LEU D 46 -14.21 -2.02 27.18
CA LEU D 46 -14.71 -2.89 26.13
C LEU D 46 -14.21 -4.31 26.33
N PHE D 47 -14.75 -5.25 25.54
CA PHE D 47 -14.36 -6.65 25.71
C PHE D 47 -14.32 -7.37 24.36
N CYS D 48 -13.54 -8.45 24.32
CA CYS D 48 -13.23 -9.11 23.07
C CYS D 48 -14.42 -9.95 22.57
N ALA D 49 -14.25 -10.48 21.36
CA ALA D 49 -15.12 -11.49 20.78
C ALA D 49 -14.31 -12.28 19.75
N SER D 50 -14.44 -13.60 19.81
CA SER D 50 -13.70 -14.52 18.95
C SER D 50 -14.66 -15.37 18.14
N ASP D 51 -14.23 -15.75 16.94
CA ASP D 51 -15.01 -16.65 16.11
C ASP D 51 -15.07 -18.03 16.75
N ALA D 52 -16.21 -18.69 16.57
CA ALA D 52 -16.40 -20.01 17.17
C ALA D 52 -15.38 -21.02 16.65
N LYS D 53 -14.91 -20.84 15.42
CA LYS D 53 -13.86 -21.69 14.89
C LYS D 53 -12.53 -21.44 15.57
N ALA D 54 -12.30 -20.22 16.06
CA ALA D 54 -11.01 -19.86 16.62
C ALA D 54 -10.72 -20.60 17.92
N TYR D 55 -11.76 -20.95 18.69
CA TYR D 55 -11.54 -21.72 19.90
C TYR D 55 -11.24 -23.19 19.61
N GLU D 56 -11.01 -23.50 18.33
CA GLU D 56 -10.58 -24.83 17.91
C GLU D 56 -9.22 -24.81 17.25
N THR D 57 -8.54 -23.66 17.25
CA THR D 57 -7.13 -23.55 16.90
C THR D 57 -6.25 -23.74 18.13
N GLU D 58 -6.68 -24.62 19.05
CA GLU D 58 -6.32 -24.55 20.46
C GLU D 58 -4.87 -24.15 20.69
N LYS D 59 -3.93 -24.97 20.19
CA LYS D 59 -2.50 -24.72 20.28
C LYS D 59 -2.13 -24.18 21.66
N HIS D 60 -2.84 -24.66 22.69
CA HIS D 60 -2.63 -24.21 24.06
C HIS D 60 -2.61 -22.68 24.14
N ASN D 61 -3.79 -22.08 23.90
CA ASN D 61 -3.95 -20.63 24.01
C ASN D 61 -3.14 -19.84 22.97
N VAL D 62 -3.67 -19.72 21.75
CA VAL D 62 -2.97 -18.93 20.74
C VAL D 62 -3.11 -17.45 21.08
N TRP D 63 -2.40 -17.08 22.11
CA TRP D 63 -2.10 -15.72 22.40
C TRP D 63 -3.18 -14.84 23.01
N ALA D 64 -4.39 -14.82 22.48
CA ALA D 64 -5.44 -13.99 23.09
C ALA D 64 -6.56 -14.72 23.77
N THR D 65 -7.26 -15.53 23.01
CA THR D 65 -8.58 -16.02 23.31
C THR D 65 -8.88 -16.90 24.50
N HIS D 66 -8.00 -17.83 24.79
CA HIS D 66 -8.34 -18.85 25.78
C HIS D 66 -9.55 -18.49 26.63
N ALA D 67 -9.69 -17.22 27.02
CA ALA D 67 -10.85 -16.75 27.77
C ALA D 67 -11.47 -15.57 27.02
N CYS D 68 -12.33 -15.88 26.05
CA CYS D 68 -13.08 -14.85 25.34
C CYS D 68 -14.43 -15.42 24.93
N VAL D 69 -15.44 -14.55 24.90
CA VAL D 69 -16.82 -14.94 24.67
C VAL D 69 -17.04 -15.10 23.17
N PRO D 70 -17.73 -16.16 22.74
CA PRO D 70 -17.93 -16.39 21.30
C PRO D 70 -18.67 -15.24 20.64
N THR D 71 -18.52 -15.15 19.31
CA THR D 71 -19.20 -14.16 18.51
C THR D 71 -20.55 -14.71 18.07
N ASP D 72 -21.53 -13.82 17.97
CA ASP D 72 -22.90 -14.20 17.69
C ASP D 72 -22.99 -14.97 16.37
N PRO D 73 -23.70 -16.10 16.33
CA PRO D 73 -23.95 -16.75 15.03
C PRO D 73 -24.75 -15.87 14.08
N ASN D 74 -25.69 -15.10 14.61
CA ASN D 74 -26.49 -14.18 13.82
C ASN D 74 -26.21 -12.75 14.25
N PRO D 75 -25.11 -12.14 13.81
CA PRO D 75 -24.87 -10.74 14.12
C PRO D 75 -25.84 -9.84 13.35
N GLN D 76 -26.05 -8.64 13.88
CA GLN D 76 -26.96 -7.69 13.28
C GLN D 76 -26.34 -6.31 13.26
N GLU D 77 -26.79 -5.50 12.30
CA GLU D 77 -26.47 -4.08 12.21
C GLU D 77 -27.77 -3.32 12.02
N ILE D 78 -27.88 -2.16 12.64
CA ILE D 78 -29.11 -1.37 12.53
C ILE D 78 -28.74 -0.04 11.90
N HIS D 79 -29.16 0.16 10.64
CA HIS D 79 -28.84 1.40 9.93
C HIS D 79 -29.67 2.53 10.52
N LEU D 80 -28.99 3.47 11.19
CA LEU D 80 -29.66 4.60 11.81
C LEU D 80 -30.06 5.59 10.72
N GLU D 81 -31.26 5.39 10.19
CA GLU D 81 -31.78 6.26 9.13
C GLU D 81 -31.96 7.68 9.66
N ASN D 82 -31.67 8.66 8.79
CA ASN D 82 -31.77 10.09 9.05
C ASN D 82 -30.73 10.60 10.05
N VAL D 83 -29.82 9.75 10.54
CA VAL D 83 -28.96 10.10 11.65
C VAL D 83 -27.61 10.57 11.12
N THR D 84 -27.05 11.59 11.78
CA THR D 84 -25.71 12.11 11.48
C THR D 84 -24.94 12.24 12.78
N GLU D 85 -23.70 11.75 12.80
CA GLU D 85 -22.84 11.84 13.96
C GLU D 85 -21.44 12.19 13.50
N GLU D 86 -20.71 12.91 14.36
CA GLU D 86 -19.38 13.42 14.02
C GLU D 86 -18.32 12.50 14.62
N PHE D 87 -17.70 11.71 13.78
CA PHE D 87 -16.58 10.86 14.18
C PHE D 87 -15.31 11.67 14.34
N ASN D 88 -14.33 11.05 14.99
CA ASN D 88 -12.97 11.58 15.05
C ASN D 88 -12.06 10.38 15.30
N MET D 89 -11.43 9.87 14.23
CA MET D 89 -10.60 8.67 14.35
C MET D 89 -9.37 8.92 15.22
N TRP D 90 -8.82 10.13 15.19
CA TRP D 90 -7.64 10.43 15.99
C TRP D 90 -8.00 10.60 17.46
N LYS D 91 -9.13 11.26 17.74
CA LYS D 91 -9.65 11.36 19.10
C LYS D 91 -10.62 10.21 19.39
N ASN D 92 -10.10 8.99 19.25
CA ASN D 92 -10.80 7.77 19.63
C ASN D 92 -10.25 7.28 20.96
N ASN D 93 -10.93 6.30 21.54
CA ASN D 93 -10.41 5.66 22.75
C ASN D 93 -10.09 4.18 22.55
N MET D 94 -10.89 3.46 21.76
CA MET D 94 -10.62 2.05 21.51
C MET D 94 -9.27 1.82 20.85
N VAL D 95 -8.61 2.87 20.37
CA VAL D 95 -7.24 2.75 19.89
C VAL D 95 -6.26 2.74 21.07
N GLU D 96 -6.34 3.75 21.94
CA GLU D 96 -5.58 3.72 23.18
C GLU D 96 -5.87 2.45 23.96
N GLN D 97 -7.16 2.10 24.05
CA GLN D 97 -7.58 0.90 24.74
C GLN D 97 -6.93 -0.34 24.11
N MET D 98 -7.18 -0.57 22.82
CA MET D 98 -6.62 -1.74 22.15
C MET D 98 -5.10 -1.81 22.29
N HIS D 99 -4.43 -0.66 22.17
CA HIS D 99 -2.97 -0.64 22.25
C HIS D 99 -2.48 -1.06 23.63
N THR D 100 -3.08 -0.52 24.68
CA THR D 100 -2.68 -0.95 26.03
C THR D 100 -3.06 -2.40 26.28
N ASP D 101 -4.15 -2.87 25.66
CA ASP D 101 -4.58 -4.25 25.84
C ASP D 101 -3.59 -5.23 25.24
N ILE D 102 -3.15 -4.99 24.00
CA ILE D 102 -2.18 -5.87 23.35
C ILE D 102 -0.92 -5.98 24.19
N ILE D 103 -0.52 -4.88 24.83
CA ILE D 103 0.63 -4.91 25.74
C ILE D 103 0.33 -5.77 26.96
N SER D 104 -0.83 -5.56 27.58
CA SER D 104 -1.19 -6.32 28.79
C SER D 104 -1.20 -7.81 28.50
N LEU D 105 -1.95 -8.22 27.48
CA LEU D 105 -1.91 -9.61 27.01
C LEU D 105 -0.50 -10.07 26.69
N TRP D 106 0.34 -9.17 26.18
CA TRP D 106 1.72 -9.52 25.84
C TRP D 106 2.50 -9.95 27.07
N ASP D 107 2.51 -9.11 28.12
CA ASP D 107 3.25 -9.46 29.33
C ASP D 107 2.61 -10.65 30.04
N GLN D 108 1.28 -10.72 30.01
CA GLN D 108 0.57 -11.82 30.65
C GLN D 108 0.91 -13.16 30.01
N SER D 109 1.21 -13.17 28.70
CA SER D 109 1.59 -14.41 28.05
C SER D 109 3.01 -14.85 28.38
N LEU D 110 3.88 -13.92 28.80
CA LEU D 110 5.27 -14.23 29.09
C LEU D 110 5.55 -14.38 30.58
N LYS D 111 4.59 -14.03 31.43
CA LYS D 111 4.81 -14.21 32.87
C LYS D 111 5.15 -15.64 33.28
N PRO D 112 4.51 -16.69 32.78
CA PRO D 112 4.87 -18.05 33.21
C PRO D 112 6.00 -18.72 32.44
N CYS D 113 6.61 -18.06 31.46
CA CYS D 113 7.57 -18.73 30.59
C CYS D 113 8.99 -18.59 31.13
N VAL D 114 9.98 -18.99 30.32
CA VAL D 114 11.34 -19.26 30.80
C VAL D 114 12.19 -18.00 30.71
N LYS D 115 12.81 -17.64 31.83
CA LYS D 115 13.67 -16.46 31.92
C LYS D 115 15.12 -16.84 31.64
N LEU D 116 15.80 -16.01 30.85
CA LEU D 116 17.18 -16.27 30.42
C LEU D 116 18.20 -15.55 31.31
N THR D 117 17.91 -15.36 32.60
CA THR D 117 18.81 -14.59 33.45
C THR D 117 20.23 -15.14 33.54
N PRO D 118 20.49 -16.45 33.48
CA PRO D 118 21.89 -16.92 33.39
C PRO D 118 22.41 -17.11 31.97
N LEU D 119 21.71 -16.63 30.94
CA LEU D 119 22.19 -16.71 29.57
C LEU D 119 23.07 -15.53 29.18
N CYS D 120 23.53 -14.75 30.15
CA CYS D 120 24.43 -13.64 29.90
C CYS D 120 25.89 -14.01 30.11
N VAL D 121 26.20 -15.32 30.12
CA VAL D 121 27.58 -15.77 30.18
C VAL D 121 28.33 -15.30 28.93
N THR D 122 29.61 -15.01 29.11
CA THR D 122 30.46 -14.62 27.98
C THR D 122 30.44 -15.70 26.91
N LEU D 123 30.44 -15.28 25.65
CA LEU D 123 30.40 -16.18 24.51
C LEU D 123 31.69 -16.08 23.72
N GLN D 124 32.04 -17.19 23.05
CA GLN D 124 33.20 -17.25 22.18
C GLN D 124 32.72 -17.62 20.78
N CYS D 125 32.82 -16.68 19.84
CA CYS D 125 32.15 -16.78 18.56
C CYS D 125 33.13 -16.73 17.39
N THR D 126 32.70 -17.30 16.28
CA THR D 126 33.34 -17.21 14.98
C THR D 126 32.28 -16.99 13.91
N ASN D 127 32.71 -16.59 12.73
CA ASN D 127 31.79 -16.54 11.60
C ASN D 127 31.41 -17.96 11.18
N VAL D 128 30.31 -18.06 10.43
CA VAL D 128 29.68 -19.35 10.17
C VAL D 128 30.50 -20.16 9.18
N THR D 129 30.21 -21.46 9.09
CA THR D 129 30.95 -22.38 8.24
C THR D 129 30.62 -22.12 6.78
N ASN D 130 31.54 -21.46 6.06
CA ASN D 130 31.39 -21.17 4.64
C ASN D 130 32.65 -20.74 3.86
N ASN D 131 32.53 -20.70 2.53
CA ASN D 131 33.51 -20.09 1.65
C ASN D 131 33.13 -18.65 1.65
N ILE D 132 33.70 -17.90 2.57
CA ILE D 132 33.24 -16.54 2.79
C ILE D 132 33.45 -15.69 1.55
N THR D 133 32.46 -14.90 1.22
CA THR D 133 32.63 -13.88 0.20
C THR D 133 32.90 -12.62 1.02
N ASP D 134 34.13 -12.14 0.93
CA ASP D 134 34.60 -11.10 1.85
C ASP D 134 33.57 -9.98 2.04
N ASP D 135 32.79 -9.67 1.00
CA ASP D 135 31.84 -8.57 1.10
C ASP D 135 30.83 -8.81 2.20
N MET D 136 30.20 -9.98 2.20
CA MET D 136 29.28 -10.34 3.27
C MET D 136 30.06 -10.60 4.55
N ARG D 137 29.69 -9.89 5.61
CA ARG D 137 30.37 -10.03 6.89
C ARG D 137 30.07 -11.36 7.57
N GLY D 138 29.00 -12.03 7.15
CA GLY D 138 28.57 -13.26 7.76
C GLY D 138 27.42 -12.98 8.70
N GLU D 139 26.19 -13.21 8.24
CA GLU D 139 25.03 -12.74 8.98
C GLU D 139 24.85 -13.51 10.28
N MET D 140 25.29 -14.75 10.33
CA MET D 140 25.19 -15.57 11.52
C MET D 140 26.57 -15.76 12.15
N LYS D 141 26.56 -16.25 13.39
CA LYS D 141 27.76 -16.54 14.15
C LYS D 141 27.57 -17.88 14.84
N ASN D 142 28.67 -18.62 14.95
CA ASN D 142 28.71 -19.90 15.64
C ASN D 142 29.55 -19.73 16.91
N CYS D 143 28.97 -20.10 18.06
CA CYS D 143 29.49 -19.67 19.34
C CYS D 143 29.45 -20.80 20.35
N SER D 144 30.58 -21.03 21.02
CA SER D 144 30.62 -21.87 22.20
C SER D 144 30.47 -21.01 23.46
N PHE D 145 29.80 -21.56 24.47
CA PHE D 145 29.70 -20.89 25.76
C PHE D 145 29.58 -21.91 26.88
N ASN D 146 29.92 -21.47 28.08
CA ASN D 146 29.72 -22.23 29.29
C ASN D 146 28.29 -22.02 29.78
N MET D 147 27.56 -23.11 29.98
CA MET D 147 26.21 -23.04 30.52
C MET D 147 26.10 -23.93 31.75
N THR D 148 25.27 -23.49 32.69
CA THR D 148 24.96 -24.30 33.85
C THR D 148 24.08 -25.47 33.44
N THR D 149 24.26 -26.60 34.12
CA THR D 149 23.53 -27.83 33.85
C THR D 149 22.33 -27.90 34.78
N GLU D 150 21.67 -29.06 34.80
CA GLU D 150 20.63 -29.35 35.78
C GLU D 150 21.12 -29.25 37.22
N LEU D 151 22.44 -29.24 37.44
CA LEU D 151 23.02 -29.04 38.76
C LEU D 151 23.77 -27.71 38.79
N ARG D 152 23.70 -27.01 39.92
CA ARG D 152 24.19 -25.64 40.00
C ARG D 152 25.71 -25.52 39.86
N ASP D 153 26.45 -26.61 40.06
CA ASP D 153 27.91 -26.56 40.05
C ASP D 153 28.52 -26.96 38.71
N LYS D 154 28.12 -28.10 38.15
CA LYS D 154 28.70 -28.53 36.89
C LYS D 154 28.19 -27.69 35.73
N LYS D 155 29.07 -27.48 34.75
CA LYS D 155 28.80 -26.64 33.59
C LYS D 155 29.16 -27.39 32.32
N GLN D 156 28.75 -26.83 31.19
CA GLN D 156 28.91 -27.48 29.90
C GLN D 156 29.66 -26.57 28.93
N LYS D 157 29.73 -27.01 27.67
CA LYS D 157 30.45 -26.31 26.60
C LYS D 157 29.59 -26.28 25.35
N VAL D 158 28.30 -25.98 25.51
CA VAL D 158 27.37 -26.08 24.39
C VAL D 158 27.65 -25.00 23.36
N TYR D 159 27.25 -25.27 22.12
CA TYR D 159 27.43 -24.37 21.00
C TYR D 159 26.07 -24.03 20.40
N SER D 160 25.92 -22.77 19.97
CA SER D 160 24.70 -22.29 19.35
C SER D 160 25.08 -21.22 18.34
N LEU D 161 24.15 -20.92 17.43
CA LEU D 161 24.36 -19.90 16.42
C LEU D 161 23.40 -18.75 16.68
N PHE D 162 23.87 -17.52 16.43
CA PHE D 162 23.05 -16.33 16.64
C PHE D 162 23.15 -15.42 15.43
N TYR D 163 22.10 -14.63 15.21
CA TYR D 163 22.12 -13.66 14.14
C TYR D 163 22.96 -12.46 14.52
N ARG D 164 23.39 -11.72 13.51
CA ARG D 164 24.32 -10.62 13.72
C ARG D 164 23.74 -9.57 14.66
N LEU D 165 22.45 -9.28 14.53
CA LEU D 165 21.82 -8.22 15.31
C LEU D 165 21.78 -8.53 16.80
N ASP D 166 21.82 -9.81 17.19
CA ASP D 166 21.63 -10.18 18.59
C ASP D 166 22.89 -9.98 19.44
N VAL D 167 24.07 -10.02 18.83
CA VAL D 167 25.33 -10.10 19.57
C VAL D 167 26.13 -8.81 19.39
N VAL D 168 27.07 -8.59 20.31
CA VAL D 168 27.95 -7.42 20.34
C VAL D 168 29.16 -7.79 21.19
N GLN D 169 30.33 -7.34 20.76
CA GLN D 169 31.58 -7.85 21.32
C GLN D 169 32.11 -7.01 22.48
N ILE D 170 33.16 -7.52 23.10
CA ILE D 170 33.98 -6.83 24.09
C ILE D 170 35.41 -7.31 23.92
N ASN D 171 36.30 -6.35 23.73
CA ASN D 171 37.72 -6.59 23.60
C ASN D 171 38.48 -5.44 24.25
N SER D 181 40.38 -12.15 25.27
CA SER D 181 40.88 -13.23 24.42
C SER D 181 40.90 -12.79 22.97
N ASN D 182 40.96 -13.75 22.07
CA ASN D 182 41.11 -13.41 20.66
C ASN D 182 39.93 -12.61 20.16
N LYS D 183 38.73 -13.09 20.48
CA LYS D 183 37.49 -12.43 20.11
C LYS D 183 36.41 -12.96 21.04
N GLU D 184 35.33 -12.22 21.19
CA GLU D 184 34.31 -12.65 22.11
C GLU D 184 32.97 -12.06 21.73
N TYR D 185 31.94 -12.42 22.46
CA TYR D 185 30.71 -11.72 22.19
C TYR D 185 29.76 -11.89 23.37
N ARG D 186 28.74 -11.05 23.40
CA ARG D 186 27.69 -11.09 24.41
C ARG D 186 26.38 -10.71 23.73
N LEU D 187 25.27 -11.13 24.34
CA LEU D 187 23.97 -10.78 23.79
C LEU D 187 23.67 -9.31 24.04
N ILE D 188 23.09 -8.67 23.03
CA ILE D 188 22.83 -7.22 23.09
C ILE D 188 21.81 -6.85 24.14
N ASN D 189 21.06 -7.82 24.66
CA ASN D 189 20.06 -7.56 25.69
C ASN D 189 20.63 -7.57 27.09
N CYS D 190 21.80 -8.16 27.28
CA CYS D 190 22.35 -8.32 28.63
C CYS D 190 22.73 -7.01 29.29
N ASN D 191 22.93 -5.94 28.51
CA ASN D 191 23.22 -4.65 29.13
C ASN D 191 21.98 -3.79 29.34
N THR D 192 20.86 -4.12 28.70
CA THR D 192 19.62 -3.37 28.86
C THR D 192 18.69 -4.01 29.88
N SER D 193 18.29 -5.27 29.66
CA SER D 193 17.24 -5.87 30.48
C SER D 193 17.40 -7.38 30.50
N ALA D 194 17.16 -7.98 31.67
CA ALA D 194 17.06 -9.42 31.78
C ALA D 194 15.82 -9.90 31.04
N CYS D 195 16.02 -10.81 30.09
CA CYS D 195 14.96 -11.19 29.17
C CYS D 195 14.28 -12.49 29.58
N THR D 196 13.17 -12.75 28.91
CA THR D 196 12.39 -13.96 29.08
C THR D 196 12.15 -14.56 27.71
N GLN D 197 12.30 -15.88 27.59
CA GLN D 197 12.00 -16.55 26.34
C GLN D 197 10.50 -16.83 26.26
N ALA D 198 9.94 -16.65 25.08
CA ALA D 198 8.58 -17.10 24.85
C ALA D 198 8.55 -18.62 24.90
N CYS D 199 7.56 -19.16 25.59
CA CYS D 199 7.30 -20.59 25.46
C CYS D 199 7.08 -20.93 23.99
N PRO D 200 7.76 -21.94 23.46
CA PRO D 200 7.50 -22.38 22.08
C PRO D 200 6.18 -23.10 21.92
N LYS D 201 5.33 -23.08 22.96
CA LYS D 201 3.99 -23.66 22.97
C LYS D 201 2.94 -22.70 22.42
N VAL D 202 3.05 -21.42 22.75
CA VAL D 202 2.11 -20.42 22.28
C VAL D 202 2.39 -20.08 20.82
N SER D 203 1.40 -19.47 20.18
CA SER D 203 1.53 -18.96 18.82
C SER D 203 1.35 -17.45 18.83
N PHE D 204 1.88 -16.80 17.79
CA PHE D 204 1.77 -15.35 17.63
C PHE D 204 0.76 -14.96 16.56
N GLU D 205 -0.04 -15.92 16.08
CA GLU D 205 -0.91 -15.65 14.94
C GLU D 205 -1.92 -14.57 15.27
N PRO D 206 -2.00 -13.50 14.47
CA PRO D 206 -3.05 -12.50 14.68
C PRO D 206 -4.42 -13.03 14.27
N ILE D 207 -5.25 -13.35 15.26
CA ILE D 207 -6.60 -13.86 14.99
C ILE D 207 -7.57 -12.70 14.98
N PRO D 208 -8.64 -12.76 14.19
CA PRO D 208 -9.64 -11.68 14.20
C PRO D 208 -10.26 -11.51 15.58
N ILE D 209 -10.01 -10.34 16.18
CA ILE D 209 -10.59 -9.99 17.48
C ILE D 209 -11.64 -8.92 17.26
N HIS D 210 -12.78 -9.06 17.93
CA HIS D 210 -13.86 -8.09 17.86
C HIS D 210 -13.96 -7.34 19.18
N TYR D 211 -14.27 -6.05 19.11
CA TYR D 211 -14.44 -5.23 20.30
C TYR D 211 -15.92 -4.91 20.48
N CYS D 212 -16.53 -5.54 21.48
CA CYS D 212 -17.93 -5.33 21.84
C CYS D 212 -18.01 -4.48 23.09
N ALA D 213 -19.13 -3.75 23.22
CA ALA D 213 -19.52 -2.80 24.25
C ALA D 213 -20.34 -3.48 25.34
N PRO D 214 -20.31 -2.95 26.57
CA PRO D 214 -21.15 -3.50 27.63
C PRO D 214 -22.62 -3.22 27.39
N ALA D 215 -23.48 -3.62 28.33
CA ALA D 215 -24.88 -3.27 28.23
C ALA D 215 -25.06 -1.78 28.48
N GLY D 216 -26.09 -1.21 27.86
CA GLY D 216 -26.30 0.23 27.94
C GLY D 216 -25.19 1.04 27.28
N PHE D 217 -24.60 0.52 26.21
CA PHE D 217 -23.54 1.20 25.47
C PHE D 217 -23.70 0.87 24.00
N ALA D 218 -23.08 1.69 23.15
CA ALA D 218 -23.22 1.47 21.72
C ALA D 218 -21.94 1.86 20.99
N ILE D 219 -21.76 1.25 19.82
CA ILE D 219 -20.63 1.50 18.92
C ILE D 219 -21.19 1.83 17.55
N LEU D 220 -20.72 2.93 16.97
CA LEU D 220 -21.30 3.49 15.76
C LEU D 220 -20.37 3.25 14.57
N LYS D 221 -20.90 2.61 13.53
CA LYS D 221 -20.15 2.24 12.34
C LYS D 221 -20.51 3.19 11.20
N CYS D 222 -19.50 3.89 10.68
CA CYS D 222 -19.69 4.86 9.60
C CYS D 222 -19.60 4.13 8.26
N LYS D 223 -20.76 3.86 7.66
CA LYS D 223 -20.83 3.14 6.38
C LYS D 223 -20.70 4.11 5.21
N ASP D 224 -19.65 4.93 5.23
CA ASP D 224 -19.43 5.95 4.20
C ASP D 224 -18.19 5.57 3.41
N LYS D 225 -18.37 5.38 2.11
CA LYS D 225 -17.25 5.02 1.24
C LYS D 225 -16.14 6.07 1.31
N LYS D 226 -16.46 7.29 0.90
CA LYS D 226 -15.48 8.38 0.83
C LYS D 226 -15.44 9.11 2.17
N PHE D 227 -14.99 8.38 3.18
CA PHE D 227 -14.88 8.88 4.55
C PHE D 227 -13.41 9.14 4.85
N ASN D 228 -13.08 10.36 5.25
CA ASN D 228 -11.73 10.71 5.67
C ASN D 228 -11.58 10.72 7.18
N GLY D 229 -12.39 9.93 7.89
CA GLY D 229 -12.17 9.60 9.28
C GLY D 229 -12.75 10.58 10.29
N THR D 230 -12.82 11.87 9.93
CA THR D 230 -13.24 12.91 10.87
C THR D 230 -14.45 13.65 10.34
N GLY D 231 -15.34 14.04 11.24
CA GLY D 231 -16.47 14.88 10.91
C GLY D 231 -17.78 14.13 10.82
N PRO D 232 -18.81 14.82 10.31
CA PRO D 232 -20.14 14.21 10.23
C PRO D 232 -20.24 13.15 9.15
N CYS D 233 -20.36 11.89 9.58
CA CYS D 233 -20.59 10.80 8.64
C CYS D 233 -22.07 10.74 8.28
N PRO D 234 -22.44 10.91 7.01
CA PRO D 234 -23.87 11.05 6.65
C PRO D 234 -24.71 9.84 7.03
N SER D 235 -24.34 8.66 6.51
CA SER D 235 -25.10 7.44 6.79
C SER D 235 -24.35 6.67 7.87
N VAL D 236 -24.97 6.54 9.04
CA VAL D 236 -24.38 5.84 10.17
C VAL D 236 -25.24 4.63 10.50
N SER D 237 -24.58 3.53 10.82
CA SER D 237 -25.24 2.36 11.38
C SER D 237 -24.73 2.12 12.80
N THR D 238 -25.45 1.27 13.53
CA THR D 238 -25.05 0.92 14.88
C THR D 238 -24.82 -0.58 14.98
N VAL D 239 -23.76 -0.96 15.72
CA VAL D 239 -23.36 -2.34 15.88
C VAL D 239 -22.82 -2.55 17.29
N GLN D 240 -23.00 -3.77 17.80
CA GLN D 240 -22.50 -4.11 19.13
C GLN D 240 -21.00 -4.43 19.09
N CYS D 241 -20.57 -5.22 18.11
CA CYS D 241 -19.19 -5.64 17.98
C CYS D 241 -18.61 -5.17 16.65
N THR D 242 -17.31 -4.93 16.64
CA THR D 242 -16.63 -4.56 15.41
C THR D 242 -16.45 -5.79 14.52
N HIS D 243 -16.21 -5.54 13.24
CA HIS D 243 -15.82 -6.62 12.34
C HIS D 243 -14.46 -7.16 12.78
N GLY D 244 -14.17 -8.39 12.33
CA GLY D 244 -12.96 -9.06 12.76
C GLY D 244 -11.70 -8.29 12.44
N ILE D 245 -11.11 -7.67 13.46
CA ILE D 245 -9.87 -6.93 13.34
C ILE D 245 -8.78 -7.73 14.02
N LYS D 246 -7.81 -8.18 13.22
CA LYS D 246 -6.70 -8.99 13.70
C LYS D 246 -5.50 -8.11 14.05
N PRO D 247 -4.78 -8.45 15.12
CA PRO D 247 -3.60 -7.64 15.52
C PRO D 247 -2.36 -7.92 14.68
N VAL D 248 -2.36 -7.40 13.47
CA VAL D 248 -1.18 -7.42 12.61
C VAL D 248 -0.35 -6.18 12.95
N VAL D 249 0.82 -6.40 13.54
CA VAL D 249 1.68 -5.34 14.06
C VAL D 249 2.90 -5.24 13.15
N SER D 250 3.12 -4.06 12.59
CA SER D 250 4.22 -3.84 11.67
C SER D 250 4.45 -2.35 11.52
N THR D 251 5.53 -2.01 10.82
CA THR D 251 5.96 -0.63 10.62
C THR D 251 6.10 -0.33 9.13
N GLN D 252 5.64 0.85 8.74
CA GLN D 252 5.71 1.41 7.40
C GLN D 252 4.77 0.68 6.44
N LEU D 253 4.19 -0.42 6.90
CA LEU D 253 3.34 -1.26 6.08
C LEU D 253 2.29 -1.89 6.97
N LEU D 254 1.05 -1.51 6.78
CA LEU D 254 -0.07 -2.15 7.44
C LEU D 254 -0.48 -3.35 6.60
N LEU D 255 -0.63 -4.50 7.25
CA LEU D 255 -0.77 -5.77 6.54
C LEU D 255 -2.07 -6.47 6.90
N ASN D 256 -2.68 -7.12 5.90
CA ASN D 256 -3.81 -8.03 6.01
C ASN D 256 -5.12 -7.35 6.40
N GLY D 257 -5.14 -6.02 6.56
CA GLY D 257 -6.34 -5.31 6.94
C GLY D 257 -7.39 -5.22 5.84
N SER D 258 -8.32 -4.27 5.98
CA SER D 258 -9.42 -4.10 5.05
C SER D 258 -9.15 -2.91 4.13
N LEU D 259 -9.29 -3.14 2.82
CA LEU D 259 -9.04 -2.11 1.84
C LEU D 259 -10.18 -1.10 1.79
N ALA D 260 -9.89 0.04 1.18
CA ALA D 260 -10.91 1.05 0.94
C ALA D 260 -11.84 0.59 -0.17
N GLU D 261 -13.05 1.15 -0.16
CA GLU D 261 -14.09 0.63 -1.03
C GLU D 261 -14.03 1.19 -2.45
N GLU D 262 -13.86 2.51 -2.61
CA GLU D 262 -13.95 3.10 -3.93
C GLU D 262 -12.62 3.65 -4.44
N GLU D 263 -12.04 4.61 -3.73
CA GLU D 263 -10.78 5.24 -4.11
C GLU D 263 -9.83 5.13 -2.93
N VAL D 264 -8.54 5.12 -3.23
CA VAL D 264 -7.55 5.09 -2.16
C VAL D 264 -7.61 6.42 -1.43
N MET D 265 -8.28 6.46 -0.28
CA MET D 265 -8.45 7.71 0.45
C MET D 265 -7.42 7.79 1.57
N ILE D 266 -6.79 8.94 1.68
CA ILE D 266 -5.76 9.18 2.66
C ILE D 266 -6.38 9.73 3.94
N ARG D 267 -5.70 9.52 5.06
CA ARG D 267 -6.16 10.02 6.35
C ARG D 267 -4.98 10.59 7.12
N SER D 268 -5.14 11.82 7.59
CA SER D 268 -4.09 12.53 8.33
C SER D 268 -4.76 13.53 9.24
N GLU D 269 -4.18 13.71 10.44
CA GLU D 269 -4.68 14.72 11.36
C GLU D 269 -4.52 16.12 10.78
N ASN D 270 -3.28 16.50 10.47
CA ASN D 270 -2.99 17.82 9.91
C ASN D 270 -2.14 17.59 8.67
N ILE D 271 -2.74 17.73 7.49
CA ILE D 271 -2.00 17.61 6.23
C ILE D 271 -0.98 18.74 6.10
N THR D 272 -1.22 19.87 6.76
CA THR D 272 -0.30 20.99 6.70
C THR D 272 0.88 20.79 7.64
N ASN D 273 0.63 20.39 8.88
CA ASN D 273 1.70 20.12 9.83
C ASN D 273 2.45 18.86 9.42
N ASN D 274 3.67 19.04 8.91
CA ASN D 274 4.44 17.93 8.37
C ASN D 274 4.82 16.89 9.42
N ALA D 275 4.80 17.26 10.70
CA ALA D 275 5.23 16.36 11.76
C ALA D 275 4.22 15.27 12.08
N LYS D 276 3.08 15.23 11.39
CA LYS D 276 2.05 14.23 11.66
C LYS D 276 2.06 13.16 10.58
N ASN D 277 2.06 11.90 11.03
CA ASN D 277 2.10 10.77 10.10
C ASN D 277 0.86 10.76 9.21
N ILE D 278 1.06 10.31 7.98
CA ILE D 278 0.02 10.30 6.95
C ILE D 278 -0.37 8.85 6.73
N LEU D 279 -1.46 8.42 7.37
CA LEU D 279 -1.94 7.06 7.24
C LEU D 279 -2.63 6.88 5.88
N VAL D 280 -2.18 5.91 5.11
CA VAL D 280 -2.70 5.68 3.76
C VAL D 280 -3.36 4.31 3.73
N GLN D 281 -4.61 4.28 3.27
CA GLN D 281 -5.34 3.03 3.08
C GLN D 281 -5.37 2.66 1.60
N PHE D 282 -5.40 1.36 1.33
CA PHE D 282 -5.33 0.84 -0.03
C PHE D 282 -6.73 0.56 -0.57
N ASN D 283 -6.79 0.39 -1.89
CA ASN D 283 -7.99 -0.09 -2.58
C ASN D 283 -7.80 -1.47 -3.18
N THR D 284 -6.56 -1.85 -3.49
CA THR D 284 -6.17 -3.19 -3.92
C THR D 284 -5.10 -3.75 -3.00
N PRO D 285 -5.24 -4.99 -2.56
CA PRO D 285 -4.22 -5.57 -1.68
C PRO D 285 -2.98 -5.96 -2.45
N VAL D 286 -1.91 -5.17 -2.35
CA VAL D 286 -0.68 -5.52 -3.05
C VAL D 286 -0.08 -6.75 -2.37
N GLN D 287 0.31 -7.73 -3.18
CA GLN D 287 0.70 -9.03 -2.70
C GLN D 287 2.18 -9.06 -2.34
N ILE D 288 2.50 -9.66 -1.19
CA ILE D 288 3.87 -9.74 -0.71
C ILE D 288 4.14 -11.16 -0.22
N ASN D 289 5.23 -11.77 -0.71
CA ASN D 289 5.65 -13.12 -0.35
C ASN D 289 7.02 -13.05 0.30
N CYS D 290 7.11 -13.36 1.59
CA CYS D 290 8.40 -13.30 2.29
C CYS D 290 8.79 -14.67 2.83
N THR D 291 10.08 -15.01 2.73
CA THR D 291 10.56 -16.31 3.19
C THR D 291 11.94 -16.19 3.83
N ARG D 292 12.35 -17.27 4.49
CA ARG D 292 13.74 -17.48 4.90
C ARG D 292 14.13 -18.89 4.48
N PRO D 293 15.00 -19.05 3.48
CA PRO D 293 15.18 -20.37 2.87
C PRO D 293 15.96 -21.38 3.72
N MET D 294 16.73 -20.95 4.71
CA MET D 294 17.62 -21.86 5.42
C MET D 294 16.82 -22.89 6.21
N ASN D 295 17.01 -24.17 5.89
CA ASN D 295 16.48 -25.24 6.73
C ASN D 295 17.33 -25.34 7.99
N MET D 296 16.68 -25.27 9.14
CA MET D 296 17.36 -24.96 10.39
C MET D 296 17.25 -26.10 11.40
N THR D 297 17.98 -25.94 12.50
CA THR D 297 18.04 -26.91 13.59
C THR D 297 17.60 -26.23 14.89
N ARG D 298 16.77 -26.92 15.65
CA ARG D 298 16.45 -26.50 17.02
C ARG D 298 16.96 -27.58 17.95
N LYS D 299 18.10 -27.31 18.58
CA LYS D 299 18.68 -28.19 19.58
C LYS D 299 18.29 -27.68 20.97
N SER D 300 17.63 -28.54 21.73
CA SER D 300 17.14 -28.19 23.06
C SER D 300 18.30 -28.31 24.05
N ILE D 301 18.89 -27.17 24.39
CA ILE D 301 19.94 -27.10 25.41
C ILE D 301 19.27 -26.92 26.76
N ARG D 302 19.32 -27.95 27.59
CA ARG D 302 18.81 -27.85 28.95
C ARG D 302 19.75 -27.00 29.78
N ILE D 303 19.23 -25.88 30.30
CA ILE D 303 19.92 -25.24 31.41
C ILE D 303 18.96 -25.41 32.59
N GLY D 304 19.15 -26.53 33.33
CA GLY D 304 18.17 -26.97 34.27
C GLY D 304 18.07 -26.04 35.48
N PRO D 305 17.15 -26.38 36.40
CA PRO D 305 16.23 -27.51 36.33
C PRO D 305 14.88 -27.19 35.67
N GLY D 306 14.46 -28.02 34.71
CA GLY D 306 13.20 -27.80 34.04
C GLY D 306 13.30 -26.75 32.95
N GLN D 307 13.98 -25.64 33.27
CA GLN D 307 14.25 -24.61 32.28
C GLN D 307 14.99 -25.21 31.09
N ALA D 308 14.49 -24.95 29.89
CA ALA D 308 15.04 -25.57 28.68
C ALA D 308 15.21 -24.49 27.61
N PHE D 309 16.45 -24.06 27.41
CA PHE D 309 16.74 -23.12 26.35
C PHE D 309 16.65 -23.84 25.00
N TYR D 310 15.96 -23.23 24.04
CA TYR D 310 15.79 -23.80 22.71
C TYR D 310 16.78 -23.11 21.77
N ALA D 311 17.98 -23.67 21.68
CA ALA D 311 18.99 -23.06 20.83
C ALA D 311 18.81 -23.49 19.38
N LEU D 312 19.44 -22.74 18.50
CA LEU D 312 19.61 -23.17 17.12
C LEU D 312 20.81 -24.10 17.03
N GLY D 313 20.74 -25.03 16.10
CA GLY D 313 21.86 -25.92 15.85
C GLY D 313 22.51 -25.64 14.52
N ASP D 314 23.13 -26.66 13.93
CA ASP D 314 23.76 -26.52 12.63
C ASP D 314 22.74 -26.14 11.56
N ILE D 315 23.25 -25.78 10.38
CA ILE D 315 22.41 -25.39 9.25
C ILE D 315 22.38 -26.55 8.26
N ILE D 316 21.19 -26.80 7.72
CA ILE D 316 20.98 -27.85 6.73
C ILE D 316 20.66 -27.17 5.40
N GLY D 317 21.63 -27.18 4.49
CA GLY D 317 21.43 -26.64 3.16
C GLY D 317 22.19 -25.34 2.95
N ASP D 318 21.90 -24.71 1.81
CA ASP D 318 22.59 -23.50 1.39
C ASP D 318 22.31 -22.34 2.35
N ILE D 319 22.98 -21.22 2.11
CA ILE D 319 22.81 -20.01 2.92
C ILE D 319 22.29 -18.90 2.01
N ARG D 320 21.12 -18.36 2.33
CA ARG D 320 20.62 -17.17 1.68
C ARG D 320 19.49 -16.55 2.43
N GLN D 321 19.65 -15.29 2.77
CA GLN D 321 18.86 -14.54 3.70
C GLN D 321 17.38 -14.60 3.51
N ALA D 322 16.64 -13.90 4.37
CA ALA D 322 15.19 -13.79 4.28
C ALA D 322 14.83 -12.65 3.35
N HIS D 323 13.96 -12.87 2.39
CA HIS D 323 13.68 -11.87 1.40
C HIS D 323 12.20 -11.70 1.28
N CYS D 324 11.75 -10.70 0.52
CA CYS D 324 10.35 -10.42 0.24
C CYS D 324 10.18 -10.10 -1.24
N ASN D 325 9.07 -10.56 -1.80
CA ASN D 325 8.79 -10.37 -3.23
C ASN D 325 7.47 -9.65 -3.40
N VAL D 326 7.49 -8.59 -4.20
CA VAL D 326 6.32 -7.82 -4.58
C VAL D 326 6.37 -7.62 -6.10
N SER D 327 5.29 -7.97 -6.79
CA SER D 327 5.23 -7.76 -8.23
C SER D 327 5.48 -6.28 -8.55
N LYS D 328 6.44 -6.03 -9.44
CA LYS D 328 6.80 -4.66 -9.78
C LYS D 328 5.62 -3.94 -10.43
N ALA D 329 4.97 -4.59 -11.38
CA ALA D 329 3.92 -3.92 -12.15
C ALA D 329 2.76 -3.50 -11.26
N THR D 330 2.25 -4.43 -10.44
CA THR D 330 1.13 -4.12 -9.55
C THR D 330 1.45 -2.93 -8.64
N TRP D 331 2.68 -2.88 -8.13
CA TRP D 331 3.07 -1.78 -7.23
C TRP D 331 3.28 -0.49 -8.01
N ASN D 332 3.83 -0.58 -9.22
CA ASN D 332 4.00 0.58 -10.08
C ASN D 332 2.67 1.18 -10.49
N GLU D 333 1.60 0.38 -10.45
CA GLU D 333 0.25 0.87 -10.70
C GLU D 333 -0.40 1.43 -9.44
N THR D 334 -0.26 0.73 -8.30
CA THR D 334 -0.87 1.20 -7.07
C THR D 334 -0.25 2.53 -6.61
N LEU D 335 1.07 2.68 -6.78
CA LEU D 335 1.72 3.94 -6.43
C LEU D 335 1.14 5.10 -7.23
N GLY D 336 0.87 4.87 -8.52
CA GLY D 336 0.18 5.87 -9.31
C GLY D 336 -1.20 6.17 -8.76
N LYS D 337 -1.94 5.13 -8.38
CA LYS D 337 -3.26 5.33 -7.78
C LYS D 337 -3.18 6.17 -6.51
N VAL D 338 -2.08 6.06 -5.75
CA VAL D 338 -1.95 6.81 -4.51
C VAL D 338 -1.59 8.28 -4.78
N VAL D 339 -0.56 8.49 -5.62
CA VAL D 339 -0.14 9.84 -5.98
C VAL D 339 -1.30 10.62 -6.59
N LYS D 340 -2.17 9.92 -7.33
CA LYS D 340 -3.40 10.51 -7.84
C LYS D 340 -4.24 11.13 -6.73
N GLN D 341 -4.19 10.57 -5.52
CA GLN D 341 -4.93 11.13 -4.40
C GLN D 341 -4.11 12.10 -3.58
N LEU D 342 -2.77 12.08 -3.72
CA LEU D 342 -1.98 13.16 -3.14
C LEU D 342 -2.25 14.48 -3.84
N ARG D 343 -2.35 14.48 -5.17
CA ARG D 343 -2.51 15.75 -5.88
C ARG D 343 -3.79 16.49 -5.46
N LYS D 344 -4.80 15.77 -4.95
CA LYS D 344 -5.98 16.45 -4.44
C LYS D 344 -5.70 17.16 -3.12
N HIS D 345 -4.51 16.99 -2.55
CA HIS D 345 -4.06 17.74 -1.39
C HIS D 345 -2.98 18.75 -1.71
N PHE D 346 -2.13 18.48 -2.70
CA PHE D 346 -0.95 19.30 -2.93
C PHE D 346 -1.00 20.02 -4.28
N GLY D 347 -2.17 20.41 -4.74
CA GLY D 347 -2.28 21.14 -6.01
C GLY D 347 -2.53 20.22 -7.19
N ASN D 348 -3.27 20.74 -8.19
CA ASN D 348 -3.69 19.90 -9.31
C ASN D 348 -2.51 19.33 -10.08
N ASN D 349 -1.37 20.02 -10.03
CA ASN D 349 -0.21 19.64 -10.84
C ASN D 349 1.06 19.85 -10.02
N THR D 350 1.51 18.80 -9.33
CA THR D 350 2.74 18.88 -8.57
C THR D 350 3.50 17.56 -8.70
N ILE D 351 4.70 17.52 -8.13
CA ILE D 351 5.63 16.41 -8.28
C ILE D 351 5.93 15.83 -6.91
N ILE D 352 5.73 14.51 -6.77
CA ILE D 352 5.83 13.84 -5.48
C ILE D 352 6.92 12.77 -5.59
N ARG D 353 8.06 13.03 -4.97
CA ARG D 353 9.16 12.09 -4.92
C ARG D 353 9.02 11.17 -3.72
N PHE D 354 9.79 10.09 -3.71
CA PHE D 354 9.80 9.14 -2.60
C PHE D 354 11.24 8.76 -2.27
N ALA D 355 11.51 8.59 -0.98
CA ALA D 355 12.83 8.22 -0.51
C ALA D 355 12.66 7.27 0.68
N ASN D 356 13.77 6.66 1.08
CA ASN D 356 13.78 5.73 2.19
C ASN D 356 13.87 6.49 3.52
N SER D 357 13.89 5.74 4.61
CA SER D 357 13.85 6.34 5.94
C SER D 357 15.07 7.23 6.19
N SER D 358 14.88 8.25 7.03
CA SER D 358 15.95 9.18 7.34
C SER D 358 17.01 8.52 8.21
N GLY D 359 16.63 8.10 9.41
CA GLY D 359 17.57 7.49 10.33
C GLY D 359 16.97 7.17 11.69
N GLY D 360 17.42 6.09 12.30
CA GLY D 360 16.89 5.68 13.59
C GLY D 360 17.14 4.21 13.81
N ASP D 361 16.34 3.64 14.71
CA ASP D 361 16.49 2.25 15.10
C ASP D 361 15.93 1.32 14.02
N LEU D 362 16.10 0.01 14.24
CA LEU D 362 15.57 -0.98 13.31
C LEU D 362 14.04 -0.94 13.30
N GLU D 363 13.42 -0.72 14.46
CA GLU D 363 11.96 -0.71 14.54
C GLU D 363 11.32 0.39 13.72
N VAL D 364 12.07 1.45 13.38
CA VAL D 364 11.51 2.61 12.69
C VAL D 364 11.90 2.62 11.21
N THR D 365 13.17 2.38 10.90
CA THR D 365 13.68 2.54 9.53
C THR D 365 13.50 1.29 8.67
N THR D 366 12.99 0.19 9.24
CA THR D 366 12.82 -1.05 8.50
C THR D 366 11.43 -1.62 8.77
N HIS D 367 11.12 -2.67 8.01
CA HIS D 367 9.80 -3.31 7.99
C HIS D 367 9.74 -4.37 9.10
N SER D 368 9.70 -3.86 10.33
CA SER D 368 9.56 -4.72 11.50
C SER D 368 8.23 -5.45 11.46
N PHE D 369 8.27 -6.78 11.40
CA PHE D 369 7.05 -7.54 11.53
C PHE D 369 7.40 -8.98 11.88
N ASN D 370 6.38 -9.72 12.34
CA ASN D 370 6.52 -11.12 12.68
C ASN D 370 5.79 -11.98 11.65
N CYS D 371 6.43 -13.08 11.25
CA CYS D 371 5.77 -14.01 10.33
C CYS D 371 6.24 -15.43 10.64
N GLY D 372 5.34 -16.25 11.14
CA GLY D 372 5.63 -17.63 11.47
C GLY D 372 6.47 -17.84 12.71
N GLY D 373 6.86 -16.78 13.41
CA GLY D 373 7.60 -16.95 14.63
C GLY D 373 8.88 -16.14 14.71
N GLU D 374 9.35 -15.64 13.57
CA GLU D 374 10.54 -14.81 13.52
C GLU D 374 10.18 -13.38 13.14
N PHE D 375 11.04 -12.44 13.58
CA PHE D 375 10.83 -11.01 13.44
C PHE D 375 11.79 -10.49 12.37
N PHE D 376 11.21 -10.19 11.21
CA PHE D 376 11.90 -9.60 10.09
C PHE D 376 12.04 -8.10 10.29
N TYR D 377 13.21 -7.58 9.91
CA TYR D 377 13.44 -6.15 9.70
C TYR D 377 13.95 -6.02 8.27
N CYS D 378 13.07 -5.55 7.40
CA CYS D 378 13.32 -5.51 5.96
C CYS D 378 13.61 -4.09 5.52
N ASN D 379 14.75 -3.92 4.83
CA ASN D 379 15.06 -2.67 4.18
C ASN D 379 13.86 -2.20 3.36
N THR D 380 13.55 -0.91 3.43
CA THR D 380 12.47 -0.34 2.65
C THR D 380 12.97 0.58 1.54
N SER D 381 14.29 0.60 1.32
CA SER D 381 14.85 1.51 0.34
C SER D 381 14.49 1.09 -1.09
N GLY D 382 14.28 -0.21 -1.32
CA GLY D 382 14.03 -0.68 -2.67
C GLY D 382 12.74 -0.13 -3.27
N LEU D 383 11.65 -0.20 -2.49
CA LEU D 383 10.36 0.24 -3.00
C LEU D 383 10.32 1.75 -3.23
N PHE D 384 11.00 2.52 -2.39
CA PHE D 384 10.89 3.98 -2.42
C PHE D 384 12.04 4.53 -3.27
N ASN D 385 11.82 4.45 -4.57
CA ASN D 385 12.80 4.73 -5.60
C ASN D 385 12.30 5.84 -6.52
N SER D 386 11.14 6.42 -6.23
CA SER D 386 10.28 7.04 -7.22
C SER D 386 10.49 8.55 -7.36
N THR D 387 9.83 9.11 -8.37
CA THR D 387 9.71 10.54 -8.61
C THR D 387 8.51 10.70 -9.54
N TRP D 388 7.53 11.52 -9.16
CA TRP D 388 6.25 11.55 -9.88
C TRP D 388 6.08 12.86 -10.63
N ILE D 389 6.13 12.78 -11.96
CA ILE D 389 6.14 13.96 -12.82
C ILE D 389 4.78 14.26 -13.43
N SER D 390 3.82 13.33 -13.34
CA SER D 390 2.55 13.49 -14.04
C SER D 390 1.77 14.67 -13.51
N ASN D 391 1.16 15.42 -14.44
CA ASN D 391 0.26 16.51 -14.10
C ASN D 391 -1.05 15.93 -13.60
N SER D 402 5.68 -7.78 -19.06
CA SER D 402 5.88 -9.20 -18.85
C SER D 402 5.71 -9.57 -17.37
N ASN D 403 6.69 -10.31 -16.85
CA ASN D 403 6.68 -10.77 -15.47
C ASN D 403 7.96 -10.32 -14.77
N ASP D 404 7.81 -9.83 -13.54
CA ASP D 404 8.96 -9.30 -12.81
C ASP D 404 8.55 -9.06 -11.37
N SER D 405 9.55 -9.04 -10.48
CA SER D 405 9.35 -8.78 -9.07
C SER D 405 10.46 -7.84 -8.58
N ILE D 406 10.18 -7.18 -7.45
CA ILE D 406 11.13 -6.29 -6.80
C ILE D 406 11.57 -6.96 -5.50
N THR D 407 12.73 -7.63 -5.53
CA THR D 407 13.17 -8.45 -4.42
C THR D 407 13.69 -7.60 -3.28
N LEU D 408 13.53 -8.11 -2.06
CA LEU D 408 13.71 -7.31 -0.85
C LEU D 408 14.61 -8.07 0.11
N PRO D 409 15.44 -7.36 0.84
CA PRO D 409 16.47 -8.02 1.60
C PRO D 409 16.32 -7.82 3.07
N CYS D 410 15.99 -8.84 3.83
CA CYS D 410 15.58 -8.68 5.22
C CYS D 410 16.62 -9.27 6.16
N ARG D 411 16.83 -8.61 7.30
CA ARG D 411 17.57 -9.20 8.40
C ARG D 411 16.59 -9.79 9.40
N ILE D 412 17.03 -10.83 10.11
CA ILE D 412 16.19 -11.56 11.06
C ILE D 412 16.72 -11.30 12.46
N LYS D 413 15.80 -11.04 13.40
CA LYS D 413 16.19 -10.86 14.79
C LYS D 413 15.39 -11.81 15.67
N GLN D 414 15.98 -12.16 16.80
CA GLN D 414 15.36 -13.00 17.81
C GLN D 414 15.14 -12.29 19.12
N ILE D 415 16.11 -11.50 19.59
CA ILE D 415 16.01 -10.76 20.84
C ILE D 415 15.42 -9.39 20.50
N ILE D 416 14.14 -9.21 20.77
CA ILE D 416 13.42 -8.00 20.39
C ILE D 416 13.23 -7.12 21.62
N ASN D 417 13.11 -5.83 21.42
CA ASN D 417 12.87 -4.89 22.49
C ASN D 417 11.65 -4.07 22.18
N MET D 418 10.67 -4.70 21.57
CA MET D 418 9.59 -3.98 20.95
C MET D 418 8.91 -3.06 21.93
N TRP D 419 8.61 -1.88 21.41
CA TRP D 419 7.85 -0.88 22.08
C TRP D 419 8.72 0.07 22.77
N GLN D 420 8.17 1.22 23.02
CA GLN D 420 9.04 2.27 23.54
C GLN D 420 10.18 1.67 24.36
N ARG D 421 9.89 1.13 25.54
CA ARG D 421 10.68 0.06 26.13
C ARG D 421 9.78 -0.84 26.98
N ILE D 422 8.60 -1.19 26.48
CA ILE D 422 7.62 -1.77 27.38
C ILE D 422 7.05 -3.07 26.84
N GLY D 423 7.57 -3.56 25.71
CA GLY D 423 7.14 -4.88 25.33
C GLY D 423 7.78 -5.87 26.29
N GLN D 424 9.08 -6.12 26.08
CA GLN D 424 10.06 -6.57 27.06
C GLN D 424 11.30 -6.74 26.20
N CYS D 425 12.30 -7.46 26.67
CA CYS D 425 13.17 -8.17 25.74
C CYS D 425 12.80 -9.65 25.78
N MET D 426 12.52 -10.21 24.60
CA MET D 426 11.96 -11.55 24.47
C MET D 426 12.70 -12.32 23.39
N TYR D 427 13.08 -13.55 23.70
CA TYR D 427 13.85 -14.40 22.79
C TYR D 427 12.87 -15.17 21.89
N ALA D 428 12.88 -14.86 20.61
CA ALA D 428 12.07 -15.61 19.66
C ALA D 428 12.61 -17.03 19.55
N PRO D 429 11.83 -18.04 19.93
CA PRO D 429 12.32 -19.42 19.81
C PRO D 429 12.54 -19.77 18.35
N PRO D 430 13.74 -20.26 18.01
CA PRO D 430 14.04 -20.55 16.60
C PRO D 430 13.05 -21.53 15.99
N ILE D 431 12.69 -21.26 14.73
CA ILE D 431 11.75 -22.08 13.98
C ILE D 431 12.54 -23.12 13.20
N GLN D 432 12.06 -24.36 13.22
CA GLN D 432 12.72 -25.47 12.53
C GLN D 432 12.04 -25.67 11.19
N GLY D 433 12.75 -25.33 10.11
CA GLY D 433 12.28 -25.54 8.75
C GLY D 433 12.40 -24.27 7.94
N VAL D 434 11.66 -24.24 6.84
CA VAL D 434 11.61 -23.09 5.94
C VAL D 434 10.34 -22.30 6.24
N ILE D 435 10.47 -20.99 6.40
CA ILE D 435 9.35 -20.15 6.80
C ILE D 435 8.98 -19.27 5.61
N ARG D 436 7.78 -19.52 5.06
CA ARG D 436 7.21 -18.76 3.95
C ARG D 436 5.85 -18.25 4.36
N CYS D 437 5.61 -16.96 4.15
CA CYS D 437 4.28 -16.40 4.37
C CYS D 437 3.91 -15.49 3.22
N VAL D 438 2.61 -15.51 2.88
CA VAL D 438 2.02 -14.61 1.90
C VAL D 438 1.09 -13.67 2.64
N SER D 439 1.14 -12.39 2.29
CA SER D 439 0.37 -11.37 2.98
C SER D 439 -0.14 -10.32 2.00
N ASN D 440 -1.26 -9.72 2.36
CA ASN D 440 -1.75 -8.51 1.73
C ASN D 440 -1.15 -7.29 2.44
N ILE D 441 -0.77 -6.28 1.66
CA ILE D 441 -0.49 -4.96 2.19
C ILE D 441 -1.72 -4.09 1.92
N THR D 442 -2.21 -3.43 2.96
CA THR D 442 -3.43 -2.64 2.88
C THR D 442 -3.23 -1.17 3.20
N GLY D 443 -2.02 -0.75 3.54
CA GLY D 443 -1.81 0.66 3.84
C GLY D 443 -0.36 0.97 4.16
N LEU D 444 -0.09 2.27 4.28
CA LEU D 444 1.23 2.77 4.62
C LEU D 444 1.12 3.70 5.81
N ILE D 445 2.24 3.86 6.52
CA ILE D 445 2.39 4.91 7.52
C ILE D 445 3.42 5.89 6.99
N LEU D 446 2.98 6.93 6.30
CA LEU D 446 3.93 7.81 5.64
C LEU D 446 4.29 9.00 6.51
N THR D 447 5.34 9.71 6.07
CA THR D 447 5.80 10.95 6.66
C THR D 447 6.28 11.84 5.53
N ARG D 448 6.42 13.13 5.82
CA ARG D 448 6.80 14.07 4.78
C ARG D 448 7.71 15.13 5.36
N ASP D 449 8.68 15.57 4.55
CA ASP D 449 9.62 16.60 4.95
C ASP D 449 8.88 17.92 5.20
N SER D 455 10.17 24.84 -0.38
CA SER D 455 8.92 24.12 -0.59
C SER D 455 8.55 24.07 -2.08
N THR D 456 9.55 23.86 -2.93
CA THR D 456 9.29 23.72 -4.36
C THR D 456 8.44 22.48 -4.63
N THR D 457 8.91 21.33 -4.17
CA THR D 457 8.21 20.05 -4.29
C THR D 457 8.46 19.27 -3.00
N GLU D 458 7.75 18.16 -2.84
CA GLU D 458 7.82 17.45 -1.58
C GLU D 458 7.93 15.95 -1.79
N THR D 459 8.68 15.32 -0.89
CA THR D 459 9.02 13.90 -0.94
C THR D 459 8.46 13.21 0.30
N PHE D 460 8.22 11.89 0.18
CA PHE D 460 7.59 11.11 1.23
C PHE D 460 8.54 10.02 1.72
N ARG D 461 8.49 9.74 3.02
CA ARG D 461 9.35 8.75 3.64
C ARG D 461 8.58 7.85 4.59
N PRO D 462 8.82 6.55 4.56
CA PRO D 462 8.10 5.63 5.45
C PRO D 462 8.44 5.88 6.92
N GLY D 463 7.42 5.86 7.76
CA GLY D 463 7.57 6.07 9.19
C GLY D 463 7.23 4.86 10.03
N GLY D 464 6.05 4.85 10.63
CA GLY D 464 5.65 3.78 11.52
C GLY D 464 6.28 3.87 12.89
N GLY D 465 6.55 5.08 13.39
CA GLY D 465 7.31 5.23 14.61
C GLY D 465 6.60 4.69 15.84
N ASP D 466 5.29 4.90 15.91
CA ASP D 466 4.50 4.49 17.07
C ASP D 466 3.42 3.48 16.65
N MET D 467 3.07 2.61 17.58
CA MET D 467 2.22 1.45 17.29
C MET D 467 0.73 1.75 17.37
N ARG D 468 0.33 2.89 17.94
CA ARG D 468 -1.10 3.21 18.02
C ARG D 468 -1.70 3.45 16.64
N ASP D 469 -0.91 4.01 15.71
CA ASP D 469 -1.41 4.29 14.38
C ASP D 469 -1.85 3.01 13.68
N ASN D 470 -1.16 1.90 13.93
CA ASN D 470 -1.53 0.62 13.34
C ASN D 470 -2.97 0.25 13.67
N TRP D 471 -3.38 0.50 14.92
CA TRP D 471 -4.76 0.25 15.29
C TRP D 471 -5.68 1.32 14.72
N ARG D 472 -5.23 2.57 14.73
CA ARG D 472 -6.03 3.64 14.14
C ARG D 472 -6.32 3.41 12.66
N SER D 473 -5.55 2.53 12.00
CA SER D 473 -5.80 2.23 10.59
C SER D 473 -7.19 1.62 10.38
N GLU D 474 -7.51 0.59 11.15
CA GLU D 474 -8.78 -0.12 11.00
C GLU D 474 -9.82 0.29 12.03
N LEU D 475 -9.42 1.01 13.08
CA LEU D 475 -10.33 1.43 14.14
C LEU D 475 -10.94 2.81 13.85
N TYR D 476 -10.85 3.28 12.61
CA TYR D 476 -11.34 4.61 12.29
C TYR D 476 -12.85 4.67 12.13
N LYS D 477 -13.52 3.53 11.93
CA LYS D 477 -14.95 3.50 11.67
C LYS D 477 -15.80 3.53 12.94
N TYR D 478 -15.20 3.48 14.12
CA TYR D 478 -15.95 3.15 15.33
C TYR D 478 -15.79 4.22 16.39
N LYS D 479 -16.89 4.49 17.10
CA LYS D 479 -16.89 5.37 18.26
C LYS D 479 -17.87 4.81 19.29
N VAL D 480 -17.64 5.18 20.55
CA VAL D 480 -18.31 4.61 21.71
C VAL D 480 -19.25 5.65 22.31
N VAL D 481 -20.43 5.20 22.76
CA VAL D 481 -21.43 6.13 23.28
C VAL D 481 -22.21 5.49 24.43
N LYS D 482 -22.46 6.31 25.46
CA LYS D 482 -23.36 5.98 26.54
C LYS D 482 -24.82 6.06 26.09
N ILE D 483 -25.64 5.16 26.59
CA ILE D 483 -27.09 5.20 26.36
C ILE D 483 -27.75 5.78 27.60
N GLU D 484 -28.53 6.85 27.41
CA GLU D 484 -29.20 7.55 28.51
C GLU D 484 -30.68 7.65 28.21
N PRO D 485 -31.46 6.67 28.63
CA PRO D 485 -32.87 6.60 28.23
C PRO D 485 -33.83 7.32 29.17
N LEU D 486 -33.50 8.53 29.62
CA LEU D 486 -34.39 9.30 30.48
C LEU D 486 -34.80 10.55 29.71
N GLY D 487 -35.84 10.39 28.90
CA GLY D 487 -36.30 11.49 28.07
C GLY D 487 -37.51 12.15 28.66
N VAL D 488 -37.36 13.37 29.15
CA VAL D 488 -38.49 14.13 29.69
C VAL D 488 -39.05 15.01 28.60
N ALA D 489 -40.37 15.12 28.53
CA ALA D 489 -40.94 15.93 27.47
C ALA D 489 -42.18 16.67 27.95
N PRO D 490 -42.72 17.64 27.20
CA PRO D 490 -44.05 18.15 27.56
C PRO D 490 -45.19 17.50 26.79
N THR D 491 -46.30 17.21 27.47
CA THR D 491 -47.54 16.85 26.81
C THR D 491 -48.70 17.30 27.69
N ARG D 492 -49.90 17.29 27.10
CA ARG D 492 -51.11 17.77 27.76
C ARG D 492 -51.75 16.67 28.59
N CYS D 493 -51.06 16.33 29.70
CA CYS D 493 -51.44 15.21 30.54
C CYS D 493 -51.16 15.54 32.00
N LYS D 494 -52.11 15.19 32.87
CA LYS D 494 -51.91 15.27 34.31
C LYS D 494 -52.04 13.89 34.93
N ARG D 495 -51.25 13.65 35.96
CA ARG D 495 -51.31 12.39 36.69
C ARG D 495 -52.67 12.24 37.38
N ARG D 496 -53.14 11.00 37.44
CA ARG D 496 -54.45 10.72 38.02
C ARG D 496 -54.52 11.15 39.48
N VAL D 497 -55.72 11.55 39.90
CA VAL D 497 -55.98 11.88 41.28
C VAL D 497 -56.27 10.61 42.08
N GLN E 1 39.11 -29.75 -36.05
CA GLN E 1 39.44 -30.68 -34.98
C GLN E 1 40.12 -29.94 -33.82
N VAL E 2 40.61 -30.71 -32.84
CA VAL E 2 41.25 -30.17 -31.65
C VAL E 2 42.45 -31.05 -31.33
N HIS E 3 43.53 -30.42 -30.84
CA HIS E 3 44.74 -31.15 -30.49
C HIS E 3 45.57 -30.32 -29.53
N LEU E 4 46.25 -31.00 -28.60
CA LEU E 4 47.12 -30.38 -27.61
C LEU E 4 48.49 -31.05 -27.67
N GLN E 5 49.55 -30.28 -27.40
CA GLN E 5 50.87 -30.91 -27.40
C GLN E 5 51.80 -30.20 -26.40
N GLU E 6 51.86 -30.74 -25.18
CA GLU E 6 52.81 -30.23 -24.21
C GLU E 6 54.26 -30.51 -24.65
N SER E 7 55.19 -29.84 -23.99
CA SER E 7 56.61 -29.94 -24.29
C SER E 7 57.38 -29.20 -23.20
N GLY E 8 58.65 -29.56 -23.05
CA GLY E 8 59.50 -28.97 -22.05
C GLY E 8 60.71 -29.82 -21.76
N PRO E 9 61.38 -29.53 -20.63
CA PRO E 9 62.65 -30.23 -20.34
C PRO E 9 62.46 -31.71 -20.03
N GLY E 10 61.38 -32.09 -19.34
CA GLY E 10 61.25 -33.44 -18.86
C GLY E 10 62.14 -33.80 -17.69
N LEU E 11 62.99 -32.88 -17.26
CA LEU E 11 63.78 -33.00 -16.03
C LEU E 11 64.40 -31.65 -15.68
N VAL E 12 64.33 -31.25 -14.41
CA VAL E 12 64.99 -30.05 -13.92
C VAL E 12 65.57 -30.34 -12.54
N LYS E 13 66.72 -29.73 -12.25
CA LYS E 13 67.35 -29.88 -10.96
C LYS E 13 66.53 -29.15 -9.89
N PRO E 14 66.75 -29.48 -8.61
CA PRO E 14 66.04 -28.77 -7.54
C PRO E 14 66.34 -27.27 -7.54
N SER E 15 65.35 -26.50 -7.10
CA SER E 15 65.45 -25.04 -6.95
C SER E 15 65.89 -24.38 -8.26
N GLU E 16 65.04 -24.53 -9.28
CA GLU E 16 65.28 -23.92 -10.58
C GLU E 16 63.94 -23.47 -11.16
N THR E 17 63.96 -23.03 -12.42
CA THR E 17 62.79 -22.53 -13.12
C THR E 17 62.38 -23.57 -14.16
N LEU E 18 61.49 -24.47 -13.76
CA LEU E 18 60.82 -25.35 -14.72
C LEU E 18 59.95 -24.52 -15.65
N SER E 19 60.23 -24.62 -16.95
CA SER E 19 59.49 -23.90 -17.97
C SER E 19 58.88 -24.91 -18.94
N LEU E 20 57.55 -24.93 -19.00
CA LEU E 20 56.82 -25.86 -19.86
C LEU E 20 55.94 -25.07 -20.83
N THR E 21 55.74 -25.64 -22.00
CA THR E 21 54.90 -25.02 -23.01
C THR E 21 53.88 -26.03 -23.53
N CYS E 22 52.78 -25.51 -24.06
CA CYS E 22 51.65 -26.30 -24.56
C CYS E 22 51.33 -25.78 -25.96
N ASN E 23 51.78 -26.52 -26.96
CA ASN E 23 51.45 -26.22 -28.35
C ASN E 23 49.95 -26.38 -28.59
N VAL E 24 49.35 -25.33 -29.16
CA VAL E 24 47.92 -25.22 -29.37
C VAL E 24 47.61 -25.35 -30.85
N SER E 25 46.46 -25.94 -31.15
CA SER E 25 46.00 -26.11 -32.52
C SER E 25 44.48 -26.10 -32.52
N GLY E 26 43.89 -26.25 -33.71
CA GLY E 26 42.47 -26.37 -33.85
C GLY E 26 41.63 -25.16 -33.47
N THR E 27 42.25 -24.15 -32.85
CA THR E 27 41.56 -22.93 -32.41
C THR E 27 42.63 -21.92 -32.01
N LEU E 28 42.19 -20.78 -31.48
CA LEU E 28 43.10 -19.72 -31.04
C LEU E 28 43.26 -19.74 -29.53
N VAL E 29 44.36 -19.15 -29.06
CA VAL E 29 44.59 -19.04 -27.62
C VAL E 29 43.73 -17.96 -27.00
N ARG E 30 43.23 -17.01 -27.80
CA ARG E 30 42.40 -15.94 -27.27
C ARG E 30 41.00 -16.44 -26.92
N ASP E 31 40.53 -17.49 -27.59
CA ASP E 31 39.13 -17.91 -27.45
C ASP E 31 38.88 -18.65 -26.15
N ASN E 32 39.51 -19.80 -25.97
CA ASN E 32 39.19 -20.68 -24.86
C ASN E 32 39.97 -20.29 -23.61
N TYR E 33 39.40 -20.64 -22.46
CA TYR E 33 40.10 -20.59 -21.19
C TYR E 33 40.88 -21.89 -21.02
N TRP E 34 42.08 -21.79 -20.46
CA TRP E 34 42.97 -22.93 -20.32
C TRP E 34 43.20 -23.25 -18.85
N SER E 35 43.68 -24.47 -18.61
CA SER E 35 44.00 -24.93 -17.27
C SER E 35 45.09 -25.99 -17.37
N TRP E 36 45.91 -26.06 -16.32
CA TRP E 36 46.97 -27.07 -16.25
C TRP E 36 46.74 -27.96 -15.04
N ILE E 37 47.07 -29.24 -15.19
CA ILE E 37 46.86 -30.24 -14.14
C ILE E 37 48.08 -31.15 -14.10
N ARG E 38 48.82 -31.11 -13.00
CA ARG E 38 49.89 -32.07 -12.78
C ARG E 38 49.31 -33.31 -12.07
N GLN E 39 49.89 -34.46 -12.37
CA GLN E 39 49.47 -35.72 -11.76
C GLN E 39 50.70 -36.48 -11.27
N PRO E 40 50.95 -36.52 -9.96
CA PRO E 40 52.02 -37.38 -9.44
C PRO E 40 51.75 -38.84 -9.74
N LEU E 41 52.81 -39.65 -9.67
CA LEU E 41 52.71 -41.05 -10.01
C LEU E 41 51.93 -41.80 -8.95
N GLY E 42 50.79 -42.38 -9.34
CA GLY E 42 49.98 -43.18 -8.46
C GLY E 42 49.09 -42.42 -7.51
N LYS E 43 49.12 -41.09 -7.54
CA LYS E 43 48.35 -40.25 -6.62
C LYS E 43 47.21 -39.57 -7.37
N GLN E 44 46.47 -38.73 -6.64
CA GLN E 44 45.33 -38.07 -7.28
C GLN E 44 45.76 -36.74 -7.90
N PRO E 45 45.21 -36.41 -9.06
CA PRO E 45 45.65 -35.19 -9.77
C PRO E 45 45.40 -33.94 -8.95
N GLU E 46 46.45 -33.11 -8.83
CA GLU E 46 46.36 -31.81 -8.17
C GLU E 46 46.25 -30.73 -9.25
N TRP E 47 45.13 -30.02 -9.26
CA TRP E 47 44.88 -29.00 -10.27
C TRP E 47 45.78 -27.79 -10.04
N ILE E 48 46.40 -27.30 -11.12
CA ILE E 48 47.38 -26.23 -11.00
C ILE E 48 46.70 -24.86 -11.02
N GLY E 49 46.06 -24.52 -12.13
CA GLY E 49 45.48 -23.19 -12.25
C GLY E 49 44.92 -22.98 -13.64
N TYR E 50 44.23 -21.85 -13.79
CA TYR E 50 43.56 -21.53 -15.05
C TYR E 50 43.99 -20.15 -15.54
N VAL E 51 44.13 -20.04 -16.87
CA VAL E 51 44.66 -18.85 -17.52
C VAL E 51 43.82 -18.53 -18.75
N HIS E 52 43.56 -17.25 -18.97
CA HIS E 52 42.94 -16.80 -20.21
C HIS E 52 43.45 -15.40 -20.51
N ASP E 53 43.46 -15.06 -21.80
CA ASP E 53 43.71 -13.68 -22.20
C ASP E 53 42.67 -12.77 -21.54
N SER E 54 42.99 -11.48 -21.51
CA SER E 54 42.28 -10.46 -20.73
C SER E 54 42.49 -10.64 -19.23
N GLY E 55 43.55 -11.33 -18.83
CA GLY E 55 43.95 -11.39 -17.43
C GLY E 55 43.06 -12.22 -16.52
N ASP E 56 42.12 -12.99 -17.07
CA ASP E 56 41.31 -13.89 -16.26
C ASP E 56 42.16 -15.12 -15.94
N THR E 57 42.93 -15.03 -14.85
CA THR E 57 43.94 -16.03 -14.55
C THR E 57 44.09 -16.14 -13.04
N ASN E 58 43.92 -17.36 -12.52
CA ASN E 58 44.09 -17.60 -11.08
C ASN E 58 44.86 -18.90 -10.87
N TYR E 59 45.50 -18.98 -9.70
CA TYR E 59 46.47 -20.02 -9.38
C TYR E 59 46.01 -20.84 -8.18
N ASN E 60 46.67 -21.97 -7.97
CA ASN E 60 46.40 -22.82 -6.82
C ASN E 60 46.86 -22.14 -5.55
N PRO E 61 46.05 -22.17 -4.48
CA PRO E 61 46.53 -21.64 -3.19
C PRO E 61 47.73 -22.39 -2.63
N SER E 62 47.77 -23.72 -2.80
CA SER E 62 48.86 -24.51 -2.23
C SER E 62 50.21 -24.19 -2.86
N LEU E 63 50.23 -23.60 -4.05
CA LEU E 63 51.46 -23.25 -4.74
C LEU E 63 51.43 -21.82 -5.28
N LYS E 64 50.63 -20.95 -4.66
CA LYS E 64 50.36 -19.62 -5.23
C LYS E 64 51.63 -18.81 -5.42
N SER E 65 52.59 -18.94 -4.52
CA SER E 65 53.76 -18.07 -4.54
C SER E 65 54.72 -18.38 -5.67
N ARG E 66 54.70 -19.60 -6.21
CA ARG E 66 55.78 -20.07 -7.06
C ARG E 66 55.45 -20.15 -8.55
N VAL E 67 54.18 -20.05 -8.94
CA VAL E 67 53.77 -20.37 -10.30
C VAL E 67 53.64 -19.10 -11.13
N HIS E 68 53.65 -19.27 -12.44
CA HIS E 68 53.48 -18.18 -13.40
C HIS E 68 52.88 -18.74 -14.68
N LEU E 69 51.97 -17.98 -15.28
CA LEU E 69 51.28 -18.36 -16.50
C LEU E 69 51.40 -17.26 -17.54
N SER E 70 51.06 -17.61 -18.78
CA SER E 70 50.98 -16.67 -19.90
C SER E 70 50.47 -17.41 -21.12
N LEU E 71 50.06 -16.63 -22.12
CA LEU E 71 49.72 -17.13 -23.45
C LEU E 71 50.40 -16.26 -24.48
N ASP E 72 51.05 -16.88 -25.46
CA ASP E 72 51.62 -16.16 -26.58
C ASP E 72 50.62 -16.20 -27.72
N LYS E 73 49.95 -15.08 -27.97
CA LYS E 73 48.96 -15.00 -29.03
C LYS E 73 49.61 -15.16 -30.40
N SER E 74 50.71 -14.42 -30.64
CA SER E 74 51.40 -14.53 -31.92
C SER E 74 51.89 -15.95 -32.16
N LYS E 75 52.62 -16.51 -31.19
CA LYS E 75 53.06 -17.90 -31.32
C LYS E 75 51.92 -18.89 -31.15
N ASN E 76 50.80 -18.47 -30.57
CA ASN E 76 49.64 -19.32 -30.35
C ASN E 76 49.98 -20.50 -29.44
N LEU E 77 50.58 -20.19 -28.28
CA LEU E 77 51.07 -21.21 -27.35
C LEU E 77 50.62 -20.89 -25.93
N VAL E 78 50.41 -21.96 -25.15
CA VAL E 78 50.11 -21.82 -23.72
C VAL E 78 51.42 -21.96 -22.95
N SER E 79 51.85 -20.89 -22.31
CA SER E 79 53.11 -20.93 -21.59
C SER E 79 52.90 -21.43 -20.16
N LEU E 80 54.00 -21.72 -19.48
CA LEU E 80 53.98 -22.10 -18.07
C LEU E 80 55.36 -21.94 -17.50
N ARG E 81 55.44 -21.30 -16.33
CA ARG E 81 56.67 -21.19 -15.56
C ARG E 81 56.39 -21.57 -14.12
N LEU E 82 57.38 -22.20 -13.48
CA LEU E 82 57.30 -22.58 -12.08
C LEU E 82 58.71 -22.51 -11.52
N THR E 83 58.85 -21.91 -10.35
CA THR E 83 60.15 -21.66 -9.74
C THR E 83 60.31 -22.46 -8.45
N GLY E 84 61.56 -22.75 -8.12
CA GLY E 84 61.87 -23.47 -6.89
C GLY E 84 61.33 -24.87 -6.83
N VAL E 85 61.47 -25.65 -7.91
CA VAL E 85 60.94 -27.00 -7.94
C VAL E 85 61.62 -27.86 -6.87
N THR E 86 60.89 -28.87 -6.39
CA THR E 86 61.39 -29.79 -5.37
C THR E 86 60.88 -31.18 -5.68
N ALA E 87 61.27 -32.15 -4.85
CA ALA E 87 60.89 -33.54 -5.08
C ALA E 87 59.38 -33.70 -5.13
N ALA E 88 58.64 -32.90 -4.37
CA ALA E 88 57.19 -32.98 -4.36
C ALA E 88 56.54 -32.54 -5.67
N ASP E 89 57.31 -31.99 -6.61
CA ASP E 89 56.78 -31.40 -7.82
C ASP E 89 56.88 -32.30 -9.06
N SER E 90 57.50 -33.47 -8.93
CA SER E 90 57.69 -34.36 -10.08
C SER E 90 56.38 -35.05 -10.43
N ALA E 91 55.94 -34.92 -11.67
CA ALA E 91 54.62 -35.43 -12.04
C ALA E 91 54.47 -35.41 -13.56
N ILE E 92 53.33 -35.92 -14.02
CA ILE E 92 52.92 -35.85 -15.42
C ILE E 92 52.07 -34.59 -15.57
N TYR E 93 52.60 -33.59 -16.27
CA TYR E 93 51.92 -32.30 -16.41
C TYR E 93 51.09 -32.32 -17.70
N TYR E 94 49.77 -32.35 -17.53
CA TYR E 94 48.82 -32.29 -18.62
C TYR E 94 48.49 -30.84 -18.97
N CYS E 95 47.81 -30.66 -20.10
CA CYS E 95 47.35 -29.36 -20.58
C CYS E 95 45.91 -29.53 -21.04
N ALA E 96 45.01 -28.71 -20.52
CA ALA E 96 43.59 -28.94 -20.74
C ALA E 96 42.85 -27.65 -21.09
N THR E 97 42.08 -27.70 -22.17
CA THR E 97 41.06 -26.68 -22.41
C THR E 97 40.05 -26.72 -21.27
N THR E 98 39.56 -25.55 -20.86
CA THR E 98 38.62 -25.50 -19.75
C THR E 98 37.45 -24.60 -20.10
N LYS E 99 36.27 -24.97 -19.59
CA LYS E 99 35.03 -24.26 -19.88
C LYS E 99 34.42 -23.78 -18.57
N HIS E 100 33.89 -22.56 -18.59
CA HIS E 100 33.24 -22.01 -17.39
C HIS E 100 31.76 -22.37 -17.36
N GLY E 101 31.17 -22.23 -16.18
CA GLY E 101 29.76 -22.51 -15.98
C GLY E 101 29.24 -21.77 -14.78
N ARG E 102 27.92 -21.69 -14.69
CA ARG E 102 27.25 -20.99 -13.60
C ARG E 102 26.26 -21.92 -12.94
N ARG E 103 26.47 -22.18 -11.64
CA ARG E 103 25.52 -22.95 -10.85
C ARG E 103 24.74 -21.98 -9.97
N ILE E 104 23.43 -21.99 -10.09
CA ILE E 104 22.58 -21.06 -9.38
C ILE E 104 21.65 -21.80 -8.49
N TYR E 105 21.88 -21.67 -7.19
CA TYR E 105 21.09 -22.25 -6.14
C TYR E 105 20.09 -21.30 -5.54
N GLY E 106 20.02 -20.08 -6.02
CA GLY E 106 19.20 -19.08 -5.37
C GLY E 106 18.31 -18.26 -6.25
N VAL E 107 18.29 -16.96 -5.98
CA VAL E 107 17.59 -16.03 -6.85
C VAL E 107 18.54 -15.31 -7.76
N VAL E 108 19.81 -15.58 -7.58
CA VAL E 108 20.84 -14.97 -8.36
C VAL E 108 21.07 -13.58 -7.90
N ALA E 109 20.16 -13.06 -7.11
CA ALA E 109 20.15 -11.66 -6.83
C ALA E 109 21.40 -11.35 -6.15
N PHE E 110 21.76 -12.22 -5.24
CA PHE E 110 22.70 -11.85 -4.23
C PHE E 110 23.96 -11.48 -4.91
N LYS E 111 24.34 -12.33 -5.85
CA LYS E 111 25.63 -12.96 -5.93
C LYS E 111 25.57 -14.36 -5.37
N GLU E 112 24.39 -14.88 -5.11
CA GLU E 112 24.28 -16.23 -4.59
C GLU E 112 24.38 -17.21 -5.75
N TRP E 113 25.58 -17.44 -6.24
CA TRP E 113 25.78 -18.37 -7.33
C TRP E 113 27.26 -18.70 -7.49
N PHE E 114 27.66 -19.78 -8.15
CA PHE E 114 29.10 -20.00 -8.14
C PHE E 114 29.55 -20.59 -9.48
N THR E 115 30.72 -20.15 -9.92
CA THR E 115 31.31 -20.59 -11.17
C THR E 115 32.05 -21.90 -10.93
N TYR E 116 31.54 -22.98 -11.53
CA TYR E 116 32.20 -24.28 -11.51
C TYR E 116 32.82 -24.53 -12.88
N PHE E 117 33.98 -25.17 -12.89
CA PHE E 117 34.73 -25.39 -14.12
C PHE E 117 34.80 -26.87 -14.45
N TYR E 118 35.02 -27.15 -15.74
CA TYR E 118 35.14 -28.52 -16.23
C TYR E 118 35.99 -28.51 -17.49
N MET E 119 37.08 -29.28 -17.45
CA MET E 119 38.05 -29.34 -18.55
C MET E 119 37.66 -30.49 -19.47
N ASP E 120 37.05 -30.14 -20.61
CA ASP E 120 36.46 -31.17 -21.47
C ASP E 120 37.50 -31.88 -22.32
N VAL E 121 38.49 -31.15 -22.84
CA VAL E 121 39.49 -31.71 -23.75
C VAL E 121 40.86 -31.53 -23.12
N TRP E 122 41.63 -32.61 -23.06
CA TRP E 122 42.89 -32.67 -22.35
C TRP E 122 44.06 -32.64 -23.32
N GLY E 123 45.27 -32.79 -22.77
CA GLY E 123 46.46 -33.07 -23.55
C GLY E 123 47.08 -34.37 -23.09
N LYS E 124 48.09 -34.82 -23.84
CA LYS E 124 48.75 -36.08 -23.49
C LYS E 124 49.64 -35.92 -22.26
N GLY E 125 50.22 -34.74 -22.06
CA GLY E 125 51.05 -34.47 -20.91
C GLY E 125 52.53 -34.58 -21.22
N THR E 126 53.34 -34.23 -20.22
CA THR E 126 54.79 -34.39 -20.29
C THR E 126 55.30 -34.82 -18.92
N SER E 127 56.14 -35.85 -18.91
CA SER E 127 56.69 -36.39 -17.68
C SER E 127 57.83 -35.49 -17.21
N VAL E 128 57.56 -34.67 -16.20
CA VAL E 128 58.56 -33.80 -15.60
C VAL E 128 59.06 -34.47 -14.33
N THR E 129 60.28 -35.00 -14.41
CA THR E 129 60.98 -35.55 -13.27
C THR E 129 61.90 -34.50 -12.67
N VAL E 130 62.31 -34.73 -11.42
CA VAL E 130 63.15 -33.78 -10.69
C VAL E 130 64.21 -34.57 -9.93
N SER E 131 65.47 -34.43 -10.33
CA SER E 131 66.58 -35.07 -9.63
C SER E 131 67.87 -34.38 -10.04
N SER E 132 68.82 -34.34 -9.09
CA SER E 132 70.13 -33.76 -9.35
C SER E 132 71.04 -34.69 -10.13
N ALA E 133 70.52 -35.80 -10.65
CA ALA E 133 71.31 -36.75 -11.41
C ALA E 133 71.44 -36.29 -12.85
N SER E 134 72.67 -36.30 -13.37
CA SER E 134 72.90 -35.91 -14.75
C SER E 134 72.20 -36.88 -15.70
N THR E 135 71.85 -36.37 -16.88
CA THR E 135 71.26 -37.19 -17.92
C THR E 135 72.25 -38.29 -18.33
N LYS E 136 71.71 -39.42 -18.77
CA LYS E 136 72.48 -40.39 -19.52
C LYS E 136 71.73 -40.73 -20.80
N GLY E 137 72.50 -40.98 -21.86
CA GLY E 137 71.94 -41.36 -23.13
C GLY E 137 71.63 -42.85 -23.16
N PRO E 138 70.64 -43.24 -23.95
CA PRO E 138 70.30 -44.66 -24.08
C PRO E 138 71.31 -45.41 -24.94
N SER E 139 71.58 -46.64 -24.53
CA SER E 139 72.31 -47.60 -25.35
C SER E 139 71.32 -48.52 -26.04
N VAL E 140 71.64 -48.92 -27.27
CA VAL E 140 70.71 -49.70 -28.09
C VAL E 140 71.47 -50.87 -28.69
N PHE E 141 71.21 -52.08 -28.21
CA PHE E 141 71.74 -53.30 -28.79
C PHE E 141 70.60 -54.09 -29.40
N PRO E 142 70.62 -54.37 -30.72
CA PRO E 142 69.47 -55.00 -31.38
C PRO E 142 69.37 -56.48 -31.06
N LEU E 143 68.31 -56.88 -30.37
CA LEU E 143 68.09 -58.28 -30.01
C LEU E 143 67.72 -59.06 -31.27
N ALA E 144 68.58 -59.98 -31.67
CA ALA E 144 68.32 -60.79 -32.86
C ALA E 144 67.08 -61.66 -32.64
N PRO E 145 66.41 -62.05 -33.73
CA PRO E 145 65.25 -62.94 -33.58
C PRO E 145 65.64 -64.26 -32.93
N SER E 146 64.62 -65.05 -32.59
CA SER E 146 64.83 -66.40 -32.06
C SER E 146 65.74 -67.17 -33.01
N SER E 147 66.36 -68.25 -32.50
CA SER E 147 67.62 -68.79 -33.03
C SER E 147 67.70 -68.79 -34.56
N LYS E 148 68.90 -68.58 -35.10
CA LYS E 148 69.13 -68.17 -36.48
C LYS E 148 68.35 -68.98 -37.52
N SER E 149 67.77 -70.10 -37.10
CA SER E 149 66.88 -70.93 -37.89
C SER E 149 65.55 -71.12 -37.14
N THR E 150 64.95 -70.00 -36.70
CA THR E 150 63.82 -69.92 -35.77
C THR E 150 62.70 -70.93 -36.03
N SER E 151 61.96 -71.25 -34.98
CA SER E 151 60.97 -72.33 -34.99
C SER E 151 59.92 -72.14 -36.08
N GLY E 152 59.21 -73.21 -36.42
CA GLY E 152 58.32 -73.19 -37.56
C GLY E 152 57.13 -72.27 -37.45
N GLY E 153 57.19 -71.16 -38.20
CA GLY E 153 56.08 -70.24 -38.29
C GLY E 153 55.99 -69.25 -37.16
N THR E 154 55.60 -68.01 -37.47
CA THR E 154 55.30 -66.97 -36.48
C THR E 154 56.50 -66.64 -35.58
N ALA E 155 57.50 -66.00 -36.20
CA ALA E 155 58.72 -65.59 -35.50
C ALA E 155 58.55 -64.25 -34.80
N ALA E 156 59.54 -63.90 -33.96
CA ALA E 156 59.49 -62.73 -33.11
C ALA E 156 60.82 -62.01 -33.11
N LEU E 157 60.77 -60.67 -33.16
CA LEU E 157 61.96 -59.83 -33.20
C LEU E 157 61.84 -58.75 -32.13
N GLY E 158 62.99 -58.25 -31.68
CA GLY E 158 62.99 -57.24 -30.63
C GLY E 158 64.17 -56.31 -30.69
N CYS E 159 64.02 -55.18 -29.99
CA CYS E 159 65.07 -54.21 -29.72
C CYS E 159 65.24 -54.10 -28.20
N LEU E 160 66.15 -53.22 -27.78
CA LEU E 160 66.43 -53.10 -26.34
C LEU E 160 67.03 -51.73 -26.07
N VAL E 161 66.40 -50.97 -25.18
CA VAL E 161 66.93 -49.70 -24.71
C VAL E 161 67.32 -49.88 -23.26
N LYS E 162 68.63 -49.84 -22.98
CA LYS E 162 69.16 -50.08 -21.65
C LYS E 162 69.89 -48.85 -21.16
N ASP E 163 69.79 -48.61 -19.85
CA ASP E 163 70.56 -47.58 -19.15
C ASP E 163 70.32 -46.19 -19.74
N TYR E 164 69.06 -45.74 -19.62
CA TYR E 164 68.70 -44.38 -19.98
C TYR E 164 68.02 -43.71 -18.81
N PHE E 165 68.25 -42.41 -18.68
CA PHE E 165 67.65 -41.59 -17.63
C PHE E 165 67.35 -40.21 -18.23
N PRO E 166 66.18 -39.64 -17.92
CA PRO E 166 65.09 -40.30 -17.18
C PRO E 166 63.98 -40.76 -18.11
N GLU E 167 62.90 -41.28 -17.53
CA GLU E 167 61.72 -41.62 -18.32
C GLU E 167 61.13 -40.36 -18.95
N PRO E 168 60.46 -40.48 -20.10
CA PRO E 168 60.31 -41.72 -20.87
C PRO E 168 61.30 -41.85 -22.02
N VAL E 169 61.04 -42.84 -22.88
CA VAL E 169 61.70 -42.99 -24.18
C VAL E 169 60.64 -43.43 -25.17
N THR E 170 60.59 -42.79 -26.32
CA THR E 170 59.58 -43.11 -27.33
C THR E 170 60.21 -44.02 -28.39
N VAL E 171 59.42 -44.98 -28.85
CA VAL E 171 59.87 -46.01 -29.79
C VAL E 171 58.85 -46.14 -30.90
N SER E 172 59.33 -46.31 -32.13
CA SER E 172 58.45 -46.61 -33.26
C SER E 172 59.28 -47.33 -34.31
N TRP E 173 58.61 -48.19 -35.09
CA TRP E 173 59.27 -49.16 -35.94
C TRP E 173 59.16 -48.75 -37.40
N ASN E 174 60.31 -48.46 -38.02
CA ASN E 174 60.40 -47.93 -39.39
C ASN E 174 59.56 -46.65 -39.52
N SER E 175 59.89 -45.68 -38.67
CA SER E 175 59.15 -44.42 -38.58
C SER E 175 57.67 -44.67 -38.33
N GLY E 176 57.37 -45.66 -37.49
CA GLY E 176 55.99 -46.03 -37.20
C GLY E 176 55.29 -46.73 -38.33
N ALA E 177 56.00 -47.56 -39.10
CA ALA E 177 55.41 -48.20 -40.27
C ALA E 177 54.50 -49.37 -39.88
N LEU E 178 55.06 -50.37 -39.19
CA LEU E 178 54.30 -51.58 -38.89
C LEU E 178 53.14 -51.28 -37.94
N THR E 179 53.44 -50.68 -36.79
CA THR E 179 52.49 -50.34 -35.71
C THR E 179 51.45 -51.44 -35.50
N SER E 180 51.87 -52.69 -35.66
CA SER E 180 51.02 -53.86 -35.45
C SER E 180 51.81 -54.89 -34.67
N GLY E 181 51.21 -55.44 -33.62
CA GLY E 181 51.88 -56.39 -32.77
C GLY E 181 52.98 -55.83 -31.90
N VAL E 182 53.24 -54.52 -31.97
CA VAL E 182 54.22 -53.90 -31.08
C VAL E 182 53.69 -53.96 -29.65
N HIS E 183 54.53 -54.44 -28.74
CA HIS E 183 54.18 -54.60 -27.34
C HIS E 183 55.24 -53.95 -26.45
N THR E 184 55.59 -52.70 -26.77
CA THR E 184 56.59 -51.96 -26.01
C THR E 184 56.33 -52.05 -24.52
N PHE E 185 57.25 -52.68 -23.81
CA PHE E 185 57.09 -53.00 -22.40
C PHE E 185 57.41 -51.79 -21.52
N PRO E 186 56.92 -51.79 -20.29
CA PRO E 186 57.32 -50.75 -19.35
C PRO E 186 58.81 -50.83 -19.04
N ALA E 187 59.34 -49.71 -18.54
CA ALA E 187 60.72 -49.69 -18.13
C ALA E 187 60.89 -50.34 -16.76
N VAL E 188 62.11 -50.78 -16.48
CA VAL E 188 62.50 -51.23 -15.15
C VAL E 188 63.62 -50.33 -14.66
N LEU E 189 63.45 -49.75 -13.48
CA LEU E 189 64.51 -48.99 -12.87
C LEU E 189 65.53 -49.94 -12.25
N GLN E 190 66.81 -49.62 -12.40
CA GLN E 190 67.87 -50.49 -11.93
C GLN E 190 68.44 -49.95 -10.63
N SER E 191 69.42 -50.67 -10.09
CA SER E 191 70.09 -50.20 -8.88
C SER E 191 70.91 -48.94 -9.16
N SER E 192 71.45 -48.81 -10.38
CA SER E 192 72.24 -47.63 -10.71
C SER E 192 71.40 -46.37 -10.73
N GLY E 193 70.15 -46.47 -11.20
CA GLY E 193 69.29 -45.32 -11.33
C GLY E 193 68.87 -45.08 -12.76
N LEU E 194 69.09 -46.07 -13.61
CA LEU E 194 68.79 -46.00 -15.03
C LEU E 194 67.63 -46.93 -15.37
N TYR E 195 66.78 -46.49 -16.28
CA TYR E 195 65.69 -47.32 -16.77
C TYR E 195 66.18 -48.18 -17.94
N SER E 196 65.31 -49.10 -18.36
CA SER E 196 65.57 -49.92 -19.54
C SER E 196 64.25 -50.54 -19.97
N LEU E 197 63.83 -50.25 -21.19
CA LEU E 197 62.61 -50.84 -21.75
C LEU E 197 62.95 -51.62 -23.01
N SER E 198 62.24 -52.71 -23.22
CA SER E 198 62.29 -53.47 -24.45
C SER E 198 61.14 -53.08 -25.36
N SER E 199 61.34 -53.29 -26.66
CA SER E 199 60.27 -53.18 -27.63
C SER E 199 60.42 -54.35 -28.59
N VAL E 200 59.30 -54.99 -28.92
CA VAL E 200 59.31 -56.23 -29.69
C VAL E 200 58.15 -56.22 -30.65
N VAL E 201 58.38 -56.72 -31.86
CA VAL E 201 57.32 -56.93 -32.84
C VAL E 201 57.25 -58.42 -33.16
N THR E 202 56.03 -58.84 -33.49
CA THR E 202 55.77 -60.21 -33.92
C THR E 202 55.62 -60.21 -35.44
N VAL E 203 56.38 -61.09 -36.10
CA VAL E 203 56.35 -61.12 -37.56
C VAL E 203 56.05 -62.54 -38.04
N PRO E 204 55.28 -62.71 -39.12
CA PRO E 204 54.95 -64.05 -39.60
C PRO E 204 56.16 -64.78 -40.16
N SER E 205 55.95 -66.01 -40.61
CA SER E 205 57.06 -66.88 -41.01
C SER E 205 57.80 -66.37 -42.24
N SER E 206 57.15 -65.57 -43.08
CA SER E 206 57.79 -65.06 -44.31
C SER E 206 58.69 -63.88 -43.98
N SER E 207 59.67 -64.14 -43.11
CA SER E 207 60.58 -63.11 -42.61
C SER E 207 62.04 -63.41 -42.90
N LEU E 208 62.34 -64.36 -43.79
CA LEU E 208 63.71 -64.54 -44.23
C LEU E 208 64.24 -63.26 -44.88
N GLY E 209 63.40 -62.61 -45.69
CA GLY E 209 63.69 -61.28 -46.17
C GLY E 209 64.47 -61.21 -47.47
N THR E 210 65.36 -60.22 -47.56
CA THR E 210 65.62 -59.30 -46.45
C THR E 210 64.67 -58.10 -46.44
N GLN E 211 63.67 -58.13 -45.56
CA GLN E 211 62.86 -56.96 -45.31
C GLN E 211 63.61 -56.02 -44.37
N THR E 212 63.38 -54.72 -44.55
CA THR E 212 64.13 -53.68 -43.85
C THR E 212 63.46 -53.40 -42.51
N TYR E 213 64.01 -53.95 -41.43
CA TYR E 213 63.48 -53.79 -40.09
C TYR E 213 64.49 -52.99 -39.27
N ILE E 214 64.17 -51.73 -39.00
CA ILE E 214 65.04 -50.81 -38.27
C ILE E 214 64.19 -50.06 -37.26
N CYS E 215 64.35 -50.38 -35.97
CA CYS E 215 63.57 -49.72 -34.94
C CYS E 215 64.17 -48.36 -34.60
N ASN E 216 63.29 -47.44 -34.20
CA ASN E 216 63.64 -46.04 -33.98
C ASN E 216 63.38 -45.69 -32.52
N VAL E 217 64.43 -45.26 -31.83
CA VAL E 217 64.37 -44.92 -30.41
C VAL E 217 64.75 -43.45 -30.26
N ASN E 218 63.88 -42.68 -29.59
CA ASN E 218 64.15 -41.28 -29.31
C ASN E 218 64.07 -41.04 -27.80
N HIS E 219 65.16 -40.47 -27.27
CA HIS E 219 65.25 -39.97 -25.90
C HIS E 219 65.65 -38.49 -26.03
N LYS E 220 64.63 -37.62 -26.01
CA LYS E 220 64.88 -36.18 -26.14
C LYS E 220 65.72 -35.59 -25.01
N PRO E 221 65.57 -35.98 -23.74
CA PRO E 221 66.38 -35.35 -22.68
C PRO E 221 67.89 -35.42 -22.91
N SER E 222 68.36 -36.34 -23.75
CA SER E 222 69.76 -36.34 -24.18
C SER E 222 69.90 -36.06 -25.68
N ASN E 223 68.81 -35.69 -26.34
CA ASN E 223 68.78 -35.44 -27.78
C ASN E 223 69.28 -36.65 -28.58
N THR E 224 69.07 -37.84 -28.05
CA THR E 224 69.58 -39.07 -28.65
C THR E 224 68.49 -39.70 -29.50
N LYS E 225 68.73 -39.78 -30.81
CA LYS E 225 67.82 -40.43 -31.76
C LYS E 225 68.60 -41.54 -32.44
N VAL E 226 68.45 -42.76 -31.95
CA VAL E 226 69.18 -43.92 -32.44
C VAL E 226 68.21 -44.83 -33.17
N ASP E 227 68.52 -45.11 -34.43
CA ASP E 227 67.73 -46.01 -35.27
C ASP E 227 68.61 -47.19 -35.64
N LYS E 228 68.24 -48.39 -35.19
CA LYS E 228 69.09 -49.56 -35.28
C LYS E 228 68.46 -50.62 -36.17
N ARG E 229 69.31 -51.32 -36.92
CA ARG E 229 68.89 -52.40 -37.81
C ARG E 229 69.13 -53.74 -37.13
N VAL E 230 68.11 -54.58 -37.13
CA VAL E 230 68.15 -55.90 -36.49
C VAL E 230 68.26 -56.97 -37.56
N GLU E 231 69.12 -57.96 -37.31
CA GLU E 231 69.38 -59.04 -38.25
C GLU E 231 69.63 -60.35 -37.53
N PRO E 232 69.11 -61.47 -38.06
CA PRO E 232 69.27 -62.80 -37.49
C PRO E 232 70.71 -63.33 -37.59
N THR F 1 41.16 -47.77 -3.48
CA THR F 1 39.86 -48.40 -3.23
C THR F 1 39.36 -49.05 -4.51
N PHE F 2 38.72 -50.20 -4.38
CA PHE F 2 38.38 -51.04 -5.52
C PHE F 2 36.92 -51.48 -5.44
N VAL F 3 36.26 -51.47 -6.60
CA VAL F 3 34.86 -51.88 -6.73
C VAL F 3 34.80 -53.04 -7.72
N SER F 4 34.30 -54.19 -7.26
CA SER F 4 34.22 -55.40 -8.07
C SER F 4 32.76 -55.71 -8.37
N VAL F 5 32.42 -55.72 -9.66
CA VAL F 5 31.04 -55.85 -10.11
C VAL F 5 30.94 -56.99 -11.11
N ALA F 6 29.89 -57.79 -10.99
CA ALA F 6 29.64 -58.84 -11.96
C ALA F 6 29.32 -58.24 -13.33
N PRO F 7 29.62 -58.95 -14.42
CA PRO F 7 29.42 -58.38 -15.75
C PRO F 7 27.95 -58.23 -16.07
N GLY F 8 27.62 -57.11 -16.72
CA GLY F 8 26.24 -56.81 -17.06
C GLY F 8 25.39 -56.32 -15.91
N GLN F 9 25.96 -56.19 -14.71
CA GLN F 9 25.25 -55.65 -13.56
C GLN F 9 25.40 -54.13 -13.54
N THR F 10 25.03 -53.50 -12.43
CA THR F 10 25.21 -52.07 -12.24
C THR F 10 26.23 -51.84 -11.13
N ALA F 11 27.23 -51.00 -11.41
CA ALA F 11 28.23 -50.57 -10.46
C ALA F 11 27.87 -49.21 -9.87
N ARG F 12 28.43 -48.94 -8.70
CA ARG F 12 28.30 -47.66 -8.03
C ARG F 12 29.65 -47.31 -7.40
N ILE F 13 29.95 -46.02 -7.33
CA ILE F 13 31.25 -45.53 -6.92
C ILE F 13 31.06 -44.29 -6.05
N THR F 14 31.81 -44.21 -4.95
CA THR F 14 31.62 -43.18 -3.93
C THR F 14 32.79 -42.22 -3.91
N CYS F 15 32.51 -40.92 -3.95
CA CYS F 15 33.56 -39.92 -4.05
C CYS F 15 33.35 -38.81 -3.03
N GLY F 16 34.39 -38.54 -2.23
CA GLY F 16 34.48 -37.30 -1.48
C GLY F 16 33.77 -37.31 -0.14
N GLU F 17 33.96 -36.20 0.56
CA GLU F 17 33.30 -35.96 1.84
C GLU F 17 31.79 -35.79 1.62
N GLU F 18 31.05 -35.75 2.72
CA GLU F 18 29.60 -35.56 2.65
C GLU F 18 29.28 -34.15 2.14
N SER F 19 28.12 -34.03 1.51
CA SER F 19 27.72 -32.73 0.97
C SER F 19 27.44 -31.74 2.09
N LEU F 20 27.71 -30.48 1.82
CA LEU F 20 27.39 -29.40 2.74
C LEU F 20 26.38 -28.42 2.16
N GLY F 21 26.45 -28.16 0.85
CA GLY F 21 25.43 -27.39 0.16
C GLY F 21 25.03 -28.08 -1.13
N SER F 22 24.18 -27.39 -1.88
CA SER F 22 23.87 -27.83 -3.23
C SER F 22 25.12 -27.74 -4.10
N ARG F 23 25.47 -28.85 -4.74
CA ARG F 23 26.79 -29.02 -5.33
C ARG F 23 26.73 -29.17 -6.84
N SER F 24 27.91 -29.09 -7.47
CA SER F 24 28.10 -29.39 -8.88
C SER F 24 29.38 -30.23 -8.96
N VAL F 25 29.22 -31.53 -9.17
CA VAL F 25 30.31 -32.49 -9.06
C VAL F 25 30.65 -33.01 -10.45
N ILE F 26 31.94 -33.05 -10.77
CA ILE F 26 32.44 -33.56 -12.05
C ILE F 26 32.96 -34.97 -11.84
N TRP F 27 32.84 -35.80 -12.88
CA TRP F 27 33.23 -37.20 -12.86
C TRP F 27 34.18 -37.46 -14.01
N TYR F 28 35.35 -38.04 -13.69
CA TYR F 28 36.41 -38.32 -14.63
C TYR F 28 36.78 -39.81 -14.59
N GLN F 29 37.04 -40.37 -15.78
CA GLN F 29 37.42 -41.76 -15.96
C GLN F 29 38.82 -41.80 -16.57
N GLN F 30 39.83 -41.94 -15.72
CA GLN F 30 41.20 -42.07 -16.17
C GLN F 30 41.51 -43.56 -16.38
N ARG F 31 41.81 -43.92 -17.63
CA ARG F 31 42.18 -45.28 -17.97
C ARG F 31 43.67 -45.50 -17.76
N PRO F 32 44.08 -46.72 -17.42
CA PRO F 32 45.47 -46.96 -16.99
C PRO F 32 46.46 -46.68 -18.10
N GLY F 33 47.31 -45.68 -17.89
CA GLY F 33 48.33 -45.30 -18.85
C GLY F 33 47.93 -44.15 -19.76
N GLN F 34 46.68 -43.70 -19.69
CA GLN F 34 46.16 -42.64 -20.52
C GLN F 34 45.87 -41.39 -19.68
N ALA F 35 45.26 -40.39 -20.31
CA ALA F 35 44.84 -39.12 -19.74
C ALA F 35 43.40 -39.22 -19.24
N PRO F 36 43.05 -38.44 -18.22
CA PRO F 36 41.65 -38.41 -17.78
C PRO F 36 40.71 -37.93 -18.88
N SER F 37 39.62 -38.66 -19.06
CA SER F 37 38.57 -38.29 -20.00
C SER F 37 37.37 -37.76 -19.21
N LEU F 38 36.86 -36.60 -19.62
CA LEU F 38 35.73 -36.01 -18.92
C LEU F 38 34.48 -36.83 -19.17
N ILE F 39 33.80 -37.20 -18.09
CA ILE F 39 32.64 -38.11 -18.14
C ILE F 39 31.34 -37.37 -17.85
N ILE F 40 31.25 -36.72 -16.70
CA ILE F 40 29.98 -36.09 -16.31
C ILE F 40 30.25 -34.76 -15.62
N TYR F 41 29.46 -33.74 -15.95
CA TYR F 41 29.46 -32.49 -15.21
C TYR F 41 28.03 -32.17 -14.79
N ASN F 42 27.89 -31.11 -13.98
CA ASN F 42 26.60 -30.66 -13.47
C ASN F 42 25.89 -31.74 -12.64
N ASN F 43 26.68 -32.72 -12.19
CA ASN F 43 26.30 -33.85 -11.34
C ASN F 43 25.49 -34.90 -12.08
N ASN F 44 24.90 -34.56 -13.23
CA ASN F 44 24.29 -35.59 -14.06
C ASN F 44 24.30 -35.25 -15.55
N ASP F 45 25.00 -34.21 -15.97
CA ASP F 45 24.96 -33.76 -17.36
C ASP F 45 26.22 -34.26 -18.05
N ARG F 46 26.07 -35.30 -18.88
CA ARG F 46 27.15 -35.95 -19.62
C ARG F 46 27.31 -35.29 -20.99
N PRO F 47 28.55 -35.05 -21.42
CA PRO F 47 28.77 -34.42 -22.73
C PRO F 47 28.69 -35.40 -23.89
N SER F 48 29.04 -34.91 -25.08
CA SER F 48 29.09 -35.77 -26.26
C SER F 48 30.05 -36.93 -26.05
N GLY F 49 29.67 -38.10 -26.57
CA GLY F 49 30.52 -39.26 -26.54
C GLY F 49 30.35 -40.17 -25.35
N ILE F 50 29.54 -39.79 -24.38
CA ILE F 50 29.31 -40.57 -23.17
C ILE F 50 27.90 -41.16 -23.23
N PRO F 51 27.73 -42.47 -23.05
CA PRO F 51 26.39 -43.05 -23.10
C PRO F 51 25.57 -42.65 -21.89
N ASP F 52 24.26 -42.87 -22.00
CA ASP F 52 23.36 -42.60 -20.87
C ASP F 52 23.43 -43.69 -19.81
N ARG F 53 24.37 -44.63 -19.92
CA ARG F 53 24.59 -45.61 -18.86
C ARG F 53 25.01 -44.90 -17.57
N PHE F 54 26.09 -44.13 -17.64
CA PHE F 54 26.64 -43.49 -16.46
C PHE F 54 25.66 -42.46 -15.90
N SER F 55 25.58 -42.42 -14.57
CA SER F 55 24.65 -41.54 -13.87
C SER F 55 25.39 -40.89 -12.72
N GLY F 56 24.65 -40.21 -11.85
CA GLY F 56 25.23 -39.59 -10.69
C GLY F 56 24.16 -39.19 -9.70
N SER F 57 24.59 -38.45 -8.69
CA SER F 57 23.61 -37.90 -7.78
C SER F 57 23.38 -36.44 -8.13
N PRO F 58 22.13 -35.99 -8.22
CA PRO F 58 21.89 -34.56 -8.46
C PRO F 58 22.42 -33.75 -7.30
N GLY F 59 23.10 -32.65 -7.62
CA GLY F 59 23.75 -31.84 -6.61
C GLY F 59 22.79 -31.01 -5.80
N SER F 60 21.53 -31.45 -5.73
CA SER F 60 20.51 -30.77 -4.95
C SER F 60 20.38 -31.30 -3.53
N THR F 61 21.06 -32.40 -3.20
CA THR F 61 20.89 -33.07 -1.93
C THR F 61 22.01 -32.67 -0.97
N PHE F 62 21.67 -32.53 0.30
CA PHE F 62 22.61 -32.15 1.35
C PHE F 62 22.74 -33.28 2.35
N GLY F 63 23.96 -33.52 2.81
CA GLY F 63 24.26 -34.57 3.77
C GLY F 63 24.70 -35.87 3.15
N THR F 64 24.20 -36.20 1.96
CA THR F 64 24.60 -37.41 1.26
C THR F 64 25.88 -37.16 0.45
N THR F 65 26.46 -38.23 -0.06
CA THR F 65 27.75 -38.17 -0.74
C THR F 65 27.57 -38.24 -2.25
N ALA F 66 28.67 -37.96 -2.95
CA ALA F 66 28.69 -37.99 -4.41
C ALA F 66 28.78 -39.43 -4.90
N THR F 67 27.80 -39.83 -5.71
CA THR F 67 27.65 -41.21 -6.17
C THR F 67 27.71 -41.25 -7.69
N LEU F 68 28.40 -42.26 -8.22
CA LEU F 68 28.51 -42.50 -9.65
C LEU F 68 27.86 -43.84 -9.95
N THR F 69 26.86 -43.84 -10.83
CA THR F 69 26.08 -45.04 -11.14
C THR F 69 26.39 -45.49 -12.56
N ILE F 70 27.15 -46.58 -12.67
CA ILE F 70 27.49 -47.19 -13.96
C ILE F 70 26.48 -48.29 -14.22
N THR F 71 25.57 -48.08 -15.18
CA THR F 71 24.59 -49.10 -15.50
C THR F 71 25.10 -50.00 -16.62
N SER F 72 24.92 -51.31 -16.45
CA SER F 72 25.34 -52.31 -17.42
C SER F 72 26.85 -52.24 -17.66
N VAL F 73 27.59 -52.56 -16.58
CA VAL F 73 29.05 -52.47 -16.60
C VAL F 73 29.62 -53.32 -17.72
N GLU F 74 30.55 -52.76 -18.49
CA GLU F 74 31.23 -53.45 -19.55
C GLU F 74 32.74 -53.44 -19.30
N ALA F 75 33.45 -54.27 -20.05
CA ALA F 75 34.87 -54.49 -19.80
C ALA F 75 35.68 -53.21 -19.97
N GLY F 76 35.33 -52.38 -20.96
CA GLY F 76 36.07 -51.15 -21.18
C GLY F 76 36.04 -50.19 -20.01
N ASP F 77 34.98 -50.26 -19.19
CA ASP F 77 34.81 -49.33 -18.08
C ASP F 77 35.80 -49.57 -16.95
N GLU F 78 36.60 -50.63 -17.01
CA GLU F 78 37.67 -50.82 -16.03
C GLU F 78 38.63 -49.63 -16.08
N ALA F 79 38.68 -48.86 -15.00
CA ALA F 79 39.49 -47.65 -14.96
C ALA F 79 39.52 -47.11 -13.54
N ASP F 80 40.30 -46.06 -13.35
CA ASP F 80 40.24 -45.24 -12.15
C ASP F 80 39.25 -44.10 -12.37
N TYR F 81 38.56 -43.73 -11.31
CA TYR F 81 37.54 -42.68 -11.40
C TYR F 81 37.82 -41.61 -10.36
N TYR F 82 37.91 -40.37 -10.82
CA TYR F 82 38.04 -39.21 -9.94
C TYR F 82 36.79 -38.34 -10.08
N CYS F 83 36.73 -37.29 -9.26
CA CYS F 83 35.59 -36.39 -9.24
C CYS F 83 36.04 -35.06 -8.66
N HIS F 84 35.52 -33.97 -9.19
CA HIS F 84 35.82 -32.63 -8.65
C HIS F 84 34.58 -32.09 -7.97
N ILE F 85 34.73 -31.68 -6.71
CA ILE F 85 33.61 -31.29 -5.87
C ILE F 85 33.53 -29.78 -5.82
N TRP F 86 32.33 -29.24 -6.08
CA TRP F 86 32.05 -27.81 -5.94
C TRP F 86 30.89 -27.67 -4.95
N ASP F 87 31.22 -27.53 -3.68
CA ASP F 87 30.22 -27.24 -2.66
C ASP F 87 30.05 -25.73 -2.54
N SER F 88 28.78 -25.30 -2.46
CA SER F 88 28.51 -23.89 -2.17
C SER F 88 28.97 -23.48 -0.78
N ARG F 89 29.34 -24.45 0.06
CA ARG F 89 29.72 -24.18 1.45
C ARG F 89 31.22 -24.25 1.69
N ARG F 90 31.97 -24.97 0.86
CA ARG F 90 33.39 -25.14 1.12
C ARG F 90 34.22 -24.53 -0.01
N PRO F 91 35.41 -24.00 0.32
CA PRO F 91 36.22 -23.32 -0.70
C PRO F 91 36.56 -24.21 -1.87
N THR F 92 37.06 -23.56 -2.93
CA THR F 92 37.36 -24.25 -4.17
C THR F 92 38.45 -25.30 -3.95
N ASN F 93 38.12 -26.55 -4.29
CA ASN F 93 39.07 -27.64 -4.11
C ASN F 93 40.00 -27.73 -5.31
N TRP F 94 41.30 -27.70 -5.04
CA TRP F 94 42.31 -27.89 -6.07
C TRP F 94 42.94 -29.28 -6.04
N VAL F 95 42.67 -30.05 -5.00
CA VAL F 95 43.06 -31.45 -4.93
C VAL F 95 41.86 -32.27 -5.37
N PHE F 96 41.97 -32.89 -6.55
CA PHE F 96 40.88 -33.71 -7.07
C PHE F 96 40.48 -34.79 -6.07
N GLY F 97 39.22 -35.20 -6.16
CA GLY F 97 38.75 -36.30 -5.32
C GLY F 97 39.59 -37.54 -5.49
N GLU F 98 39.77 -38.27 -4.39
CA GLU F 98 40.66 -39.43 -4.41
C GLU F 98 40.03 -40.57 -5.20
N GLY F 99 40.90 -41.43 -5.72
CA GLY F 99 40.51 -42.38 -6.74
C GLY F 99 39.61 -43.50 -6.23
N THR F 100 39.05 -44.22 -7.21
CA THR F 100 38.23 -45.39 -6.93
C THR F 100 38.31 -46.29 -8.16
N THR F 101 38.98 -47.44 -8.03
CA THR F 101 39.26 -48.31 -9.16
C THR F 101 38.10 -49.27 -9.40
N LEU F 102 37.54 -49.22 -10.60
CA LEU F 102 36.51 -50.18 -10.99
C LEU F 102 37.16 -51.47 -11.48
N ILE F 103 36.63 -52.60 -11.03
CA ILE F 103 37.14 -53.91 -11.41
C ILE F 103 35.96 -54.78 -11.83
N VAL F 104 35.72 -54.87 -13.14
CA VAL F 104 34.77 -55.88 -13.63
C VAL F 104 35.35 -57.25 -13.34
N LEU F 105 34.50 -58.19 -12.94
CA LEU F 105 34.97 -59.49 -12.48
C LEU F 105 34.75 -60.56 -13.53
N SER F 106 35.61 -61.58 -13.50
CA SER F 106 35.55 -62.74 -14.39
C SER F 106 35.74 -62.35 -15.86
N GLN F 107 36.91 -61.80 -16.15
CA GLN F 107 37.31 -61.60 -17.54
C GLN F 107 37.38 -62.89 -18.36
N PRO F 108 37.68 -64.09 -17.81
CA PRO F 108 38.19 -64.49 -16.49
C PRO F 108 39.68 -64.89 -16.41
N LYS F 109 40.27 -65.34 -17.51
CA LYS F 109 41.55 -66.02 -17.47
C LYS F 109 42.31 -65.78 -18.76
N ALA F 110 43.61 -65.48 -18.62
CA ALA F 110 44.47 -65.28 -19.77
C ALA F 110 45.81 -65.97 -19.50
N ALA F 111 46.25 -66.78 -20.45
CA ALA F 111 47.54 -67.46 -20.32
C ALA F 111 48.64 -66.55 -20.84
N PRO F 112 49.71 -66.36 -20.07
CA PRO F 112 50.76 -65.41 -20.49
C PRO F 112 51.52 -65.92 -21.70
N SER F 113 52.08 -64.97 -22.44
CA SER F 113 52.97 -65.25 -23.57
C SER F 113 54.38 -64.86 -23.13
N VAL F 114 55.24 -65.86 -22.95
CA VAL F 114 56.59 -65.68 -22.47
C VAL F 114 57.54 -65.74 -23.65
N THR F 115 58.34 -64.69 -23.82
CA THR F 115 59.22 -64.52 -24.97
C THR F 115 60.63 -64.27 -24.43
N LEU F 116 61.45 -65.33 -24.40
CA LEU F 116 62.80 -65.23 -23.87
C LEU F 116 63.76 -64.82 -24.99
N PHE F 117 64.58 -63.81 -24.70
CA PHE F 117 65.53 -63.27 -25.64
C PHE F 117 66.93 -63.36 -25.06
N PRO F 118 67.88 -63.97 -25.78
CA PRO F 118 69.27 -63.97 -25.35
C PRO F 118 69.85 -62.57 -25.43
N PRO F 119 71.09 -62.37 -24.97
CA PRO F 119 71.74 -61.08 -25.21
C PRO F 119 72.04 -60.89 -26.68
N SER F 120 72.07 -59.63 -27.10
CA SER F 120 72.37 -59.30 -28.48
C SER F 120 73.87 -59.33 -28.72
N SER F 121 74.23 -59.56 -30.00
CA SER F 121 75.63 -59.75 -30.35
C SER F 121 76.44 -58.47 -30.15
N GLU F 122 75.90 -57.34 -30.62
CA GLU F 122 76.55 -56.05 -30.39
C GLU F 122 76.76 -55.81 -28.90
N GLU F 123 75.82 -56.27 -28.08
CA GLU F 123 76.00 -56.20 -26.63
C GLU F 123 77.09 -57.15 -26.17
N LEU F 124 77.20 -58.32 -26.82
CA LEU F 124 78.21 -59.29 -26.44
C LEU F 124 79.62 -58.76 -26.66
N GLN F 125 79.85 -58.08 -27.79
CA GLN F 125 81.17 -57.47 -27.99
C GLN F 125 81.37 -56.27 -27.07
N ALA F 126 80.29 -55.68 -26.56
CA ALA F 126 80.36 -54.54 -25.66
C ALA F 126 80.56 -54.93 -24.20
N ASN F 127 80.76 -56.22 -23.91
CA ASN F 127 81.18 -56.70 -22.60
C ASN F 127 80.06 -56.63 -21.54
N LYS F 128 78.80 -56.77 -21.96
CA LYS F 128 77.69 -56.79 -21.03
C LYS F 128 76.68 -57.85 -21.47
N ALA F 129 76.17 -58.64 -20.53
CA ALA F 129 75.15 -59.62 -20.85
C ALA F 129 73.83 -59.27 -20.19
N THR F 130 72.73 -59.56 -20.88
CA THR F 130 71.39 -59.20 -20.43
C THR F 130 70.39 -60.13 -21.09
N LEU F 131 69.53 -60.75 -20.27
CA LEU F 131 68.50 -61.66 -20.73
C LEU F 131 67.14 -60.98 -20.63
N VAL F 132 66.33 -61.13 -21.68
CA VAL F 132 65.07 -60.39 -21.79
C VAL F 132 63.92 -61.39 -21.94
N CYS F 133 63.37 -61.82 -20.81
CA CYS F 133 62.09 -62.51 -20.80
C CYS F 133 60.97 -61.48 -20.89
N LEU F 134 59.96 -61.76 -21.71
CA LEU F 134 58.89 -60.78 -21.96
C LEU F 134 57.54 -61.47 -21.87
N ILE F 135 56.76 -61.10 -20.85
CA ILE F 135 55.51 -61.77 -20.52
C ILE F 135 54.36 -60.83 -20.87
N SER F 136 53.48 -61.28 -21.77
CA SER F 136 52.38 -60.49 -22.27
C SER F 136 51.05 -61.20 -22.04
N ASP F 137 49.97 -60.45 -22.19
CA ASP F 137 48.60 -60.97 -22.34
C ASP F 137 48.27 -62.04 -21.29
N PHE F 138 48.27 -61.63 -20.03
CA PHE F 138 47.95 -62.53 -18.93
C PHE F 138 46.98 -61.86 -17.97
N TYR F 139 46.21 -62.69 -17.25
CA TYR F 139 45.25 -62.17 -16.29
C TYR F 139 45.02 -63.17 -15.17
N PRO F 140 45.08 -62.73 -13.90
CA PRO F 140 45.50 -61.36 -13.58
C PRO F 140 47.00 -61.24 -13.39
N GLY F 141 47.47 -60.02 -13.10
CA GLY F 141 48.89 -59.76 -12.97
C GLY F 141 49.48 -60.17 -11.64
N ALA F 142 49.64 -61.49 -11.45
CA ALA F 142 50.21 -62.05 -10.23
C ALA F 142 51.44 -62.90 -10.52
N VAL F 143 52.22 -62.51 -11.54
CA VAL F 143 53.31 -63.34 -12.05
C VAL F 143 54.55 -63.16 -11.18
N THR F 144 55.21 -64.28 -10.87
CA THR F 144 56.47 -64.30 -10.15
C THR F 144 57.47 -65.13 -10.95
N VAL F 145 58.64 -64.55 -11.22
CA VAL F 145 59.59 -65.10 -12.18
C VAL F 145 60.85 -65.53 -11.45
N ALA F 146 61.33 -66.73 -11.77
CA ALA F 146 62.63 -67.22 -11.32
C ALA F 146 63.50 -67.53 -12.54
N TRP F 147 64.80 -67.68 -12.30
CA TRP F 147 65.77 -67.89 -13.37
C TRP F 147 66.69 -69.05 -13.00
N LYS F 148 67.07 -69.85 -14.01
CA LYS F 148 67.78 -71.11 -13.79
C LYS F 148 69.05 -71.16 -14.62
N ALA F 149 70.15 -71.57 -13.96
CA ALA F 149 71.47 -71.75 -14.58
C ALA F 149 71.68 -73.23 -14.89
N ASP F 150 70.99 -73.68 -15.93
CA ASP F 150 70.92 -75.01 -16.53
C ASP F 150 70.20 -76.02 -15.67
N SER F 151 70.30 -75.90 -14.35
CA SER F 151 69.57 -76.78 -13.45
C SER F 151 69.44 -76.14 -12.07
N SER F 152 70.00 -74.94 -11.92
CA SER F 152 70.20 -74.35 -10.61
C SER F 152 69.61 -72.95 -10.60
N PRO F 153 68.99 -72.54 -9.49
CA PRO F 153 68.41 -71.20 -9.42
C PRO F 153 69.50 -70.14 -9.39
N VAL F 154 69.14 -68.95 -9.87
CA VAL F 154 70.04 -67.80 -9.89
C VAL F 154 69.51 -66.77 -8.89
N LYS F 155 70.39 -66.26 -8.05
CA LYS F 155 69.99 -65.41 -6.93
C LYS F 155 70.05 -63.93 -7.28
N ALA F 156 71.20 -63.45 -7.74
CA ALA F 156 71.44 -62.02 -7.95
C ALA F 156 71.21 -61.63 -9.40
N GLY F 157 71.31 -60.32 -9.66
CA GLY F 157 71.09 -59.76 -10.98
C GLY F 157 69.67 -59.78 -11.48
N VAL F 158 68.75 -60.47 -10.80
CA VAL F 158 67.39 -60.64 -11.32
C VAL F 158 66.65 -59.30 -11.28
N GLU F 159 66.11 -58.90 -12.41
CA GLU F 159 65.34 -57.68 -12.57
C GLU F 159 64.00 -58.03 -13.18
N THR F 160 62.93 -57.43 -12.68
CA THR F 160 61.59 -57.75 -13.16
C THR F 160 60.67 -56.57 -12.95
N THR F 161 59.96 -56.16 -13.99
CA THR F 161 59.02 -55.05 -13.89
C THR F 161 57.74 -55.51 -13.20
N THR F 162 56.76 -54.62 -13.14
CA THR F 162 55.52 -54.99 -12.49
C THR F 162 54.45 -55.32 -13.52
N PRO F 163 53.55 -56.26 -13.21
CA PRO F 163 52.40 -56.50 -14.09
C PRO F 163 51.62 -55.22 -14.34
N SER F 164 51.64 -54.75 -15.59
CA SER F 164 51.09 -53.45 -15.96
C SER F 164 49.99 -53.63 -16.99
N LYS F 165 48.77 -53.28 -16.62
CA LYS F 165 47.66 -53.30 -17.55
C LYS F 165 47.83 -52.21 -18.60
N GLN F 166 47.29 -52.44 -19.78
CA GLN F 166 47.53 -51.52 -20.90
C GLN F 166 46.30 -51.50 -21.83
N SER F 167 45.40 -50.55 -21.57
CA SER F 167 44.25 -50.23 -22.43
C SER F 167 43.57 -51.49 -22.96
N ASN F 168 43.52 -52.53 -22.14
CA ASN F 168 43.07 -53.86 -22.53
C ASN F 168 43.09 -54.70 -21.26
N ASN F 169 42.35 -55.81 -21.28
CA ASN F 169 42.47 -56.77 -20.18
C ASN F 169 43.88 -57.29 -20.05
N LYS F 170 44.68 -57.20 -21.12
CA LYS F 170 46.02 -57.75 -21.12
C LYS F 170 46.94 -56.97 -20.18
N TYR F 171 47.82 -57.69 -19.50
CA TYR F 171 48.83 -57.12 -18.63
C TYR F 171 50.18 -57.12 -19.35
N ALA F 172 51.24 -56.76 -18.64
CA ALA F 172 52.57 -56.75 -19.22
C ALA F 172 53.61 -56.80 -18.11
N ALA F 173 54.64 -57.61 -18.31
CA ALA F 173 55.77 -57.62 -17.39
C ALA F 173 57.02 -58.02 -18.15
N SER F 174 58.12 -57.33 -17.90
CA SER F 174 59.40 -57.70 -18.47
C SER F 174 60.19 -58.50 -17.45
N SER F 175 61.37 -58.95 -17.85
CA SER F 175 62.28 -59.64 -16.94
C SER F 175 63.68 -59.55 -17.53
N TYR F 176 64.55 -58.77 -16.91
CA TYR F 176 65.93 -58.67 -17.33
C TYR F 176 66.82 -59.44 -16.36
N LEU F 177 67.93 -59.97 -16.87
CA LEU F 177 68.95 -60.55 -15.99
C LEU F 177 70.33 -60.15 -16.50
N SER F 178 71.07 -59.41 -15.67
CA SER F 178 72.43 -59.03 -16.02
C SER F 178 73.37 -60.21 -15.80
N LEU F 179 74.15 -60.54 -16.82
CA LEU F 179 75.11 -61.63 -16.75
C LEU F 179 76.47 -61.16 -17.25
N THR F 180 77.51 -61.82 -16.73
CA THR F 180 78.89 -61.60 -17.17
C THR F 180 79.12 -62.34 -18.49
N PRO F 181 79.93 -61.77 -19.39
CA PRO F 181 80.17 -62.42 -20.69
C PRO F 181 80.70 -63.83 -20.58
N GLU F 182 81.52 -64.11 -19.55
CA GLU F 182 82.15 -65.41 -19.43
C GLU F 182 81.16 -66.52 -19.08
N GLN F 183 80.01 -66.19 -18.46
CA GLN F 183 79.10 -67.21 -17.97
C GLN F 183 77.96 -67.54 -18.93
N TRP F 184 77.63 -66.64 -19.87
CA TRP F 184 76.68 -67.01 -20.91
C TRP F 184 77.22 -68.12 -21.78
N LYS F 185 78.54 -68.17 -21.96
CA LYS F 185 79.19 -69.26 -22.67
C LYS F 185 79.54 -70.44 -21.77
N SER F 186 79.74 -70.21 -20.47
CA SER F 186 80.19 -71.27 -19.58
C SER F 186 79.09 -72.30 -19.36
N HIS F 187 77.87 -71.86 -19.10
CA HIS F 187 76.79 -72.77 -18.77
C HIS F 187 76.14 -73.34 -20.03
N LYS F 188 75.29 -74.35 -19.84
CA LYS F 188 74.70 -75.06 -20.97
C LYS F 188 73.56 -74.25 -21.60
N SER F 189 72.52 -73.95 -20.82
CA SER F 189 71.35 -73.25 -21.34
C SER F 189 70.59 -72.61 -20.19
N TYR F 190 70.13 -71.37 -20.40
CA TYR F 190 69.50 -70.61 -19.34
C TYR F 190 67.98 -70.67 -19.44
N SER F 191 67.33 -70.58 -18.28
CA SER F 191 65.89 -70.79 -18.17
C SER F 191 65.22 -69.60 -17.51
N CYS F 192 64.11 -69.14 -18.10
CA CYS F 192 63.19 -68.19 -17.50
C CYS F 192 61.92 -68.94 -17.12
N GLN F 193 61.63 -68.98 -15.81
CA GLN F 193 60.47 -69.72 -15.29
C GLN F 193 59.47 -68.70 -14.74
N VAL F 194 58.44 -68.42 -15.53
CA VAL F 194 57.40 -67.47 -15.16
C VAL F 194 56.24 -68.24 -14.55
N THR F 195 55.86 -67.87 -13.34
CA THR F 195 54.75 -68.49 -12.62
C THR F 195 53.56 -67.53 -12.61
N HIS F 196 52.40 -68.03 -13.02
CA HIS F 196 51.20 -67.21 -13.14
C HIS F 196 50.01 -67.98 -12.59
N GLU F 197 49.52 -67.56 -11.42
CA GLU F 197 48.21 -67.97 -10.91
C GLU F 197 48.19 -69.44 -10.53
N GLY F 198 49.29 -70.16 -10.76
CA GLY F 198 49.31 -71.59 -10.48
C GLY F 198 49.87 -72.40 -11.63
N SER F 199 50.18 -71.76 -12.75
CA SER F 199 50.77 -72.42 -13.91
C SER F 199 52.16 -71.85 -14.13
N THR F 200 53.16 -72.73 -14.14
CA THR F 200 54.54 -72.35 -14.40
C THR F 200 54.88 -72.69 -15.85
N VAL F 201 55.36 -71.70 -16.60
CA VAL F 201 55.83 -71.91 -17.96
C VAL F 201 57.26 -71.40 -18.05
N GLU F 202 58.12 -72.18 -18.71
CA GLU F 202 59.56 -71.96 -18.70
C GLU F 202 60.09 -71.98 -20.13
N LYS F 203 60.93 -71.02 -20.47
CA LYS F 203 61.57 -70.97 -21.78
C LYS F 203 63.08 -70.89 -21.58
N THR F 204 63.81 -71.70 -22.35
CA THR F 204 65.25 -71.81 -22.21
C THR F 204 65.94 -71.40 -23.50
N VAL F 205 67.24 -71.12 -23.42
CA VAL F 205 68.01 -70.71 -24.59
C VAL F 205 69.44 -71.23 -24.45
N ALA F 206 70.04 -71.55 -25.60
CA ALA F 206 71.36 -72.16 -25.69
C ALA F 206 72.28 -71.34 -26.59
N PRO F 207 73.55 -71.24 -26.25
CA PRO F 207 74.49 -70.44 -27.06
C PRO F 207 74.91 -71.16 -28.33
N THR F 208 75.28 -70.38 -29.33
CA THR F 208 75.72 -70.90 -30.62
C THR F 208 77.15 -71.41 -30.55
#